data_9PHB
#
_entry.id   9PHB
#
_cell.length_a   1.00
_cell.length_b   1.00
_cell.length_c   1.00
_cell.angle_alpha   90.00
_cell.angle_beta   90.00
_cell.angle_gamma   90.00
#
_symmetry.space_group_name_H-M   'P 1'
#
_entity_poly.entity_id   1
_entity_poly.type   'polypeptide(L)'
_entity_poly.pdbx_seq_one_letter_code
;MHHHHHHSSGVDLGTENLYFQSNAMDTLKKLKFEANGIIGVLLDYSREPVLTNIIDQFRTSLESNDIELIRYSLEQLKTW
YARNRNEIYKNEFVFNEFEHHETENKIKKFLDELPVVDETEKSSITHFSSDQNRELEKKIFISHSSKDKIVCNAFVELLE
DIGVSSEDIIYTSSPYHGIPGDEDIFEYLKKHLFKGAYVFYMLSDNYYDSVYCLNEMGATWVNSNNCSTFILPGFKGEIK
GVIDKNKKAFSLEEPIDLFNLKEKILRMYDLTLEDKKWERIKAKFNTKLK
;
_entity_poly.pdbx_strand_id   G,I,B,E,D,A,F,H,J,C
#
# COMPACT_ATOMS: atom_id res chain seq x y z
N GLU A 135 53.12 -12.82 48.14
CA GLU A 135 52.38 -11.81 48.93
C GLU A 135 51.45 -10.98 48.03
N LEU A 136 52.04 -10.38 46.98
CA LEU A 136 51.30 -9.54 46.05
C LEU A 136 50.84 -10.32 44.81
N GLU A 137 50.62 -11.63 44.94
CA GLU A 137 50.17 -12.41 43.81
C GLU A 137 48.83 -11.93 43.28
N LYS A 138 47.97 -11.41 44.16
CA LYS A 138 46.65 -10.95 43.73
C LYS A 138 46.70 -9.66 42.93
N LYS A 139 47.85 -8.98 42.90
CA LYS A 139 47.97 -7.76 42.13
C LYS A 139 48.20 -8.08 40.65
N ILE A 140 48.00 -7.08 39.81
CA ILE A 140 48.24 -7.17 38.37
C ILE A 140 49.20 -6.08 37.98
N PHE A 141 50.24 -6.45 37.22
CA PHE A 141 51.27 -5.53 36.77
C PHE A 141 51.20 -5.46 35.25
N ILE A 142 50.69 -4.34 34.72
CA ILE A 142 50.46 -4.22 33.29
C ILE A 142 51.68 -3.61 32.62
N SER A 143 52.61 -4.46 32.18
CA SER A 143 53.74 -3.99 31.40
C SER A 143 53.25 -3.51 30.04
N HIS A 144 53.79 -2.38 29.58
CA HIS A 144 53.32 -1.76 28.36
C HIS A 144 54.31 -0.68 27.95
N SER A 145 54.00 0.00 26.84
CA SER A 145 54.74 1.15 26.37
C SER A 145 53.81 2.36 26.38
N SER A 146 54.35 3.51 26.78
CA SER A 146 53.52 4.71 26.86
C SER A 146 52.91 5.08 25.51
N LYS A 147 53.61 4.75 24.41
CA LYS A 147 53.07 5.05 23.09
C LYS A 147 51.77 4.30 22.82
N ASP A 148 51.49 3.26 23.58
CA ASP A 148 50.22 2.53 23.50
C ASP A 148 49.26 2.99 24.60
N LYS A 149 49.30 4.28 24.93
CA LYS A 149 48.52 4.79 26.04
C LYS A 149 47.02 4.55 25.84
N ILE A 150 46.52 4.83 24.63
CA ILE A 150 45.07 4.81 24.40
C ILE A 150 44.54 3.39 24.62
N VAL A 151 44.97 2.45 23.78
CA VAL A 151 44.38 1.12 23.81
C VAL A 151 44.51 0.52 25.20
N CYS A 152 45.73 0.54 25.76
CA CYS A 152 45.93 -0.01 27.09
C CYS A 152 44.94 0.59 28.08
N ASN A 153 44.75 1.92 28.01
CA ASN A 153 43.78 2.56 28.88
C ASN A 153 42.46 1.80 28.86
N ALA A 154 41.87 1.68 27.67
CA ALA A 154 40.59 0.99 27.55
C ALA A 154 40.67 -0.38 28.22
N PHE A 155 41.73 -1.13 27.92
CA PHE A 155 41.87 -2.47 28.47
C PHE A 155 41.70 -2.43 29.99
N VAL A 156 42.43 -1.54 30.66
CA VAL A 156 42.34 -1.48 32.12
C VAL A 156 40.90 -1.21 32.53
N GLU A 157 40.25 -0.25 31.88
CA GLU A 157 38.87 0.07 32.24
C GLU A 157 38.00 -1.17 32.12
N LEU A 158 38.20 -1.97 31.08
CA LEU A 158 37.41 -3.19 30.92
C LEU A 158 37.52 -4.05 32.18
N LEU A 159 38.73 -4.25 32.67
CA LEU A 159 38.91 -5.03 33.89
C LEU A 159 38.09 -4.43 35.02
N GLU A 160 38.16 -3.11 35.18
CA GLU A 160 37.43 -2.46 36.26
C GLU A 160 35.94 -2.73 36.15
N ASP A 161 35.43 -2.87 34.92
CA ASP A 161 34.00 -3.14 34.75
C ASP A 161 33.65 -4.57 35.12
N ILE A 162 34.56 -5.52 34.88
CA ILE A 162 34.25 -6.92 35.15
C ILE A 162 34.12 -7.16 36.65
N GLY A 163 34.85 -6.38 37.47
CA GLY A 163 34.81 -6.56 38.91
C GLY A 163 36.18 -6.57 39.54
N VAL A 164 37.21 -6.20 38.80
CA VAL A 164 38.56 -6.11 39.33
C VAL A 164 38.68 -4.86 40.17
N SER A 165 39.11 -5.01 41.42
CA SER A 165 39.30 -3.87 42.30
C SER A 165 40.31 -2.92 41.68
N SER A 166 39.99 -1.62 41.69
CA SER A 166 40.84 -0.64 41.04
C SER A 166 42.20 -0.50 41.72
N GLU A 167 42.34 -1.00 42.94
CA GLU A 167 43.60 -0.92 43.67
C GLU A 167 44.52 -2.11 43.40
N ASP A 168 44.08 -3.08 42.60
CA ASP A 168 44.88 -4.26 42.29
C ASP A 168 45.51 -4.18 40.91
N ILE A 169 45.39 -3.06 40.22
CA ILE A 169 45.96 -2.87 38.89
C ILE A 169 47.07 -1.84 39.00
N ILE A 170 48.31 -2.28 38.86
CA ILE A 170 49.46 -1.39 38.92
C ILE A 170 49.78 -0.90 37.51
N TYR A 171 49.06 0.14 37.08
CA TYR A 171 49.23 0.70 35.74
C TYR A 171 49.89 2.06 35.89
N THR A 172 51.10 2.21 35.34
CA THR A 172 51.92 3.38 35.58
C THR A 172 51.83 4.41 34.47
N SER A 173 50.65 4.55 33.86
CA SER A 173 50.41 5.64 32.91
C SER A 173 49.04 6.28 33.16
N SER A 174 48.41 6.01 34.30
CA SER A 174 47.14 6.60 34.66
C SER A 174 47.32 7.22 36.04
N PRO A 175 46.85 8.45 36.26
CA PRO A 175 47.06 9.08 37.58
C PRO A 175 46.45 8.31 38.73
N TYR A 176 45.45 7.48 38.49
CA TYR A 176 44.75 6.79 39.56
C TYR A 176 45.34 5.43 39.90
N HIS A 177 46.31 4.95 39.12
CA HIS A 177 47.03 3.72 39.43
C HIS A 177 48.54 3.89 39.44
N GLY A 178 49.06 5.03 39.01
CA GLY A 178 50.48 5.22 38.85
C GLY A 178 51.23 5.21 40.17
N ILE A 179 52.48 5.68 40.11
CA ILE A 179 53.36 5.70 41.27
C ILE A 179 52.93 6.85 42.20
N PRO A 180 53.00 6.69 43.52
CA PRO A 180 52.72 7.81 44.41
C PRO A 180 53.71 8.94 44.25
N GLY A 181 53.49 10.04 44.96
CA GLY A 181 54.45 11.14 44.95
C GLY A 181 55.50 10.99 46.03
N ASP A 182 56.64 11.64 45.79
CA ASP A 182 57.79 11.54 46.70
C ASP A 182 58.21 10.08 46.89
N GLU A 183 58.13 9.31 45.82
CA GLU A 183 58.52 7.90 45.82
C GLU A 183 59.50 7.64 44.69
N ASP A 184 60.41 6.70 44.91
CA ASP A 184 61.36 6.33 43.89
C ASP A 184 60.64 5.59 42.76
N ILE A 185 60.83 6.07 41.53
CA ILE A 185 60.10 5.50 40.40
C ILE A 185 60.43 4.03 40.23
N PHE A 186 61.71 3.68 40.27
CA PHE A 186 62.14 2.32 39.95
C PHE A 186 62.09 1.38 41.13
N GLU A 187 62.30 1.87 42.36
CA GLU A 187 62.21 1.00 43.52
C GLU A 187 60.78 0.47 43.71
N TYR A 188 59.78 1.29 43.39
CA TYR A 188 58.40 0.84 43.49
C TYR A 188 58.16 -0.36 42.58
N LEU A 189 58.52 -0.22 41.30
CA LEU A 189 58.35 -1.32 40.36
C LEU A 189 59.17 -2.54 40.76
N LYS A 190 60.40 -2.31 41.22
CA LYS A 190 61.26 -3.42 41.62
C LYS A 190 60.64 -4.21 42.77
N LYS A 191 60.13 -3.50 43.77
CA LYS A 191 59.49 -4.17 44.89
C LYS A 191 58.26 -4.94 44.44
N HIS A 192 57.43 -4.31 43.59
CA HIS A 192 56.20 -4.96 43.16
C HIS A 192 56.50 -6.23 42.36
N LEU A 193 57.47 -6.16 41.45
CA LEU A 193 57.85 -7.35 40.69
C LEU A 193 58.46 -8.41 41.60
N PHE A 194 59.27 -7.99 42.59
CA PHE A 194 59.88 -8.94 43.49
C PHE A 194 58.83 -9.70 44.29
N LYS A 195 57.78 -9.01 44.74
CA LYS A 195 56.77 -9.66 45.58
C LYS A 195 55.93 -10.67 44.80
N GLY A 196 55.94 -10.60 43.47
CA GLY A 196 55.28 -11.62 42.67
C GLY A 196 53.99 -11.17 42.00
N ALA A 197 53.96 -9.96 41.49
CA ALA A 197 52.77 -9.45 40.82
C ALA A 197 52.53 -10.19 39.51
N TYR A 198 51.26 -10.51 39.24
CA TYR A 198 50.87 -11.07 37.96
C TYR A 198 51.16 -10.07 36.85
N VAL A 199 51.74 -10.53 35.75
CA VAL A 199 52.22 -9.64 34.70
C VAL A 199 51.46 -9.92 33.41
N PHE A 200 51.12 -8.83 32.70
CA PHE A 200 50.46 -8.90 31.40
C PHE A 200 51.34 -8.16 30.40
N TYR A 201 51.91 -8.88 29.44
CA TYR A 201 52.76 -8.28 28.41
C TYR A 201 51.88 -7.74 27.29
N MET A 202 51.74 -6.43 27.20
CA MET A 202 51.04 -5.79 26.08
C MET A 202 51.99 -5.69 24.90
N LEU A 203 52.15 -6.82 24.20
CA LEU A 203 53.14 -6.91 23.14
C LEU A 203 52.73 -6.05 21.95
N SER A 204 53.70 -5.36 21.36
CA SER A 204 53.46 -4.51 20.19
C SER A 204 54.82 -4.13 19.61
N ASP A 205 54.80 -3.34 18.53
CA ASP A 205 56.03 -2.89 17.90
C ASP A 205 56.80 -1.91 18.78
N ASN A 206 56.16 -1.32 19.79
CA ASN A 206 56.82 -0.40 20.71
C ASN A 206 57.33 -1.11 21.97
N TYR A 207 56.69 -2.21 22.36
CA TYR A 207 57.22 -3.00 23.48
C TYR A 207 58.61 -3.55 23.19
N TYR A 208 58.97 -3.70 21.91
CA TYR A 208 60.28 -4.17 21.51
C TYR A 208 61.17 -3.02 21.03
N ASP A 209 60.75 -1.77 21.27
CA ASP A 209 61.55 -0.60 20.95
C ASP A 209 61.67 0.29 22.18
N SER A 210 61.67 -0.31 23.36
CA SER A 210 61.76 0.44 24.62
C SER A 210 62.58 -0.39 25.60
N VAL A 211 63.66 0.19 26.11
CA VAL A 211 64.57 -0.56 26.97
C VAL A 211 63.85 -1.04 28.23
N TYR A 212 63.15 -0.12 28.90
CA TYR A 212 62.57 -0.44 30.21
C TYR A 212 61.63 -1.62 30.11
N CYS A 213 60.87 -1.72 29.02
CA CYS A 213 59.98 -2.86 28.84
C CYS A 213 60.76 -4.17 28.81
N LEU A 214 61.90 -4.18 28.11
CA LEU A 214 62.72 -5.39 28.05
C LEU A 214 63.33 -5.72 29.40
N ASN A 215 63.75 -4.71 30.17
CA ASN A 215 64.21 -5.02 31.53
C ASN A 215 63.10 -5.58 32.40
N GLU A 216 61.88 -5.08 32.24
CA GLU A 216 60.75 -5.67 32.98
C GLU A 216 60.53 -7.12 32.57
N MET A 217 60.62 -7.40 31.27
CA MET A 217 60.49 -8.78 30.80
C MET A 217 61.57 -9.66 31.41
N GLY A 218 62.81 -9.18 31.46
CA GLY A 218 63.88 -9.94 32.07
C GLY A 218 63.66 -10.18 33.55
N ALA A 219 63.18 -9.16 34.27
CA ALA A 219 62.91 -9.34 35.69
C ALA A 219 61.83 -10.39 35.91
N THR A 220 60.76 -10.34 35.11
CA THR A 220 59.72 -11.37 35.22
C THR A 220 60.25 -12.75 34.90
N TRP A 221 61.11 -12.86 33.87
CA TRP A 221 61.68 -14.16 33.52
C TRP A 221 62.52 -14.72 34.66
N VAL A 222 63.41 -13.90 35.22
CA VAL A 222 64.30 -14.39 36.27
C VAL A 222 63.50 -14.75 37.52
N ASN A 223 62.55 -13.90 37.90
CA ASN A 223 61.77 -14.19 39.11
C ASN A 223 60.78 -15.32 38.90
N SER A 224 60.35 -15.58 37.67
CA SER A 224 59.40 -16.64 37.37
C SER A 224 58.02 -16.33 37.93
N ASN A 225 57.60 -15.07 37.81
CA ASN A 225 56.25 -14.68 38.21
C ASN A 225 55.25 -15.14 37.16
N ASN A 226 54.01 -15.36 37.60
CA ASN A 226 52.96 -15.72 36.67
C ASN A 226 52.79 -14.60 35.65
N CYS A 227 52.56 -14.99 34.39
CA CYS A 227 52.55 -14.02 33.31
C CYS A 227 51.57 -14.45 32.24
N SER A 228 51.18 -13.48 31.41
CA SER A 228 50.28 -13.74 30.28
C SER A 228 50.57 -12.73 29.18
N THR A 229 50.60 -13.20 27.94
CA THR A 229 50.82 -12.32 26.80
C THR A 229 49.50 -11.76 26.29
N PHE A 230 49.57 -10.61 25.62
CA PHE A 230 48.39 -9.96 25.05
C PHE A 230 48.84 -9.23 23.80
N ILE A 231 48.35 -9.68 22.64
CA ILE A 231 48.72 -9.08 21.37
C ILE A 231 47.82 -7.89 21.10
N LEU A 232 48.38 -6.69 21.16
CA LEU A 232 47.60 -5.50 20.87
C LEU A 232 47.24 -5.44 19.40
N PRO A 233 46.11 -4.83 19.05
CA PRO A 233 45.73 -4.75 17.62
C PRO A 233 46.81 -4.09 16.78
N GLY A 234 47.31 -4.82 15.77
CA GLY A 234 48.30 -4.31 14.84
C GLY A 234 49.60 -5.09 14.84
N PHE A 235 49.91 -5.76 15.94
CA PHE A 235 51.17 -6.48 16.05
C PHE A 235 51.12 -7.76 15.22
N LYS A 236 52.04 -7.90 14.28
CA LYS A 236 52.15 -9.09 13.44
C LYS A 236 53.56 -9.66 13.42
N GLY A 237 54.45 -9.16 14.27
CA GLY A 237 55.81 -9.62 14.31
C GLY A 237 55.98 -10.88 15.14
N GLU A 238 57.23 -11.20 15.44
CA GLU A 238 57.59 -12.39 16.19
C GLU A 238 57.78 -12.05 17.66
N ILE A 239 57.46 -13.01 18.52
CA ILE A 239 57.61 -12.83 19.96
C ILE A 239 59.06 -13.14 20.34
N LYS A 240 59.92 -12.13 20.30
CA LYS A 240 61.33 -12.30 20.59
C LYS A 240 61.57 -12.24 22.09
N GLY A 241 62.83 -12.16 22.49
CA GLY A 241 63.19 -12.04 23.89
C GLY A 241 63.24 -13.38 24.60
N VAL A 242 63.17 -13.31 25.92
CA VAL A 242 63.26 -14.49 26.78
C VAL A 242 61.88 -14.97 27.24
N ILE A 243 60.81 -14.38 26.71
CA ILE A 243 59.46 -14.79 27.07
C ILE A 243 59.15 -16.11 26.38
N ASP A 244 58.35 -16.95 27.05
CA ASP A 244 58.00 -18.25 26.50
C ASP A 244 57.26 -18.08 25.18
N LYS A 245 57.90 -18.48 24.08
CA LYS A 245 57.32 -18.29 22.75
C LYS A 245 56.29 -19.35 22.40
N ASN A 246 56.24 -20.46 23.14
CA ASN A 246 55.27 -21.51 22.85
C ASN A 246 53.93 -21.26 23.50
N LYS A 247 53.90 -20.46 24.58
CA LYS A 247 52.65 -20.17 25.25
C LYS A 247 51.71 -19.42 24.32
N LYS A 248 50.44 -19.81 24.33
CA LYS A 248 49.46 -19.20 23.44
C LYS A 248 49.10 -17.79 23.94
N ALA A 249 48.93 -16.88 23.00
CA ALA A 249 48.66 -15.49 23.31
C ALA A 249 47.16 -15.23 23.46
N PHE A 250 46.82 -13.99 23.79
CA PHE A 250 45.43 -13.56 23.99
C PHE A 250 45.17 -12.39 23.05
N SER A 251 44.38 -12.62 22.01
CA SER A 251 44.02 -11.55 21.09
C SER A 251 42.88 -10.71 21.65
N LEU A 252 42.71 -9.52 21.08
CA LEU A 252 41.68 -8.59 21.52
C LEU A 252 40.99 -7.95 20.31
N GLU A 253 40.62 -8.78 19.33
CA GLU A 253 40.05 -8.26 18.08
C GLU A 253 38.58 -8.64 17.93
N GLU A 254 38.27 -9.93 18.00
CA GLU A 254 36.94 -10.43 17.72
C GLU A 254 36.18 -10.75 18.99
N PRO A 255 34.85 -10.82 18.92
CA PRO A 255 34.06 -11.04 20.14
C PRO A 255 34.44 -12.28 20.92
N ILE A 256 34.83 -13.35 20.24
CA ILE A 256 35.22 -14.57 20.95
C ILE A 256 36.47 -14.32 21.80
N ASP A 257 37.39 -13.49 21.31
CA ASP A 257 38.57 -13.17 22.10
C ASP A 257 38.18 -12.46 23.40
N LEU A 258 37.28 -11.48 23.30
CA LEU A 258 36.83 -10.78 24.50
C LEU A 258 36.08 -11.71 25.44
N PHE A 259 35.29 -12.64 24.89
CA PHE A 259 34.61 -13.62 25.75
C PHE A 259 35.63 -14.48 26.50
N ASN A 260 36.67 -14.94 25.81
CA ASN A 260 37.69 -15.74 26.47
C ASN A 260 38.41 -14.94 27.54
N LEU A 261 38.74 -13.68 27.25
CA LEU A 261 39.39 -12.84 28.26
C LEU A 261 38.49 -12.65 29.48
N LYS A 262 37.20 -12.41 29.24
CA LYS A 262 36.25 -12.25 30.34
C LYS A 262 36.19 -13.50 31.20
N GLU A 263 36.11 -14.67 30.56
CA GLU A 263 36.07 -15.90 31.32
C GLU A 263 37.35 -16.10 32.12
N LYS A 264 38.49 -15.77 31.51
CA LYS A 264 39.77 -15.89 32.22
C LYS A 264 39.78 -15.02 33.47
N ILE A 265 39.38 -13.75 33.33
CA ILE A 265 39.41 -12.85 34.49
C ILE A 265 38.42 -13.32 35.56
N LEU A 266 37.22 -13.73 35.14
CA LEU A 266 36.23 -14.17 36.11
C LEU A 266 36.71 -15.39 36.89
N ARG A 267 37.32 -16.36 36.21
CA ARG A 267 37.83 -17.52 36.92
C ARG A 267 39.05 -17.16 37.76
N MET A 268 39.84 -16.18 37.33
CA MET A 268 41.03 -15.80 38.08
C MET A 268 40.66 -15.14 39.41
N TYR A 269 39.75 -14.17 39.39
CA TYR A 269 39.40 -13.41 40.58
C TYR A 269 38.14 -13.91 41.27
N ASP A 270 37.55 -15.00 40.79
CA ASP A 270 36.38 -15.60 41.41
C ASP A 270 35.27 -14.55 41.50
N LEU A 271 34.80 -14.16 40.32
CA LEU A 271 33.77 -13.15 40.16
C LEU A 271 32.55 -13.76 39.49
N THR A 272 31.56 -12.91 39.23
CA THR A 272 30.36 -13.32 38.51
C THR A 272 29.84 -12.11 37.73
N LEU A 273 29.29 -12.38 36.55
CA LEU A 273 28.83 -11.34 35.65
C LEU A 273 27.50 -11.75 35.04
N GLU A 274 26.79 -10.76 34.49
CA GLU A 274 25.50 -10.96 33.85
C GLU A 274 25.59 -10.51 32.40
N ASP A 275 24.86 -11.20 31.53
CA ASP A 275 24.97 -10.94 30.09
C ASP A 275 24.53 -9.52 29.75
N LYS A 276 23.41 -9.07 30.34
CA LYS A 276 22.88 -7.76 30.02
C LYS A 276 23.89 -6.64 30.27
N LYS A 277 24.83 -6.86 31.20
CA LYS A 277 25.90 -5.90 31.43
C LYS A 277 27.12 -6.17 30.58
N TRP A 278 27.33 -7.42 30.18
CA TRP A 278 28.46 -7.74 29.30
C TRP A 278 28.26 -7.12 27.93
N GLU A 279 27.02 -7.13 27.41
CA GLU A 279 26.80 -6.50 26.10
C GLU A 279 27.07 -5.00 26.14
N ARG A 280 26.98 -4.38 27.32
CA ARG A 280 27.28 -2.98 27.48
C ARG A 280 28.78 -2.73 27.65
N ILE A 281 29.44 -3.58 28.45
CA ILE A 281 30.88 -3.45 28.65
C ILE A 281 31.61 -3.64 27.33
N LYS A 282 31.22 -4.65 26.55
CA LYS A 282 31.88 -4.90 25.27
C LYS A 282 31.65 -3.73 24.31
N ALA A 283 30.45 -3.15 24.32
CA ALA A 283 30.20 -1.99 23.47
C ALA A 283 31.06 -0.81 23.89
N LYS A 284 31.20 -0.58 25.20
CA LYS A 284 32.09 0.48 25.66
C LYS A 284 33.51 0.25 25.16
N PHE A 285 34.01 -0.98 25.31
CA PHE A 285 35.37 -1.28 24.87
C PHE A 285 35.53 -1.04 23.37
N ASN A 286 34.59 -1.54 22.58
CA ASN A 286 34.70 -1.41 21.13
C ASN A 286 34.66 0.05 20.70
N THR A 287 33.76 0.84 21.28
CA THR A 287 33.68 2.24 20.89
C THR A 287 34.91 3.02 21.34
N LYS A 288 35.47 2.68 22.51
CA LYS A 288 36.69 3.34 22.95
C LYS A 288 37.86 3.01 22.01
N LEU A 289 38.00 1.75 21.62
CA LEU A 289 39.08 1.38 20.70
C LEU A 289 38.84 1.96 19.31
N LYS A 290 37.59 2.08 18.88
CA LYS A 290 37.27 2.58 17.55
C LYS A 290 37.87 3.96 17.33
N GLU B 135 -60.18 20.46 -9.55
CA GLU B 135 -59.43 19.35 -10.21
C GLU B 135 -57.96 19.39 -9.82
N LEU B 136 -57.22 20.29 -10.46
CA LEU B 136 -55.78 20.44 -10.19
C LEU B 136 -55.55 21.32 -8.96
N GLU B 137 -56.15 20.90 -7.85
CA GLU B 137 -56.08 21.66 -6.61
C GLU B 137 -54.79 21.38 -5.83
N LYS B 138 -54.16 20.24 -6.07
CA LYS B 138 -52.95 19.84 -5.34
C LYS B 138 -51.68 20.14 -6.12
N LYS B 139 -51.76 20.96 -7.17
CA LYS B 139 -50.61 21.29 -8.01
C LYS B 139 -50.15 22.69 -7.68
N ILE B 140 -48.88 22.83 -7.32
CA ILE B 140 -48.33 24.14 -6.99
C ILE B 140 -48.03 24.89 -8.28
N PHE B 141 -48.55 26.11 -8.38
CA PHE B 141 -48.21 27.03 -9.47
C PHE B 141 -47.31 28.12 -8.91
N ILE B 142 -46.12 28.24 -9.47
CA ILE B 142 -45.09 29.13 -8.95
C ILE B 142 -45.05 30.35 -9.86
N SER B 143 -45.67 31.44 -9.42
CA SER B 143 -45.60 32.70 -10.16
C SER B 143 -44.31 33.42 -9.81
N HIS B 144 -43.59 33.87 -10.83
CA HIS B 144 -42.27 34.47 -10.62
C HIS B 144 -41.89 35.26 -11.85
N SER B 145 -40.78 35.97 -11.75
CA SER B 145 -40.13 36.61 -12.88
C SER B 145 -39.01 35.71 -13.40
N SER B 146 -38.53 36.04 -14.60
CA SER B 146 -37.47 35.26 -15.22
C SER B 146 -36.07 35.71 -14.81
N LYS B 147 -35.94 36.83 -14.12
CA LYS B 147 -34.65 37.32 -13.65
C LYS B 147 -34.30 36.83 -12.25
N ASP B 148 -35.22 36.11 -11.60
CA ASP B 148 -34.99 35.54 -10.28
C ASP B 148 -35.01 34.01 -10.37
N LYS B 149 -34.38 33.47 -11.41
CA LYS B 149 -34.46 32.03 -11.67
C LYS B 149 -33.58 31.23 -10.72
N ILE B 150 -32.47 31.78 -10.24
CA ILE B 150 -31.59 31.01 -9.36
C ILE B 150 -32.29 30.72 -8.03
N VAL B 151 -32.86 31.75 -7.41
CA VAL B 151 -33.50 31.57 -6.12
C VAL B 151 -34.73 30.67 -6.26
N CYS B 152 -35.49 30.85 -7.33
CA CYS B 152 -36.67 30.00 -7.53
C CYS B 152 -36.26 28.55 -7.80
N ASN B 153 -35.15 28.35 -8.51
CA ASN B 153 -34.65 26.99 -8.72
C ASN B 153 -34.28 26.34 -7.40
N ALA B 154 -33.57 27.08 -6.54
CA ALA B 154 -33.22 26.54 -5.23
C ALA B 154 -34.46 26.23 -4.42
N PHE B 155 -35.46 27.13 -4.44
CA PHE B 155 -36.68 26.92 -3.68
C PHE B 155 -37.45 25.70 -4.19
N VAL B 156 -37.52 25.50 -5.50
CA VAL B 156 -38.20 24.33 -6.05
C VAL B 156 -37.45 23.06 -5.72
N GLU B 157 -36.10 23.10 -5.76
CA GLU B 157 -35.33 21.93 -5.38
C GLU B 157 -35.57 21.58 -3.92
N LEU B 158 -35.66 22.58 -3.04
CA LEU B 158 -36.00 22.30 -1.66
C LEU B 158 -37.40 21.70 -1.53
N LEU B 159 -38.36 22.27 -2.26
CA LEU B 159 -39.71 21.71 -2.25
C LEU B 159 -39.69 20.24 -2.64
N GLU B 160 -38.87 19.88 -3.64
CA GLU B 160 -38.76 18.49 -4.05
C GLU B 160 -38.08 17.65 -2.98
N ASP B 161 -37.06 18.21 -2.33
CA ASP B 161 -36.32 17.48 -1.31
C ASP B 161 -37.22 17.11 -0.14
N ILE B 162 -38.08 18.04 0.30
CA ILE B 162 -38.97 17.74 1.41
C ILE B 162 -39.86 16.55 1.08
N GLY B 163 -40.14 16.32 -0.19
CA GLY B 163 -40.92 15.17 -0.61
C GLY B 163 -42.12 15.51 -1.48
N VAL B 164 -42.10 16.69 -2.10
CA VAL B 164 -43.16 17.09 -3.01
C VAL B 164 -42.90 16.47 -4.37
N SER B 165 -43.87 15.72 -4.89
CA SER B 165 -43.72 15.08 -6.19
C SER B 165 -43.42 16.11 -7.26
N SER B 166 -42.49 15.77 -8.15
CA SER B 166 -42.10 16.69 -9.22
C SER B 166 -43.21 16.89 -10.25
N GLU B 167 -44.25 16.05 -10.23
CA GLU B 167 -45.36 16.21 -11.16
C GLU B 167 -46.35 17.29 -10.74
N ASP B 168 -46.16 17.89 -9.57
CA ASP B 168 -47.07 18.92 -9.08
C ASP B 168 -46.52 20.33 -9.37
N ILE B 169 -45.27 20.58 -9.00
CA ILE B 169 -44.69 21.91 -9.17
C ILE B 169 -44.76 22.31 -10.64
N ILE B 170 -45.34 23.47 -10.91
CA ILE B 170 -45.39 24.03 -12.25
C ILE B 170 -44.48 25.25 -12.31
N TYR B 171 -43.22 25.03 -12.68
CA TYR B 171 -42.21 26.08 -12.69
C TYR B 171 -41.71 26.22 -14.12
N THR B 172 -42.24 27.21 -14.83
CA THR B 172 -42.08 27.31 -16.28
C THR B 172 -40.73 27.85 -16.70
N SER B 173 -39.76 27.92 -15.78
CA SER B 173 -38.39 28.24 -16.13
C SER B 173 -37.45 27.05 -15.97
N SER B 174 -38.01 25.84 -15.88
CA SER B 174 -37.24 24.62 -15.75
C SER B 174 -37.68 23.64 -16.81
N PRO B 175 -36.76 23.00 -17.54
CA PRO B 175 -37.20 22.06 -18.59
C PRO B 175 -38.01 20.89 -18.06
N TYR B 176 -37.83 20.51 -16.79
CA TYR B 176 -38.50 19.34 -16.24
C TYR B 176 -39.85 19.65 -15.63
N HIS B 177 -40.23 20.93 -15.53
CA HIS B 177 -41.53 21.32 -15.02
C HIS B 177 -42.27 22.27 -15.95
N GLY B 178 -41.68 22.65 -17.08
CA GLY B 178 -42.24 23.68 -17.92
C GLY B 178 -43.33 23.18 -18.85
N ILE B 179 -43.60 23.98 -19.87
CA ILE B 179 -44.69 23.68 -20.81
C ILE B 179 -44.23 22.62 -21.79
N PRO B 180 -45.00 21.54 -22.00
CA PRO B 180 -44.60 20.55 -23.02
C PRO B 180 -44.52 21.18 -24.39
N GLY B 181 -43.65 20.63 -25.23
CA GLY B 181 -43.49 21.13 -26.57
C GLY B 181 -44.75 20.93 -27.41
N ASP B 182 -44.88 21.75 -28.44
CA ASP B 182 -46.02 21.72 -29.36
C ASP B 182 -47.33 22.04 -28.62
N GLU B 183 -47.25 22.86 -27.58
CA GLU B 183 -48.41 23.30 -26.82
C GLU B 183 -48.44 24.81 -26.75
N ASP B 184 -49.64 25.37 -26.66
CA ASP B 184 -49.79 26.81 -26.54
C ASP B 184 -49.26 27.28 -25.19
N ILE B 185 -48.42 28.32 -25.21
CA ILE B 185 -47.78 28.78 -23.99
C ILE B 185 -48.82 29.26 -22.99
N PHE B 186 -49.79 30.06 -23.46
CA PHE B 186 -50.69 30.76 -22.55
C PHE B 186 -51.94 29.95 -22.21
N GLU B 187 -52.45 29.15 -23.14
CA GLU B 187 -53.63 28.35 -22.85
C GLU B 187 -53.33 27.31 -21.76
N TYR B 188 -52.10 26.79 -21.75
CA TYR B 188 -51.71 25.83 -20.73
C TYR B 188 -51.81 26.44 -19.33
N LEU B 189 -51.19 27.61 -19.14
CA LEU B 189 -51.28 28.29 -17.85
C LEU B 189 -52.70 28.71 -17.54
N LYS B 190 -53.46 29.12 -18.56
CA LYS B 190 -54.84 29.52 -18.34
C LYS B 190 -55.66 28.36 -17.79
N LYS B 191 -55.51 27.17 -18.37
CA LYS B 191 -56.21 26.01 -17.87
C LYS B 191 -55.75 25.66 -16.45
N HIS B 192 -54.45 25.72 -16.21
CA HIS B 192 -53.95 25.35 -14.89
C HIS B 192 -54.50 26.29 -13.81
N LEU B 193 -54.51 27.59 -14.09
CA LEU B 193 -55.05 28.55 -13.13
C LEU B 193 -56.56 28.39 -12.98
N PHE B 194 -57.28 28.22 -14.09
CA PHE B 194 -58.72 28.08 -14.03
C PHE B 194 -59.14 26.84 -13.24
N LYS B 195 -58.30 25.81 -13.24
CA LYS B 195 -58.64 24.57 -12.54
C LYS B 195 -58.43 24.65 -11.03
N GLY B 196 -57.71 25.67 -10.54
CA GLY B 196 -57.60 25.89 -9.11
C GLY B 196 -56.27 25.51 -8.49
N ALA B 197 -55.18 25.80 -9.19
CA ALA B 197 -53.86 25.44 -8.69
C ALA B 197 -53.44 26.37 -7.56
N TYR B 198 -52.88 25.79 -6.50
CA TYR B 198 -52.29 26.57 -5.43
C TYR B 198 -51.19 27.46 -5.99
N VAL B 199 -51.22 28.75 -5.63
CA VAL B 199 -50.33 29.74 -6.22
C VAL B 199 -49.38 30.26 -5.15
N PHE B 200 -48.10 30.39 -5.52
CA PHE B 200 -47.09 31.02 -4.68
C PHE B 200 -46.62 32.30 -5.36
N TYR B 201 -46.71 33.41 -4.64
CA TYR B 201 -46.26 34.71 -5.15
C TYR B 201 -44.83 34.93 -4.70
N MET B 202 -43.87 34.68 -5.58
CA MET B 202 -42.47 34.94 -5.28
C MET B 202 -42.15 36.41 -5.54
N LEU B 203 -42.60 37.28 -4.64
CA LEU B 203 -42.54 38.71 -4.89
C LEU B 203 -41.10 39.22 -4.83
N SER B 204 -40.81 40.22 -5.66
CA SER B 204 -39.51 40.88 -5.67
C SER B 204 -39.63 42.14 -6.51
N ASP B 205 -38.50 42.81 -6.71
CA ASP B 205 -38.48 44.03 -7.51
C ASP B 205 -38.73 43.78 -8.98
N ASN B 206 -38.71 42.52 -9.43
CA ASN B 206 -39.03 42.17 -10.81
C ASN B 206 -40.44 41.65 -10.97
N TYR B 207 -41.05 41.13 -9.91
CA TYR B 207 -42.44 40.67 -9.99
C TYR B 207 -43.38 41.83 -10.25
N TYR B 208 -42.98 43.06 -9.91
CA TYR B 208 -43.76 44.26 -10.17
C TYR B 208 -43.23 45.04 -11.37
N ASP B 209 -42.38 44.40 -12.19
CA ASP B 209 -41.90 45.01 -13.42
C ASP B 209 -42.06 44.01 -14.55
N SER B 210 -43.21 43.35 -14.60
CA SER B 210 -43.46 42.30 -15.59
C SER B 210 -44.98 42.20 -15.78
N VAL B 211 -45.44 42.47 -17.01
CA VAL B 211 -46.87 42.49 -17.28
C VAL B 211 -47.48 41.12 -17.01
N TYR B 212 -46.81 40.06 -17.46
CA TYR B 212 -47.37 38.73 -17.35
C TYR B 212 -47.59 38.32 -15.90
N CYS B 213 -46.64 38.66 -15.02
CA CYS B 213 -46.78 38.31 -13.61
C CYS B 213 -48.01 38.97 -12.99
N LEU B 214 -48.21 40.26 -13.29
CA LEU B 214 -49.40 40.94 -12.80
C LEU B 214 -50.67 40.36 -13.39
N ASN B 215 -50.63 39.89 -14.64
CA ASN B 215 -51.79 39.20 -15.19
C ASN B 215 -52.08 37.90 -14.44
N GLU B 216 -51.05 37.14 -14.07
CA GLU B 216 -51.30 35.94 -13.25
C GLU B 216 -51.89 36.33 -11.90
N MET B 217 -51.39 37.41 -11.31
CA MET B 217 -51.93 37.88 -10.04
C MET B 217 -53.42 38.22 -10.19
N GLY B 218 -53.77 38.92 -11.27
CA GLY B 218 -55.17 39.26 -11.49
C GLY B 218 -56.04 38.03 -11.68
N ALA B 219 -55.56 37.05 -12.46
CA ALA B 219 -56.34 35.84 -12.66
C ALA B 219 -56.54 35.09 -11.36
N THR B 220 -55.50 35.00 -10.54
CA THR B 220 -55.63 34.35 -9.24
C THR B 220 -56.62 35.09 -8.36
N TRP B 221 -56.57 36.43 -8.34
CA TRP B 221 -57.50 37.19 -7.53
C TRP B 221 -58.94 36.96 -7.96
N VAL B 222 -59.19 37.01 -9.27
CA VAL B 222 -60.56 36.85 -9.76
C VAL B 222 -61.09 35.45 -9.47
N ASN B 223 -60.27 34.43 -9.73
CA ASN B 223 -60.72 33.05 -9.52
C ASN B 223 -60.80 32.69 -8.05
N SER B 224 -60.10 33.41 -7.17
CA SER B 224 -60.09 33.12 -5.74
C SER B 224 -59.38 31.80 -5.44
N ASN B 225 -58.29 31.55 -6.15
CA ASN B 225 -57.49 30.37 -5.87
C ASN B 225 -56.71 30.55 -4.58
N ASN B 226 -56.36 29.42 -3.95
CA ASN B 226 -55.53 29.47 -2.76
C ASN B 226 -54.19 30.11 -3.10
N CYS B 227 -53.72 30.98 -2.21
CA CYS B 227 -52.54 31.78 -2.47
C CYS B 227 -51.61 31.72 -1.26
N SER B 228 -50.33 31.96 -1.51
CA SER B 228 -49.34 32.05 -0.44
C SER B 228 -48.25 33.00 -0.89
N THR B 229 -47.94 33.99 -0.05
CA THR B 229 -46.93 34.99 -0.37
C THR B 229 -45.55 34.49 0.02
N PHE B 230 -44.52 34.99 -0.68
CA PHE B 230 -43.13 34.63 -0.40
C PHE B 230 -42.26 35.81 -0.79
N ILE B 231 -41.61 36.42 0.20
CA ILE B 231 -40.75 37.58 -0.04
C ILE B 231 -39.34 37.06 -0.36
N LEU B 232 -38.94 37.19 -1.61
CA LEU B 232 -37.60 36.79 -1.99
C LEU B 232 -36.58 37.71 -1.32
N PRO B 233 -35.37 37.23 -1.05
CA PRO B 233 -34.37 38.07 -0.40
C PRO B 233 -34.11 39.35 -1.18
N GLY B 234 -33.99 40.47 -0.46
CA GLY B 234 -33.69 41.76 -1.03
C GLY B 234 -34.91 42.63 -1.27
N PHE B 235 -36.11 42.05 -1.20
CA PHE B 235 -37.34 42.82 -1.43
C PHE B 235 -37.78 43.46 -0.12
N LYS B 236 -37.73 44.79 -0.06
CA LYS B 236 -38.11 45.55 1.13
C LYS B 236 -39.05 46.67 0.69
N GLY B 237 -40.04 46.32 -0.14
CA GLY B 237 -40.97 47.29 -0.67
C GLY B 237 -42.41 47.01 -0.29
N GLU B 238 -43.35 47.68 -0.96
CA GLU B 238 -44.77 47.55 -0.65
C GLU B 238 -45.40 46.44 -1.48
N ILE B 239 -46.35 45.74 -0.87
CA ILE B 239 -47.09 44.68 -1.55
C ILE B 239 -48.29 45.31 -2.25
N LYS B 240 -48.09 45.74 -3.49
CA LYS B 240 -49.13 46.43 -4.24
C LYS B 240 -50.04 45.42 -4.95
N GLY B 241 -50.91 45.94 -5.82
CA GLY B 241 -51.79 45.09 -6.59
C GLY B 241 -53.06 44.72 -5.85
N VAL B 242 -53.71 43.63 -6.27
CA VAL B 242 -54.93 43.16 -5.64
C VAL B 242 -54.68 42.02 -4.66
N ILE B 243 -53.41 41.67 -4.40
CA ILE B 243 -53.10 40.63 -3.44
C ILE B 243 -53.33 41.15 -2.04
N ASP B 244 -53.77 40.28 -1.14
CA ASP B 244 -54.04 40.66 0.24
C ASP B 244 -52.82 41.32 0.86
N LYS B 245 -52.94 42.62 1.19
CA LYS B 245 -51.84 43.33 1.83
C LYS B 245 -51.77 43.11 3.33
N ASN B 246 -52.74 42.39 3.90
CA ASN B 246 -52.74 42.09 5.33
C ASN B 246 -52.28 40.68 5.65
N LYS B 247 -52.40 39.76 4.71
CA LYS B 247 -51.91 38.40 4.92
C LYS B 247 -50.42 38.43 5.21
N LYS B 248 -49.99 37.61 6.17
CA LYS B 248 -48.59 37.58 6.57
C LYS B 248 -47.77 36.81 5.54
N ALA B 249 -46.62 37.37 5.18
CA ALA B 249 -45.77 36.78 4.16
C ALA B 249 -44.86 35.70 4.76
N PHE B 250 -44.12 35.02 3.88
CA PHE B 250 -43.19 33.96 4.26
C PHE B 250 -41.79 34.38 3.82
N SER B 251 -40.98 34.84 4.77
CA SER B 251 -39.60 35.17 4.46
C SER B 251 -38.78 33.88 4.32
N LEU B 252 -37.59 34.02 3.71
CA LEU B 252 -36.71 32.88 3.44
C LEU B 252 -35.26 33.26 3.71
N GLU B 253 -35.02 33.93 4.84
CA GLU B 253 -33.67 34.42 5.15
C GLU B 253 -33.26 34.18 6.59
N GLU B 254 -33.67 33.04 7.17
CA GLU B 254 -33.21 32.68 8.51
C GLU B 254 -33.71 31.29 8.87
N PRO B 255 -33.05 30.58 9.79
CA PRO B 255 -33.44 29.19 10.07
C PRO B 255 -34.90 29.04 10.49
N ILE B 256 -35.43 29.99 11.27
CA ILE B 256 -36.81 29.88 11.70
C ILE B 256 -37.77 29.99 10.53
N ASP B 257 -37.45 30.84 9.54
CA ASP B 257 -38.31 30.95 8.37
C ASP B 257 -38.35 29.64 7.59
N LEU B 258 -37.21 29.02 7.37
CA LEU B 258 -37.18 27.73 6.69
C LEU B 258 -37.89 26.65 7.48
N PHE B 259 -37.75 26.67 8.81
CA PHE B 259 -38.48 25.71 9.63
C PHE B 259 -39.99 25.89 9.48
N ASN B 260 -40.45 27.14 9.48
CA ASN B 260 -41.88 27.39 9.32
C ASN B 260 -42.36 26.95 7.94
N LEU B 261 -41.58 27.23 6.90
CA LEU B 261 -41.96 26.80 5.55
C LEU B 261 -42.02 25.28 5.46
N LYS B 262 -41.03 24.60 6.04
CA LYS B 262 -41.02 23.14 6.03
C LYS B 262 -42.24 22.58 6.73
N GLU B 263 -42.57 23.12 7.91
CA GLU B 263 -43.75 22.66 8.63
C GLU B 263 -45.01 22.89 7.81
N LYS B 264 -45.10 24.07 7.16
CA LYS B 264 -46.26 24.37 6.33
C LYS B 264 -46.42 23.32 5.23
N ILE B 265 -45.33 23.03 4.51
CA ILE B 265 -45.42 22.08 3.40
C ILE B 265 -45.77 20.69 3.91
N LEU B 266 -45.12 20.26 5.01
CA LEU B 266 -45.39 18.93 5.55
C LEU B 266 -46.85 18.80 5.95
N ARG B 267 -47.42 19.84 6.55
CA ARG B 267 -48.84 19.80 6.89
C ARG B 267 -49.71 19.85 5.64
N MET B 268 -49.25 20.56 4.60
CA MET B 268 -50.04 20.68 3.39
C MET B 268 -50.21 19.33 2.70
N TYR B 269 -49.10 18.63 2.47
CA TYR B 269 -49.14 17.37 1.74
C TYR B 269 -49.15 16.14 2.64
N ASP B 270 -49.20 16.32 3.97
CA ASP B 270 -49.21 15.21 4.90
C ASP B 270 -47.99 14.31 4.66
N LEU B 271 -46.83 14.91 4.89
CA LEU B 271 -45.54 14.25 4.70
C LEU B 271 -44.89 14.00 6.06
N THR B 272 -43.66 13.47 6.02
CA THR B 272 -42.89 13.24 7.22
C THR B 272 -41.41 13.45 6.88
N LEU B 273 -40.69 14.10 7.79
CA LEU B 273 -39.28 14.38 7.60
C LEU B 273 -38.54 14.15 8.91
N GLU B 274 -37.25 13.86 8.80
CA GLU B 274 -36.40 13.61 9.95
C GLU B 274 -35.34 14.70 10.02
N ASP B 275 -34.90 15.00 11.25
CA ASP B 275 -33.99 16.12 11.45
C ASP B 275 -32.67 15.91 10.72
N LYS B 276 -32.14 14.69 10.76
CA LYS B 276 -30.86 14.42 10.12
C LYS B 276 -30.89 14.78 8.64
N LYS B 277 -32.03 14.58 7.99
CA LYS B 277 -32.19 15.02 6.60
C LYS B 277 -32.38 16.51 6.50
N TRP B 278 -33.04 17.11 7.49
CA TRP B 278 -33.32 18.54 7.44
C TRP B 278 -32.05 19.37 7.51
N GLU B 279 -31.09 18.96 8.37
CA GLU B 279 -29.86 19.74 8.47
C GLU B 279 -29.02 19.65 7.20
N ARG B 280 -29.25 18.65 6.37
CA ARG B 280 -28.58 18.55 5.07
C ARG B 280 -29.31 19.33 4.00
N ILE B 281 -30.64 19.27 3.98
CA ILE B 281 -31.42 20.02 3.01
C ILE B 281 -31.20 21.52 3.21
N LYS B 282 -31.21 21.97 4.47
CA LYS B 282 -31.01 23.39 4.74
C LYS B 282 -29.62 23.84 4.31
N ALA B 283 -28.61 23.00 4.55
CA ALA B 283 -27.26 23.34 4.11
C ALA B 283 -27.18 23.42 2.59
N LYS B 284 -27.84 22.49 1.89
CA LYS B 284 -27.91 22.56 0.44
C LYS B 284 -28.50 23.90 -0.01
N PHE B 285 -29.64 24.28 0.58
CA PHE B 285 -30.28 25.53 0.20
C PHE B 285 -29.35 26.71 0.43
N ASN B 286 -28.72 26.77 1.61
CA ASN B 286 -27.86 27.90 1.93
C ASN B 286 -26.66 27.97 0.98
N THR B 287 -26.09 26.82 0.65
CA THR B 287 -24.98 26.80 -0.31
C THR B 287 -25.43 27.30 -1.66
N LYS B 288 -26.63 26.90 -2.11
CA LYS B 288 -27.14 27.37 -3.39
C LYS B 288 -27.30 28.89 -3.38
N LEU B 289 -27.97 29.43 -2.35
CA LEU B 289 -28.18 30.87 -2.29
C LEU B 289 -26.85 31.62 -2.17
N LYS B 290 -25.94 31.11 -1.36
CA LYS B 290 -24.65 31.77 -1.14
C LYS B 290 -23.93 32.03 -2.46
N GLU C 135 -22.84 -10.06 7.24
CA GLU C 135 -23.77 -9.15 7.96
C GLU C 135 -23.93 -7.82 7.23
N LEU C 136 -22.81 -7.15 6.99
CA LEU C 136 -22.80 -5.86 6.31
C LEU C 136 -22.57 -5.98 4.81
N GLU C 137 -22.97 -7.10 4.21
CA GLU C 137 -22.77 -7.28 2.78
C GLU C 137 -23.48 -6.22 1.96
N LYS C 138 -24.58 -5.67 2.49
CA LYS C 138 -25.37 -4.70 1.74
C LYS C 138 -24.74 -3.32 1.71
N LYS C 139 -23.80 -3.01 2.61
CA LYS C 139 -23.15 -1.72 2.58
C LYS C 139 -22.30 -1.59 1.32
N ILE C 140 -21.80 -0.38 1.09
CA ILE C 140 -20.94 -0.07 -0.06
C ILE C 140 -19.78 0.75 0.47
N PHE C 141 -18.62 0.12 0.60
CA PHE C 141 -17.43 0.82 1.09
C PHE C 141 -16.73 1.45 -0.11
N ILE C 142 -16.80 2.78 -0.20
CA ILE C 142 -16.20 3.49 -1.32
C ILE C 142 -14.74 3.81 -1.00
N SER C 143 -13.84 2.89 -1.34
CA SER C 143 -12.41 3.12 -1.16
C SER C 143 -11.93 4.14 -2.18
N HIS C 144 -11.30 5.22 -1.70
CA HIS C 144 -10.95 6.33 -2.57
C HIS C 144 -9.75 7.06 -1.96
N SER C 145 -9.38 8.17 -2.59
CA SER C 145 -8.38 9.09 -2.06
C SER C 145 -9.04 10.44 -1.79
N SER C 146 -8.51 11.17 -0.81
CA SER C 146 -9.09 12.46 -0.45
C SER C 146 -8.85 13.53 -1.51
N LYS C 147 -7.96 13.29 -2.46
CA LYS C 147 -7.70 14.25 -3.52
C LYS C 147 -8.61 14.05 -4.72
N ASP C 148 -9.51 13.08 -4.68
CA ASP C 148 -10.53 12.85 -5.70
C ASP C 148 -11.90 13.22 -5.16
N LYS C 149 -11.97 14.31 -4.40
CA LYS C 149 -13.16 14.63 -3.63
C LYS C 149 -14.37 14.89 -4.52
N ILE C 150 -14.20 15.71 -5.55
CA ILE C 150 -15.35 16.18 -6.34
C ILE C 150 -15.96 15.03 -7.13
N VAL C 151 -15.13 14.24 -7.80
CA VAL C 151 -15.66 13.16 -8.64
C VAL C 151 -16.36 12.11 -7.77
N CYS C 152 -15.75 11.75 -6.64
CA CYS C 152 -16.38 10.78 -5.75
C CYS C 152 -17.66 11.35 -5.15
N ASN C 153 -17.70 12.65 -4.86
CA ASN C 153 -18.92 13.26 -4.37
C ASN C 153 -20.04 13.14 -5.39
N ALA C 154 -19.74 13.44 -6.66
CA ALA C 154 -20.74 13.30 -7.70
C ALA C 154 -21.19 11.85 -7.86
N PHE C 155 -20.24 10.91 -7.78
CA PHE C 155 -20.58 9.50 -7.89
C PHE C 155 -21.52 9.07 -6.78
N VAL C 156 -21.23 9.49 -5.54
CA VAL C 156 -22.09 9.14 -4.41
C VAL C 156 -23.46 9.78 -4.57
N GLU C 157 -23.51 11.02 -5.04
CA GLU C 157 -24.79 11.68 -5.23
C GLU C 157 -25.64 10.97 -6.27
N LEU C 158 -25.01 10.51 -7.36
CA LEU C 158 -25.75 9.71 -8.34
C LEU C 158 -26.24 8.41 -7.72
N LEU C 159 -25.40 7.74 -6.93
CA LEU C 159 -25.84 6.52 -6.27
C LEU C 159 -27.06 6.79 -5.40
N GLU C 160 -27.06 7.92 -4.68
CA GLU C 160 -28.24 8.28 -3.89
C GLU C 160 -29.44 8.51 -4.78
N ASP C 161 -29.24 9.21 -5.90
CA ASP C 161 -30.36 9.56 -6.77
C ASP C 161 -31.03 8.33 -7.34
N ILE C 162 -30.25 7.32 -7.75
CA ILE C 162 -30.86 6.11 -8.29
C ILE C 162 -31.77 5.46 -7.26
N GLY C 163 -31.51 5.68 -5.98
CA GLY C 163 -32.35 5.13 -4.93
C GLY C 163 -31.61 4.30 -3.90
N VAL C 164 -30.32 4.56 -3.73
CA VAL C 164 -29.54 3.88 -2.68
C VAL C 164 -29.68 4.67 -1.40
N SER C 165 -30.06 3.99 -0.32
CA SER C 165 -30.20 4.66 0.97
C SER C 165 -28.89 5.32 1.37
N SER C 166 -28.99 6.54 1.89
CA SER C 166 -27.79 7.30 2.21
C SER C 166 -26.98 6.68 3.33
N GLU C 167 -27.56 5.73 4.08
CA GLU C 167 -26.86 5.11 5.19
C GLU C 167 -26.05 3.88 4.77
N ASP C 168 -26.19 3.43 3.53
CA ASP C 168 -25.48 2.25 3.03
C ASP C 168 -24.16 2.58 2.37
N ILE C 169 -23.80 3.86 2.27
CA ILE C 169 -22.57 4.29 1.64
C ILE C 169 -21.61 4.74 2.74
N ILE C 170 -20.55 3.97 2.97
CA ILE C 170 -19.56 4.31 3.97
C ILE C 170 -18.49 5.13 3.27
N TYR C 171 -18.75 6.43 3.15
CA TYR C 171 -17.87 7.36 2.44
C TYR C 171 -17.29 8.32 3.48
N THR C 172 -15.98 8.21 3.72
CA THR C 172 -15.34 8.92 4.82
C THR C 172 -14.75 10.26 4.40
N SER C 173 -15.33 10.92 3.39
CA SER C 173 -14.96 12.27 3.04
C SER C 173 -16.16 13.19 2.98
N SER C 174 -17.32 12.74 3.46
CA SER C 174 -18.54 13.53 3.49
C SER C 174 -19.06 13.55 4.92
N PRO C 175 -19.41 14.72 5.47
CA PRO C 175 -19.90 14.76 6.86
C PRO C 175 -21.15 13.94 7.10
N TYR C 176 -21.89 13.57 6.05
CA TYR C 176 -23.16 12.88 6.19
C TYR C 176 -23.02 11.37 6.09
N HIS C 177 -21.89 10.85 5.58
CA HIS C 177 -21.63 9.42 5.57
C HIS C 177 -20.33 9.06 6.27
N GLY C 178 -19.67 10.02 6.91
CA GLY C 178 -18.34 9.81 7.45
C GLY C 178 -18.32 9.00 8.72
N ILE C 179 -17.35 9.28 9.56
CA ILE C 179 -17.11 8.52 10.80
C ILE C 179 -17.81 9.25 11.94
N PRO C 180 -18.57 8.56 12.78
CA PRO C 180 -19.19 9.24 13.93
C PRO C 180 -18.13 9.85 14.84
N GLY C 181 -18.50 10.95 15.49
CA GLY C 181 -17.58 11.60 16.40
C GLY C 181 -17.30 10.75 17.63
N ASP C 182 -16.12 10.97 18.22
CA ASP C 182 -15.68 10.21 19.40
C ASP C 182 -15.60 8.72 19.09
N GLU C 183 -15.13 8.38 17.90
CA GLU C 183 -14.95 7.00 17.48
C GLU C 183 -13.56 6.82 16.92
N ASP C 184 -13.03 5.61 17.07
CA ASP C 184 -11.71 5.28 16.52
C ASP C 184 -11.82 5.11 15.01
N ILE C 185 -11.04 5.89 14.27
CA ILE C 185 -11.14 5.87 12.81
C ILE C 185 -10.83 4.49 12.26
N PHE C 186 -9.61 4.01 12.53
CA PHE C 186 -9.14 2.80 11.87
C PHE C 186 -9.91 1.58 12.35
N GLU C 187 -10.24 1.51 13.64
CA GLU C 187 -11.08 0.41 14.12
C GLU C 187 -12.46 0.46 13.48
N TYR C 188 -13.00 1.66 13.30
CA TYR C 188 -14.30 1.79 12.66
C TYR C 188 -14.27 1.27 11.23
N LEU C 189 -13.22 1.61 10.47
CA LEU C 189 -13.09 1.06 9.12
C LEU C 189 -12.88 -0.44 9.15
N LYS C 190 -12.06 -0.93 10.10
CA LYS C 190 -11.74 -2.34 10.17
C LYS C 190 -13.00 -3.17 10.42
N LYS C 191 -13.88 -2.69 11.30
CA LYS C 191 -15.11 -3.43 11.56
C LYS C 191 -15.89 -3.65 10.26
N HIS C 192 -16.11 -2.58 9.51
CA HIS C 192 -16.90 -2.67 8.29
C HIS C 192 -16.23 -3.59 7.27
N LEU C 193 -14.91 -3.43 7.09
CA LEU C 193 -14.21 -4.28 6.13
C LEU C 193 -14.26 -5.74 6.54
N PHE C 194 -14.08 -6.03 7.84
CA PHE C 194 -14.06 -7.40 8.31
C PHE C 194 -15.43 -8.06 8.18
N LYS C 195 -16.50 -7.35 8.51
CA LYS C 195 -17.82 -7.97 8.44
C LYS C 195 -18.29 -8.17 7.01
N GLY C 196 -17.59 -7.62 6.02
CA GLY C 196 -17.92 -7.86 4.63
C GLY C 196 -18.68 -6.72 3.99
N ALA C 197 -18.00 -5.91 3.19
CA ALA C 197 -18.60 -4.77 2.52
C ALA C 197 -18.19 -4.76 1.06
N TYR C 198 -19.13 -4.38 0.20
CA TYR C 198 -18.90 -4.31 -1.23
C TYR C 198 -17.99 -3.12 -1.52
N VAL C 199 -16.70 -3.39 -1.72
CA VAL C 199 -15.71 -2.33 -1.87
C VAL C 199 -15.76 -1.79 -3.29
N PHE C 200 -15.42 -0.50 -3.44
CA PHE C 200 -15.44 0.20 -4.73
C PHE C 200 -14.09 0.89 -4.88
N TYR C 201 -13.20 0.34 -5.71
CA TYR C 201 -11.90 0.96 -5.95
C TYR C 201 -12.06 2.06 -6.99
N MET C 202 -12.04 3.33 -6.54
CA MET C 202 -12.03 4.46 -7.46
C MET C 202 -10.58 4.74 -7.84
N LEU C 203 -10.08 3.96 -8.80
CA LEU C 203 -8.66 4.01 -9.12
C LEU C 203 -8.30 5.32 -9.80
N SER C 204 -7.09 5.81 -9.53
CA SER C 204 -6.54 6.99 -10.16
C SER C 204 -5.07 7.09 -9.76
N ASP C 205 -4.41 8.15 -10.23
CA ASP C 205 -3.00 8.35 -9.87
C ASP C 205 -2.84 8.55 -8.38
N ASN C 206 -3.75 9.31 -7.76
CA ASN C 206 -3.64 9.58 -6.32
C ASN C 206 -3.94 8.34 -5.49
N TYR C 207 -4.69 7.38 -6.04
CA TYR C 207 -4.98 6.16 -5.30
C TYR C 207 -3.70 5.37 -5.04
N TYR C 208 -2.78 5.37 -5.99
CA TYR C 208 -1.52 4.67 -5.85
C TYR C 208 -0.42 5.52 -5.23
N ASP C 209 -0.75 6.75 -4.80
CA ASP C 209 0.20 7.63 -4.13
C ASP C 209 -0.11 7.79 -2.65
N SER C 210 -1.05 7.01 -2.13
CA SER C 210 -1.47 7.09 -0.74
C SER C 210 -1.35 5.72 -0.10
N VAL C 211 -0.72 5.67 1.08
CA VAL C 211 -0.50 4.39 1.75
C VAL C 211 -1.83 3.74 2.14
N TYR C 212 -2.69 4.51 2.80
CA TYR C 212 -3.91 3.93 3.37
C TYR C 212 -4.78 3.28 2.30
N CYS C 213 -4.78 3.83 1.09
CA CYS C 213 -5.56 3.20 0.02
C CYS C 213 -5.03 1.80 -0.28
N LEU C 214 -3.71 1.64 -0.35
CA LEU C 214 -3.14 0.33 -0.59
C LEU C 214 -3.35 -0.62 0.57
N ASN C 215 -3.30 -0.10 1.81
CA ASN C 215 -3.65 -0.94 2.96
C ASN C 215 -5.09 -1.43 2.85
N GLU C 216 -6.01 -0.56 2.43
CA GLU C 216 -7.39 -0.98 2.25
C GLU C 216 -7.51 -2.02 1.16
N MET C 217 -6.77 -1.83 0.06
CA MET C 217 -6.78 -2.83 -1.02
C MET C 217 -6.34 -4.19 -0.51
N GLY C 218 -5.26 -4.23 0.27
CA GLY C 218 -4.83 -5.48 0.87
C GLY C 218 -5.83 -6.07 1.84
N ALA C 219 -6.47 -5.23 2.66
CA ALA C 219 -7.44 -5.71 3.62
C ALA C 219 -8.66 -6.32 2.95
N THR C 220 -9.07 -5.77 1.81
CA THR C 220 -10.17 -6.37 1.06
C THR C 220 -9.73 -7.55 0.21
N TRP C 221 -8.45 -7.61 -0.19
CA TRP C 221 -7.96 -8.77 -0.92
C TRP C 221 -7.91 -10.00 -0.03
N VAL C 222 -7.33 -9.86 1.17
CA VAL C 222 -7.10 -11.04 2.01
C VAL C 222 -8.43 -11.65 2.46
N ASN C 223 -9.43 -10.82 2.73
CA ASN C 223 -10.71 -11.32 3.20
C ASN C 223 -11.61 -11.80 2.07
N SER C 224 -11.30 -11.45 0.83
CA SER C 224 -12.10 -11.86 -0.33
C SER C 224 -13.49 -11.23 -0.27
N ASN C 225 -13.54 -9.92 -0.10
CA ASN C 225 -14.80 -9.19 -0.13
C ASN C 225 -15.21 -8.92 -1.57
N ASN C 226 -16.52 -8.88 -1.80
CA ASN C 226 -17.02 -8.50 -3.11
C ASN C 226 -16.51 -7.10 -3.46
N CYS C 227 -16.09 -6.93 -4.71
CA CYS C 227 -15.43 -5.70 -5.11
C CYS C 227 -15.82 -5.33 -6.53
N SER C 228 -15.34 -4.17 -6.96
CA SER C 228 -15.60 -3.66 -8.31
C SER C 228 -14.67 -2.48 -8.56
N THR C 229 -14.15 -2.40 -9.77
CA THR C 229 -13.18 -1.37 -10.14
C THR C 229 -13.86 -0.25 -10.91
N PHE C 230 -13.47 0.99 -10.62
CA PHE C 230 -14.04 2.16 -11.28
C PHE C 230 -12.89 3.07 -11.68
N ILE C 231 -12.74 3.31 -12.97
CA ILE C 231 -11.65 4.13 -13.51
C ILE C 231 -12.13 5.57 -13.53
N LEU C 232 -11.53 6.40 -12.68
CA LEU C 232 -11.86 7.82 -12.70
C LEU C 232 -11.30 8.46 -13.97
N PRO C 233 -11.89 9.56 -14.43
CA PRO C 233 -11.40 10.19 -15.66
C PRO C 233 -9.92 10.58 -15.54
N GLY C 234 -9.20 10.41 -16.65
CA GLY C 234 -7.81 10.81 -16.72
C GLY C 234 -6.81 9.79 -16.25
N PHE C 235 -7.24 8.56 -15.97
CA PHE C 235 -6.34 7.50 -15.52
C PHE C 235 -5.97 6.63 -16.71
N LYS C 236 -4.73 6.75 -17.17
CA LYS C 236 -4.21 5.95 -18.27
C LYS C 236 -3.07 5.04 -17.83
N GLY C 237 -2.97 4.75 -16.53
CA GLY C 237 -1.89 3.97 -15.99
C GLY C 237 -2.21 2.48 -15.95
N GLU C 238 -1.35 1.75 -15.24
CA GLU C 238 -1.46 0.30 -15.14
C GLU C 238 -2.02 -0.07 -13.76
N ILE C 239 -2.91 -1.06 -13.76
CA ILE C 239 -3.52 -1.56 -12.53
C ILE C 239 -2.50 -2.46 -11.84
N LYS C 240 -1.79 -1.91 -10.85
CA LYS C 240 -0.80 -2.65 -10.09
C LYS C 240 -1.45 -3.26 -8.84
N GLY C 241 -0.60 -3.77 -7.95
CA GLY C 241 -1.10 -4.27 -6.68
C GLY C 241 -1.66 -5.68 -6.78
N VAL C 242 -2.35 -6.08 -5.71
CA VAL C 242 -2.90 -7.42 -5.59
C VAL C 242 -4.35 -7.47 -6.08
N ILE C 243 -4.85 -6.39 -6.68
CA ILE C 243 -6.19 -6.40 -7.22
C ILE C 243 -6.23 -7.27 -8.48
N ASP C 244 -7.40 -7.84 -8.77
CA ASP C 244 -7.55 -8.68 -9.94
C ASP C 244 -7.35 -7.86 -11.20
N LYS C 245 -6.21 -8.06 -11.87
CA LYS C 245 -5.85 -7.26 -13.03
C LYS C 245 -6.57 -7.69 -14.30
N ASN C 246 -7.20 -8.86 -14.31
CA ASN C 246 -7.92 -9.36 -15.47
C ASN C 246 -9.43 -9.21 -15.31
N LYS C 247 -9.88 -8.14 -14.66
CA LYS C 247 -11.29 -7.84 -14.49
C LYS C 247 -11.62 -6.54 -15.21
N LYS C 248 -12.73 -6.54 -15.93
CA LYS C 248 -13.12 -5.37 -16.70
C LYS C 248 -13.62 -4.27 -15.77
N ALA C 249 -13.07 -3.07 -15.93
CA ALA C 249 -13.40 -1.94 -15.07
C ALA C 249 -14.51 -1.09 -15.68
N PHE C 250 -15.21 -0.37 -14.82
CA PHE C 250 -16.27 0.54 -15.24
C PHE C 250 -15.70 1.93 -15.47
N SER C 251 -15.94 2.48 -16.66
CA SER C 251 -15.57 3.84 -16.96
C SER C 251 -16.75 4.78 -16.69
N LEU C 252 -16.47 6.07 -16.65
CA LEU C 252 -17.49 7.09 -16.36
C LEU C 252 -17.32 8.27 -17.31
N GLU C 253 -17.20 7.97 -18.61
CA GLU C 253 -16.89 9.00 -19.59
C GLU C 253 -17.98 9.23 -20.64
N GLU C 254 -18.78 8.22 -20.97
CA GLU C 254 -19.76 8.32 -22.04
C GLU C 254 -21.10 7.78 -21.59
N PRO C 255 -22.18 8.14 -22.28
CA PRO C 255 -23.52 7.74 -21.81
C PRO C 255 -23.69 6.24 -21.65
N ILE C 256 -23.06 5.44 -22.51
CA ILE C 256 -23.19 3.99 -22.39
C ILE C 256 -22.57 3.50 -21.08
N ASP C 257 -21.47 4.13 -20.66
CA ASP C 257 -20.85 3.75 -19.40
C ASP C 257 -21.80 4.00 -18.23
N LEU C 258 -22.43 5.18 -18.21
CA LEU C 258 -23.38 5.49 -17.14
C LEU C 258 -24.59 4.59 -17.19
N PHE C 259 -25.07 4.24 -18.39
CA PHE C 259 -26.18 3.30 -18.48
C PHE C 259 -25.79 1.93 -17.91
N ASN C 260 -24.58 1.47 -18.22
CA ASN C 260 -24.14 0.18 -17.68
C ASN C 260 -24.03 0.23 -16.16
N LEU C 261 -23.49 1.32 -15.62
CA LEU C 261 -23.38 1.46 -14.17
C LEU C 261 -24.76 1.51 -13.52
N LYS C 262 -25.69 2.23 -14.12
CA LYS C 262 -27.05 2.31 -13.60
C LYS C 262 -27.70 0.94 -13.57
N GLU C 263 -27.55 0.18 -14.66
CA GLU C 263 -28.13 -1.16 -14.69
C GLU C 263 -27.46 -2.05 -13.64
N LYS C 264 -26.16 -1.91 -13.47
CA LYS C 264 -25.44 -2.67 -12.44
C LYS C 264 -26.04 -2.40 -11.06
N ILE C 265 -26.21 -1.12 -10.72
CA ILE C 265 -26.71 -0.78 -9.38
C ILE C 265 -28.15 -1.27 -9.22
N LEU C 266 -28.98 -1.08 -10.24
CA LEU C 266 -30.37 -1.53 -10.14
C LEU C 266 -30.45 -3.04 -9.96
N ARG C 267 -29.58 -3.78 -10.65
CA ARG C 267 -29.50 -5.23 -10.44
C ARG C 267 -29.04 -5.53 -9.01
N MET C 268 -28.07 -4.77 -8.51
CA MET C 268 -27.52 -5.03 -7.18
C MET C 268 -28.57 -4.89 -6.11
N TYR C 269 -29.27 -3.76 -6.07
CA TYR C 269 -30.18 -3.45 -4.98
C TYR C 269 -31.65 -3.70 -5.31
N ASP C 270 -31.96 -4.22 -6.49
CA ASP C 270 -33.33 -4.54 -6.87
C ASP C 270 -34.21 -3.29 -6.74
N LEU C 271 -33.91 -2.31 -7.58
CA LEU C 271 -34.61 -1.03 -7.61
C LEU C 271 -35.29 -0.85 -8.95
N THR C 272 -35.86 0.34 -9.16
CA THR C 272 -36.52 0.67 -10.41
C THR C 272 -36.35 2.16 -10.67
N LEU C 273 -36.11 2.51 -11.93
CA LEU C 273 -35.91 3.89 -12.34
C LEU C 273 -36.57 4.11 -13.69
N GLU C 274 -36.96 5.36 -13.95
CA GLU C 274 -37.67 5.74 -15.15
C GLU C 274 -36.81 6.66 -16.01
N ASP C 275 -37.22 6.82 -17.27
CA ASP C 275 -36.37 7.46 -18.27
C ASP C 275 -36.15 8.94 -17.95
N LYS C 276 -37.23 9.68 -17.70
CA LYS C 276 -37.09 11.12 -17.46
C LYS C 276 -36.15 11.38 -16.28
N LYS C 277 -36.35 10.63 -15.20
CA LYS C 277 -35.45 10.73 -14.06
C LYS C 277 -34.02 10.42 -14.48
N TRP C 278 -33.83 9.41 -15.33
CA TRP C 278 -32.48 9.03 -15.73
C TRP C 278 -31.80 10.17 -16.48
N GLU C 279 -32.52 10.83 -17.40
CA GLU C 279 -31.92 11.98 -18.08
C GLU C 279 -31.60 13.10 -17.10
N ARG C 280 -32.48 13.35 -16.13
CA ARG C 280 -32.21 14.42 -15.17
C ARG C 280 -30.95 14.11 -14.36
N ILE C 281 -30.82 12.87 -13.88
CA ILE C 281 -29.64 12.47 -13.11
C ILE C 281 -28.38 12.56 -13.97
N LYS C 282 -28.47 12.10 -15.22
CA LYS C 282 -27.31 12.18 -16.11
C LYS C 282 -26.87 13.62 -16.29
N ALA C 283 -27.83 14.54 -16.48
CA ALA C 283 -27.50 15.94 -16.64
C ALA C 283 -26.82 16.48 -15.37
N LYS C 284 -27.35 16.13 -14.21
CA LYS C 284 -26.77 16.59 -12.95
C LYS C 284 -25.32 16.11 -12.82
N PHE C 285 -25.08 14.82 -13.08
CA PHE C 285 -23.74 14.28 -12.95
C PHE C 285 -22.78 14.96 -13.92
N ASN C 286 -23.20 15.09 -15.19
CA ASN C 286 -22.34 15.68 -16.20
C ASN C 286 -21.99 17.12 -15.84
N THR C 287 -22.97 17.89 -15.38
CA THR C 287 -22.68 19.27 -15.01
C THR C 287 -21.82 19.34 -13.76
N LYS C 288 -21.95 18.39 -12.84
CA LYS C 288 -21.09 18.36 -11.67
C LYS C 288 -19.63 18.14 -12.08
N LEU C 289 -19.37 17.18 -12.96
CA LEU C 289 -17.99 16.96 -13.38
C LEU C 289 -17.42 18.17 -14.11
N LYS C 290 -18.21 18.79 -14.98
CA LYS C 290 -17.74 19.91 -15.79
C LYS C 290 -17.20 21.04 -14.91
N GLU D 135 -16.08 11.34 41.64
CA GLU D 135 -16.82 12.37 42.43
C GLU D 135 -17.35 13.46 41.50
N LEU D 136 -16.44 14.21 40.89
CA LEU D 136 -16.81 15.26 39.94
C LEU D 136 -16.88 14.71 38.52
N GLU D 137 -17.64 13.62 38.36
CA GLU D 137 -17.76 12.98 37.05
C GLU D 137 -18.68 13.74 36.11
N LYS D 138 -19.68 14.43 36.65
CA LYS D 138 -20.71 15.09 35.84
C LYS D 138 -20.34 16.52 35.47
N LYS D 139 -19.23 17.04 35.96
CA LYS D 139 -18.83 18.40 35.62
C LYS D 139 -18.08 18.42 34.30
N ILE D 140 -17.99 19.60 33.70
CA ILE D 140 -17.32 19.81 32.42
C ILE D 140 -16.18 20.78 32.65
N PHE D 141 -14.97 20.37 32.28
CA PHE D 141 -13.78 21.21 32.41
C PHE D 141 -13.38 21.67 31.01
N ILE D 142 -13.74 22.91 30.68
CA ILE D 142 -13.52 23.44 29.34
C ILE D 142 -12.09 23.94 29.23
N SER D 143 -11.19 23.07 28.78
CA SER D 143 -9.81 23.48 28.54
C SER D 143 -9.73 24.34 27.29
N HIS D 144 -8.99 25.44 27.36
CA HIS D 144 -8.95 26.39 26.26
C HIS D 144 -7.77 27.32 26.46
N SER D 145 -7.54 28.18 25.46
CA SER D 145 -6.58 29.26 25.54
C SER D 145 -7.31 30.59 25.71
N SER D 146 -6.71 31.50 26.47
CA SER D 146 -7.35 32.77 26.75
C SER D 146 -7.50 33.65 25.52
N LYS D 147 -6.84 33.33 24.42
CA LYS D 147 -6.96 34.09 23.18
C LYS D 147 -8.13 33.64 22.31
N ASP D 148 -8.89 32.63 22.75
CA ASP D 148 -10.07 32.16 22.05
C ASP D 148 -11.32 32.42 22.88
N LYS D 149 -11.40 33.60 23.48
CA LYS D 149 -12.46 33.88 24.44
C LYS D 149 -13.83 33.93 23.80
N ILE D 150 -13.94 34.53 22.61
CA ILE D 150 -15.25 34.75 22.01
C ILE D 150 -15.90 33.43 21.61
N VAL D 151 -15.15 32.58 20.91
CA VAL D 151 -15.71 31.32 20.43
C VAL D 151 -16.08 30.42 21.61
N CYS D 152 -15.21 30.35 22.62
CA CYS D 152 -15.51 29.54 23.79
C CYS D 152 -16.69 30.11 24.56
N ASN D 153 -16.83 31.43 24.60
CA ASN D 153 -17.99 32.04 25.25
C ASN D 153 -19.27 31.63 24.55
N ALA D 154 -19.28 31.69 23.22
CA ALA D 154 -20.46 31.25 22.47
C ALA D 154 -20.73 29.77 22.70
N PHE D 155 -19.69 28.95 22.73
CA PHE D 155 -19.85 27.52 22.92
C PHE D 155 -20.45 27.20 24.29
N VAL D 156 -19.94 27.85 25.34
CA VAL D 156 -20.46 27.60 26.68
C VAL D 156 -21.87 28.14 26.83
N GLU D 157 -22.17 29.28 26.20
CA GLU D 157 -23.53 29.81 26.24
C GLU D 157 -24.50 28.85 25.56
N LEU D 158 -24.09 28.26 24.43
CA LEU D 158 -24.92 27.25 23.79
C LEU D 158 -25.10 26.03 24.69
N LEU D 159 -24.04 25.61 25.36
CA LEU D 159 -24.14 24.50 26.30
C LEU D 159 -25.18 24.79 27.37
N GLU D 160 -25.16 25.99 27.93
CA GLU D 160 -26.17 26.38 28.92
C GLU D 160 -27.55 26.41 28.29
N ASP D 161 -27.66 26.90 27.06
CA ASP D 161 -28.96 27.00 26.41
C ASP D 161 -29.61 25.63 26.23
N ILE D 162 -28.83 24.64 25.81
CA ILE D 162 -29.40 23.30 25.61
C ILE D 162 -30.00 22.76 26.90
N GLY D 163 -29.54 23.22 28.05
CA GLY D 163 -30.12 22.81 29.31
C GLY D 163 -29.12 22.22 30.29
N VAL D 164 -27.85 22.58 30.15
CA VAL D 164 -26.82 22.14 31.08
C VAL D 164 -26.70 23.18 32.19
N SER D 165 -26.86 22.71 33.44
CA SER D 165 -26.80 23.62 34.58
C SER D 165 -25.47 24.37 34.59
N SER D 166 -25.54 25.69 34.81
CA SER D 166 -24.34 26.51 34.74
C SER D 166 -23.36 26.24 35.88
N GLU D 167 -23.77 25.50 36.90
CA GLU D 167 -22.86 25.16 37.99
C GLU D 167 -21.97 23.97 37.67
N ASP D 168 -22.22 23.27 36.57
CA ASP D 168 -21.39 22.15 36.15
C ASP D 168 -20.20 22.60 35.31
N ILE D 169 -20.42 23.55 34.40
CA ILE D 169 -19.34 24.01 33.53
C ILE D 169 -18.28 24.71 34.38
N ILE D 170 -17.01 24.38 34.14
CA ILE D 170 -15.90 25.03 34.82
C ILE D 170 -15.08 25.76 33.77
N TYR D 171 -15.41 27.03 33.55
CA TYR D 171 -14.78 27.84 32.52
C TYR D 171 -14.11 29.03 33.18
N THR D 172 -12.78 29.04 33.21
CA THR D 172 -12.01 29.97 34.02
C THR D 172 -11.66 31.25 33.26
N SER D 173 -12.49 31.63 32.28
CA SER D 173 -12.37 32.93 31.64
C SER D 173 -13.68 33.70 31.69
N SER D 174 -14.63 33.24 32.50
CA SER D 174 -15.91 33.90 32.70
C SER D 174 -16.11 34.20 34.17
N PRO D 175 -16.59 35.38 34.56
CA PRO D 175 -16.76 35.68 35.99
C PRO D 175 -17.76 34.78 36.69
N TYR D 176 -18.64 34.10 35.95
CA TYR D 176 -19.71 33.31 36.55
C TYR D 176 -19.38 31.83 36.69
N HIS D 177 -18.34 31.34 36.03
CA HIS D 177 -17.89 29.97 36.20
C HIS D 177 -16.46 29.87 36.71
N GLY D 178 -15.73 30.98 36.81
CA GLY D 178 -14.32 30.95 37.15
C GLY D 178 -14.04 30.50 38.57
N ILE D 179 -12.82 30.76 39.03
CA ILE D 179 -12.37 30.34 40.36
C ILE D 179 -12.96 31.27 41.41
N PRO D 180 -13.45 30.76 42.54
CA PRO D 180 -13.91 31.66 43.61
C PRO D 180 -12.77 32.54 44.12
N GLY D 181 -13.15 33.62 44.79
CA GLY D 181 -12.17 34.52 45.34
C GLY D 181 -11.48 33.95 46.56
N ASP D 182 -10.26 34.43 46.81
CA ASP D 182 -9.45 33.99 47.94
C ASP D 182 -9.13 32.50 47.87
N GLU D 183 -9.05 31.97 46.65
CA GLU D 183 -8.73 30.57 46.42
C GLU D 183 -7.43 30.46 45.63
N ASP D 184 -6.76 29.33 45.76
CA ASP D 184 -5.57 29.05 44.98
C ASP D 184 -5.97 28.58 43.59
N ILE D 185 -5.45 29.25 42.56
CA ILE D 185 -5.84 28.93 41.19
C ILE D 185 -5.49 27.48 40.86
N PHE D 186 -4.21 27.16 40.91
CA PHE D 186 -3.75 25.85 40.44
C PHE D 186 -4.20 24.73 41.37
N GLU D 187 -4.28 24.98 42.67
CA GLU D 187 -4.82 23.97 43.56
C GLU D 187 -6.27 23.66 43.24
N TYR D 188 -7.07 24.70 42.96
CA TYR D 188 -8.46 24.49 42.55
C TYR D 188 -8.54 23.68 41.27
N LEU D 189 -7.77 24.07 40.25
CA LEU D 189 -7.81 23.34 38.98
C LEU D 189 -7.37 21.89 39.15
N LYS D 190 -6.32 21.64 39.93
CA LYS D 190 -5.87 20.28 40.16
C LYS D 190 -6.93 19.48 40.93
N LYS D 191 -7.58 20.10 41.91
CA LYS D 191 -8.63 19.41 42.65
C LYS D 191 -9.76 19.00 41.71
N HIS D 192 -10.09 19.87 40.75
CA HIS D 192 -11.15 19.53 39.81
C HIS D 192 -10.73 18.44 38.83
N LEU D 193 -9.51 18.54 38.29
CA LEU D 193 -9.05 17.54 37.33
C LEU D 193 -8.87 16.17 37.97
N PHE D 194 -8.31 16.13 39.18
CA PHE D 194 -8.03 14.86 39.85
C PHE D 194 -9.28 14.07 40.16
N LYS D 195 -10.44 14.73 40.20
CA LYS D 195 -11.69 14.08 40.59
C LYS D 195 -12.47 13.52 39.41
N GLY D 196 -12.00 13.72 38.19
CA GLY D 196 -12.64 13.12 37.03
C GLY D 196 -13.57 14.04 36.27
N ALA D 197 -13.12 15.26 35.98
CA ALA D 197 -13.92 16.19 35.21
C ALA D 197 -13.87 15.84 33.73
N TYR D 198 -15.03 15.83 33.08
CA TYR D 198 -15.14 15.54 31.66
C TYR D 198 -14.51 16.69 30.88
N VAL D 199 -13.34 16.45 30.30
CA VAL D 199 -12.56 17.53 29.70
C VAL D 199 -12.92 17.68 28.22
N PHE D 200 -12.98 18.93 27.77
CA PHE D 200 -13.18 19.28 26.37
C PHE D 200 -11.92 20.03 25.91
N TYR D 201 -11.31 19.56 24.84
CA TYR D 201 -10.12 20.20 24.27
C TYR D 201 -10.55 21.16 23.19
N MET D 202 -10.49 22.47 23.47
CA MET D 202 -10.75 23.48 22.44
C MET D 202 -9.49 23.67 21.60
N LEU D 203 -9.23 22.67 20.76
CA LEU D 203 -7.98 22.65 20.01
C LEU D 203 -7.95 23.77 18.99
N SER D 204 -6.85 24.51 18.96
CA SER D 204 -6.66 25.60 18.01
C SER D 204 -5.17 25.92 17.94
N ASP D 205 -4.83 26.98 17.21
CA ASP D 205 -3.43 27.37 17.09
C ASP D 205 -2.86 27.85 18.42
N ASN D 206 -3.65 28.57 19.21
CA ASN D 206 -3.20 29.07 20.49
C ASN D 206 -3.20 28.01 21.59
N TYR D 207 -3.91 26.91 21.40
CA TYR D 207 -3.88 25.84 22.38
C TYR D 207 -2.53 25.15 22.43
N TYR D 208 -1.83 25.07 21.29
CA TYR D 208 -0.52 24.45 21.22
C TYR D 208 0.60 25.48 21.33
N ASP D 209 0.30 26.68 21.82
CA ASP D 209 1.29 27.69 22.15
C ASP D 209 0.99 28.25 23.55
N SER D 210 0.76 27.35 24.50
CA SER D 210 0.42 27.73 25.88
C SER D 210 0.85 26.59 26.79
N VAL D 211 1.81 26.89 27.67
CA VAL D 211 2.37 25.84 28.53
C VAL D 211 1.30 25.25 29.43
N TYR D 212 0.47 26.11 30.02
CA TYR D 212 -0.52 25.62 30.99
C TYR D 212 -1.52 24.68 30.34
N CYS D 213 -1.96 24.98 29.12
CA CYS D 213 -2.91 24.11 28.43
C CYS D 213 -2.33 22.71 28.19
N LEU D 214 -1.07 22.65 27.75
CA LEU D 214 -0.42 21.36 27.58
C LEU D 214 -0.25 20.63 28.91
N ASN D 215 -0.01 21.35 30.00
CA ASN D 215 0.02 20.70 31.30
C ASN D 215 -1.34 20.11 31.68
N GLU D 216 -2.44 20.83 31.39
CA GLU D 216 -3.76 20.23 31.64
C GLU D 216 -3.97 19.00 30.78
N MET D 217 -3.52 19.04 29.51
CA MET D 217 -3.62 17.88 28.65
C MET D 217 -2.90 16.69 29.24
N GLY D 218 -1.65 16.89 29.68
CA GLY D 218 -0.92 15.81 30.30
C GLY D 218 -1.57 15.28 31.56
N ALA D 219 -2.13 16.18 32.38
CA ALA D 219 -2.80 15.74 33.60
C ALA D 219 -3.99 14.86 33.29
N THR D 220 -4.86 15.30 32.38
CA THR D 220 -6.03 14.50 32.04
C THR D 220 -5.62 13.22 31.32
N TRP D 221 -4.49 13.22 30.63
CA TRP D 221 -4.00 12.01 29.98
C TRP D 221 -3.59 10.96 31.01
N VAL D 222 -2.79 11.38 32.00
CA VAL D 222 -2.33 10.41 33.00
C VAL D 222 -3.50 9.95 33.88
N ASN D 223 -4.38 10.87 34.26
CA ASN D 223 -5.49 10.47 35.11
C ASN D 223 -6.51 9.62 34.38
N SER D 224 -6.50 9.63 33.04
CA SER D 224 -7.44 8.85 32.24
C SER D 224 -8.87 9.38 32.38
N ASN D 225 -9.00 10.70 32.40
CA ASN D 225 -10.31 11.32 32.48
C ASN D 225 -11.03 11.20 31.14
N ASN D 226 -12.36 11.18 31.20
CA ASN D 226 -13.15 11.20 29.97
C ASN D 226 -12.87 12.48 29.21
N CYS D 227 -12.65 12.36 27.92
CA CYS D 227 -12.18 13.46 27.09
C CYS D 227 -12.99 13.57 25.82
N SER D 228 -13.04 14.78 25.26
CA SER D 228 -13.64 15.00 23.95
C SER D 228 -12.92 16.17 23.29
N THR D 229 -12.61 16.01 22.01
CA THR D 229 -11.90 17.03 21.24
C THR D 229 -12.91 17.90 20.50
N PHE D 230 -12.57 19.18 20.32
CA PHE D 230 -13.41 20.13 19.59
C PHE D 230 -12.47 21.03 18.80
N ILE D 231 -12.57 20.96 17.48
CA ILE D 231 -11.71 21.77 16.62
C ILE D 231 -12.35 23.14 16.45
N LEU D 232 -11.71 24.16 16.98
CA LEU D 232 -12.25 25.50 16.82
C LEU D 232 -12.14 25.93 15.36
N PRO D 233 -13.05 26.79 14.89
CA PRO D 233 -13.00 27.20 13.48
C PRO D 233 -11.65 27.82 13.12
N GLY D 234 -11.16 27.50 11.93
CA GLY D 234 -9.90 28.03 11.45
C GLY D 234 -8.68 27.20 11.76
N PHE D 235 -8.83 26.09 12.47
CA PHE D 235 -7.69 25.25 12.83
C PHE D 235 -7.58 24.10 11.83
N LYS D 236 -6.42 24.01 11.18
CA LYS D 236 -6.17 22.97 10.18
C LYS D 236 -4.82 22.30 10.41
N GLY D 237 -4.40 22.24 11.67
CA GLY D 237 -3.10 21.68 12.03
C GLY D 237 -3.18 20.20 12.38
N GLU D 238 -2.15 19.74 13.08
CA GLU D 238 -2.02 18.34 13.47
C GLU D 238 -2.24 18.20 14.96
N ILE D 239 -2.93 17.13 15.35
CA ILE D 239 -3.22 16.87 16.76
C ILE D 239 -2.00 16.20 17.41
N LYS D 240 -1.12 17.01 17.98
CA LYS D 240 0.09 16.52 18.62
C LYS D 240 -0.18 16.18 20.08
N GLY D 241 0.89 15.95 20.83
CA GLY D 241 0.78 15.65 22.24
C GLY D 241 0.39 14.20 22.49
N VAL D 242 -0.02 13.94 23.73
CA VAL D 242 -0.42 12.59 24.14
C VAL D 242 -1.91 12.35 23.96
N ILE D 243 -2.65 13.34 23.45
CA ILE D 243 -4.07 13.15 23.20
C ILE D 243 -4.26 12.14 22.09
N ASP D 244 -5.25 11.27 22.23
CA ASP D 244 -5.51 10.22 21.24
C ASP D 244 -5.68 10.84 19.87
N LYS D 245 -4.75 10.52 18.95
CA LYS D 245 -4.76 11.11 17.62
C LYS D 245 -5.70 10.38 16.67
N ASN D 246 -6.18 9.19 17.03
CA ASN D 246 -7.07 8.42 16.19
C ASN D 246 -8.53 8.55 16.60
N LYS D 247 -8.84 9.47 17.50
CA LYS D 247 -10.23 9.74 17.89
C LYS D 247 -10.81 10.84 17.01
N LYS D 248 -12.09 10.70 16.69
CA LYS D 248 -12.74 11.64 15.80
C LYS D 248 -13.12 12.92 16.55
N ALA D 249 -12.89 14.06 15.92
CA ALA D 249 -13.10 15.37 16.54
C ALA D 249 -14.40 15.98 16.08
N PHE D 250 -14.98 16.84 16.92
CA PHE D 250 -16.22 17.54 16.60
C PHE D 250 -15.89 18.89 15.97
N SER D 251 -16.47 19.15 14.80
CA SER D 251 -16.33 20.45 14.16
C SER D 251 -17.49 21.36 14.57
N LEU D 252 -17.35 22.65 14.24
CA LEU D 252 -18.35 23.65 14.60
C LEU D 252 -18.58 24.61 13.43
N GLU D 253 -18.71 24.08 12.22
CA GLU D 253 -18.90 24.92 11.04
C GLU D 253 -20.26 24.69 10.40
N GLU D 254 -20.56 23.45 10.01
CA GLU D 254 -21.80 23.16 9.30
C GLU D 254 -22.93 22.87 10.28
N PRO D 255 -24.18 23.02 9.84
CA PRO D 255 -25.32 22.70 10.73
C PRO D 255 -25.31 21.27 11.22
N ILE D 256 -24.82 20.32 10.42
CA ILE D 256 -24.79 18.94 10.85
C ILE D 256 -23.86 18.77 12.04
N ASP D 257 -22.75 19.51 12.09
CA ASP D 257 -21.87 19.43 13.25
C ASP D 257 -22.56 19.88 14.52
N LEU D 258 -23.31 20.99 14.46
CA LEU D 258 -24.05 21.44 15.62
C LEU D 258 -25.17 20.47 15.99
N PHE D 259 -25.81 19.85 15.01
CA PHE D 259 -26.82 18.84 15.33
C PHE D 259 -26.19 17.66 16.06
N ASN D 260 -25.03 17.20 15.59
CA ASN D 260 -24.36 16.09 16.26
C ASN D 260 -23.94 16.48 17.68
N LEU D 261 -23.44 17.70 17.85
CA LEU D 261 -23.05 18.17 19.18
C LEU D 261 -24.26 18.22 20.12
N LYS D 262 -25.38 18.75 19.63
CA LYS D 262 -26.59 18.81 20.43
C LYS D 262 -27.06 17.41 20.83
N GLU D 263 -27.04 16.47 19.87
CA GLU D 263 -27.45 15.11 20.20
C GLU D 263 -26.51 14.50 21.24
N LYS D 264 -25.21 14.75 21.10
CA LYS D 264 -24.24 14.24 22.06
C LYS D 264 -24.55 14.76 23.46
N ILE D 265 -24.78 16.07 23.60
CA ILE D 265 -25.02 16.64 24.92
C ILE D 265 -26.32 16.10 25.49
N LEU D 266 -27.38 16.03 24.67
CA LEU D 266 -28.65 15.55 25.16
C LEU D 266 -28.54 14.11 25.63
N ARG D 267 -27.81 13.27 24.89
CA ARG D 267 -27.60 11.89 25.31
C ARG D 267 -26.78 11.83 26.59
N MET D 268 -25.76 12.69 26.72
CA MET D 268 -24.89 12.65 27.89
C MET D 268 -25.66 13.00 29.16
N TYR D 269 -26.41 14.10 29.13
CA TYR D 269 -27.07 14.60 30.33
C TYR D 269 -28.54 14.19 30.43
N ASP D 270 -29.04 13.41 29.48
CA ASP D 270 -30.43 12.93 29.51
C ASP D 270 -31.39 14.13 29.58
N LEU D 271 -31.37 14.92 28.51
CA LEU D 271 -32.22 16.10 28.37
C LEU D 271 -33.16 15.92 27.18
N THR D 272 -33.97 16.95 26.93
CA THR D 272 -34.85 16.98 25.77
C THR D 272 -34.90 18.40 25.25
N LEU D 273 -35.22 18.53 23.96
CA LEU D 273 -35.26 19.82 23.30
C LEU D 273 -36.31 19.79 22.21
N GLU D 274 -36.74 20.99 21.79
CA GLU D 274 -37.74 21.15 20.75
C GLU D 274 -37.14 21.89 19.57
N ASP D 275 -37.72 21.66 18.39
CA ASP D 275 -37.10 22.14 17.16
C ASP D 275 -37.01 23.67 17.15
N LYS D 276 -38.09 24.35 17.53
CA LYS D 276 -38.09 25.81 17.52
C LYS D 276 -36.93 26.37 18.36
N LYS D 277 -36.78 25.85 19.58
CA LYS D 277 -35.67 26.26 20.42
C LYS D 277 -34.35 25.97 19.75
N TRP D 278 -34.26 24.85 19.03
CA TRP D 278 -33.00 24.51 18.37
C TRP D 278 -32.65 25.53 17.29
N GLU D 279 -33.64 25.93 16.48
CA GLU D 279 -33.35 26.94 15.45
C GLU D 279 -32.97 28.26 16.09
N ARG D 280 -33.67 28.66 17.16
CA ARG D 280 -33.33 29.90 17.84
C ARG D 280 -31.90 29.86 18.37
N ILE D 281 -31.51 28.76 19.02
CA ILE D 281 -30.17 28.64 19.58
C ILE D 281 -29.12 28.65 18.47
N LYS D 282 -29.37 27.92 17.38
CA LYS D 282 -28.42 27.90 16.28
C LYS D 282 -28.24 29.29 15.69
N ALA D 283 -29.33 30.03 15.51
CA ALA D 283 -29.22 31.39 14.98
C ALA D 283 -28.45 32.28 15.95
N LYS D 284 -28.70 32.14 17.25
CA LYS D 284 -27.96 32.93 18.22
C LYS D 284 -26.46 32.63 18.14
N PHE D 285 -26.10 31.36 18.06
CA PHE D 285 -24.69 30.98 17.96
C PHE D 285 -24.05 31.56 16.71
N ASN D 286 -24.74 31.41 15.57
CA ASN D 286 -24.17 31.91 14.32
C ASN D 286 -23.99 33.42 14.36
N THR D 287 -24.97 34.14 14.93
CA THR D 287 -24.84 35.58 15.06
C THR D 287 -23.67 35.93 15.97
N LYS D 288 -23.50 35.19 17.07
CA LYS D 288 -22.39 35.45 17.98
C LYS D 288 -21.05 35.31 17.26
N LEU D 289 -20.88 34.23 16.50
CA LEU D 289 -19.61 34.03 15.80
C LEU D 289 -19.41 35.05 14.69
N LYS D 290 -20.47 35.43 13.99
CA LYS D 290 -20.35 36.39 12.90
C LYS D 290 -19.85 37.74 13.42
N GLU E 135 -6.59 -38.71 -23.92
CA GLU E 135 -6.00 -39.94 -24.53
C GLU E 135 -4.49 -39.89 -24.47
N LEU E 136 -3.90 -38.82 -24.98
CA LEU E 136 -2.46 -38.61 -24.96
C LEU E 136 -2.04 -37.71 -23.81
N GLU E 137 -2.78 -37.75 -22.70
CA GLU E 137 -2.44 -36.92 -21.55
C GLU E 137 -1.12 -37.33 -20.90
N LYS E 138 -0.60 -38.52 -21.24
CA LYS E 138 0.64 -39.00 -20.67
C LYS E 138 1.87 -38.58 -21.48
N LYS E 139 1.68 -37.94 -22.62
CA LYS E 139 2.80 -37.42 -23.40
C LYS E 139 3.28 -36.10 -22.79
N ILE E 140 4.45 -35.66 -23.25
CA ILE E 140 5.06 -34.41 -22.80
C ILE E 140 5.40 -33.61 -24.06
N PHE E 141 4.50 -32.73 -24.47
CA PHE E 141 4.80 -31.82 -25.57
C PHE E 141 5.73 -30.73 -25.07
N ILE E 142 6.86 -30.58 -25.74
CA ILE E 142 7.89 -29.64 -25.30
C ILE E 142 7.94 -28.45 -26.24
N SER E 143 7.20 -27.39 -25.93
CA SER E 143 7.27 -26.17 -26.71
C SER E 143 8.63 -25.52 -26.52
N HIS E 144 9.19 -25.01 -27.62
CA HIS E 144 10.51 -24.40 -27.58
C HIS E 144 10.76 -23.70 -28.90
N SER E 145 11.93 -23.07 -28.99
CA SER E 145 12.40 -22.43 -30.20
C SER E 145 13.64 -23.18 -30.71
N SER E 146 13.77 -23.23 -32.03
CA SER E 146 14.88 -23.97 -32.64
C SER E 146 16.23 -23.37 -32.33
N LYS E 147 16.28 -22.14 -31.80
CA LYS E 147 17.53 -21.50 -31.42
C LYS E 147 17.99 -21.89 -30.02
N ASP E 148 17.22 -22.71 -29.31
CA ASP E 148 17.56 -23.19 -27.99
C ASP E 148 17.76 -24.70 -28.00
N LYS E 149 18.45 -25.20 -29.03
CA LYS E 149 18.57 -26.63 -29.22
C LYS E 149 19.36 -27.31 -28.10
N ILE E 150 20.45 -26.68 -27.67
CA ILE E 150 21.39 -27.37 -26.77
C ILE E 150 20.77 -27.54 -25.39
N VAL E 151 20.20 -26.48 -24.83
CA VAL E 151 19.65 -26.55 -23.48
C VAL E 151 18.47 -27.51 -23.43
N CYS E 152 17.58 -27.43 -24.43
CA CYS E 152 16.45 -28.34 -24.47
C CYS E 152 16.90 -29.78 -24.71
N ASN E 153 17.97 -29.98 -25.48
CA ASN E 153 18.51 -31.31 -25.66
C ASN E 153 19.00 -31.89 -24.34
N ALA E 154 19.74 -31.09 -23.58
CA ALA E 154 20.21 -31.56 -22.27
C ALA E 154 19.03 -31.84 -21.34
N PHE E 155 18.02 -30.98 -21.36
CA PHE E 155 16.84 -31.17 -20.52
C PHE E 155 16.10 -32.47 -20.88
N VAL E 156 15.94 -32.74 -22.17
CA VAL E 156 15.26 -33.96 -22.59
C VAL E 156 16.09 -35.19 -22.25
N GLU E 157 17.41 -35.09 -22.39
CA GLU E 157 18.26 -36.21 -22.01
C GLU E 157 18.15 -36.49 -20.51
N LEU E 158 18.11 -35.44 -19.70
CA LEU E 158 17.90 -35.62 -18.25
C LEU E 158 16.56 -36.27 -17.99
N LEU E 159 15.51 -35.83 -18.69
CA LEU E 159 14.19 -36.43 -18.52
C LEU E 159 14.22 -37.91 -18.83
N GLU E 160 14.89 -38.29 -19.92
CA GLU E 160 15.02 -39.71 -20.26
C GLU E 160 15.81 -40.46 -19.19
N ASP E 161 16.88 -39.85 -18.67
CA ASP E 161 17.71 -40.51 -17.68
C ASP E 161 16.91 -40.80 -16.41
N ILE E 162 16.08 -39.85 -15.98
CA ILE E 162 15.30 -40.07 -14.76
C ILE E 162 14.43 -41.31 -14.88
N GLY E 163 14.00 -41.64 -16.11
CA GLY E 163 13.19 -42.83 -16.33
C GLY E 163 11.99 -42.58 -17.22
N VAL E 164 11.93 -41.42 -17.85
CA VAL E 164 10.83 -41.10 -18.76
C VAL E 164 11.05 -41.83 -20.08
N SER E 165 10.05 -42.59 -20.52
CA SER E 165 10.17 -43.32 -21.77
C SER E 165 10.40 -42.37 -22.93
N SER E 166 11.26 -42.78 -23.86
CA SER E 166 11.57 -41.94 -25.01
C SER E 166 10.41 -41.85 -26.01
N GLU E 167 9.40 -42.70 -25.87
CA GLU E 167 8.24 -42.68 -26.75
C GLU E 167 7.16 -41.70 -26.28
N ASP E 168 7.38 -40.99 -25.19
CA ASP E 168 6.44 -40.00 -24.68
C ASP E 168 6.83 -38.58 -25.08
N ILE E 169 8.09 -38.22 -24.89
CA ILE E 169 8.55 -36.88 -25.25
C ILE E 169 8.33 -36.66 -26.74
N ILE E 170 7.86 -35.47 -27.10
CA ILE E 170 7.56 -35.13 -28.49
C ILE E 170 8.44 -33.95 -28.90
N TYR E 171 9.65 -33.89 -28.36
CA TYR E 171 10.62 -32.88 -28.75
C TYR E 171 10.80 -32.92 -30.27
N THR E 172 10.51 -31.81 -30.93
CA THR E 172 10.50 -31.78 -32.39
C THR E 172 11.90 -31.75 -33.00
N SER E 173 12.84 -31.07 -32.35
CA SER E 173 14.16 -30.85 -32.92
C SER E 173 15.11 -32.04 -32.77
N SER E 174 14.59 -33.22 -32.45
CA SER E 174 15.41 -34.41 -32.35
C SER E 174 14.95 -35.46 -33.36
N PRO E 175 15.87 -36.08 -34.11
CA PRO E 175 15.43 -37.12 -35.06
C PRO E 175 14.76 -38.30 -34.39
N TYR E 176 15.01 -38.53 -33.10
CA TYR E 176 14.45 -39.67 -32.39
C TYR E 176 13.13 -39.36 -31.71
N HIS E 177 12.72 -38.08 -31.68
CA HIS E 177 11.39 -37.71 -31.19
C HIS E 177 10.64 -36.79 -32.15
N GLY E 178 11.19 -36.51 -33.33
CA GLY E 178 10.61 -35.56 -34.24
C GLY E 178 9.42 -36.11 -34.99
N ILE E 179 9.01 -35.36 -36.02
CA ILE E 179 7.83 -35.72 -36.81
C ILE E 179 8.20 -36.87 -37.74
N PRO E 180 7.46 -37.98 -37.73
CA PRO E 180 7.75 -39.06 -38.70
C PRO E 180 7.60 -38.56 -40.12
N GLY E 181 8.39 -39.15 -41.02
CA GLY E 181 8.39 -38.73 -42.40
C GLY E 181 7.07 -39.03 -43.10
N ASP E 182 6.83 -38.29 -44.18
CA ASP E 182 5.62 -38.43 -44.99
C ASP E 182 4.38 -38.07 -44.19
N GLU E 183 4.49 -37.11 -43.28
CA GLU E 183 3.38 -36.66 -42.46
C GLU E 183 3.34 -35.14 -42.47
N ASP E 184 2.13 -34.59 -42.39
CA ASP E 184 1.96 -33.14 -42.31
C ASP E 184 2.62 -32.63 -41.05
N ILE E 185 3.45 -31.59 -41.19
CA ILE E 185 4.20 -31.07 -40.06
C ILE E 185 3.25 -30.55 -38.99
N PHE E 186 2.24 -29.79 -39.41
CA PHE E 186 1.37 -29.11 -38.47
C PHE E 186 0.20 -29.97 -38.00
N GLU E 187 -0.32 -30.85 -38.85
CA GLU E 187 -1.43 -31.71 -38.42
C GLU E 187 -1.01 -32.63 -37.28
N TYR E 188 0.25 -33.08 -37.28
CA TYR E 188 0.73 -33.95 -36.20
C TYR E 188 0.67 -33.23 -34.86
N LEU E 189 1.25 -32.02 -34.80
CA LEU E 189 1.20 -31.23 -33.58
C LEU E 189 -0.23 -30.88 -33.21
N LYS E 190 -1.07 -30.60 -34.20
CA LYS E 190 -2.47 -30.29 -33.92
C LYS E 190 -3.16 -31.46 -33.25
N LYS E 191 -2.97 -32.66 -33.76
CA LYS E 191 -3.58 -33.84 -33.14
C LYS E 191 -3.06 -34.04 -31.73
N HIS E 192 -1.74 -33.91 -31.54
CA HIS E 192 -1.16 -34.15 -30.21
C HIS E 192 -1.69 -33.15 -29.19
N LEU E 193 -1.73 -31.86 -29.56
CA LEU E 193 -2.25 -30.86 -28.64
C LEU E 193 -3.74 -31.04 -28.39
N PHE E 194 -4.52 -31.33 -29.43
CA PHE E 194 -5.96 -31.48 -29.27
C PHE E 194 -6.31 -32.66 -28.37
N LYS E 195 -5.61 -33.79 -28.52
CA LYS E 195 -5.94 -34.96 -27.72
C LYS E 195 -5.52 -34.81 -26.26
N GLY E 196 -4.77 -33.78 -25.93
CA GLY E 196 -4.32 -33.56 -24.56
C GLY E 196 -2.86 -33.93 -24.43
N ALA E 197 -2.07 -33.01 -23.87
CA ALA E 197 -0.64 -33.25 -23.70
C ALA E 197 -0.03 -32.25 -22.73
N TYR E 198 0.76 -32.75 -21.79
CA TYR E 198 1.41 -31.89 -20.81
C TYR E 198 2.41 -30.98 -21.50
N VAL E 199 2.10 -29.70 -21.61
CA VAL E 199 2.95 -28.75 -22.33
C VAL E 199 4.01 -28.22 -21.38
N PHE E 200 5.20 -27.95 -21.93
CA PHE E 200 6.35 -27.49 -21.16
C PHE E 200 6.88 -26.22 -21.83
N TYR E 201 6.41 -25.06 -21.38
CA TYR E 201 6.85 -23.80 -21.98
C TYR E 201 8.29 -23.54 -21.59
N MET E 202 9.22 -23.82 -22.51
CA MET E 202 10.64 -23.55 -22.30
C MET E 202 10.89 -22.07 -22.62
N LEU E 203 10.47 -21.21 -21.71
CA LEU E 203 10.45 -19.78 -21.98
C LEU E 203 11.86 -19.23 -22.13
N SER E 204 12.02 -18.26 -23.01
CA SER E 204 13.28 -17.57 -23.23
C SER E 204 13.02 -16.39 -24.16
N ASP E 205 14.08 -15.62 -24.44
CA ASP E 205 13.93 -14.47 -25.33
C ASP E 205 13.53 -14.92 -26.73
N ASN E 206 14.15 -15.99 -27.23
CA ASN E 206 13.82 -16.48 -28.56
C ASN E 206 12.42 -17.10 -28.62
N TYR E 207 11.83 -17.42 -27.46
CA TYR E 207 10.48 -17.96 -27.45
C TYR E 207 9.43 -16.92 -27.80
N TYR E 208 9.73 -15.63 -27.60
CA TYR E 208 8.81 -14.56 -27.90
C TYR E 208 9.12 -13.86 -29.22
N ASP E 209 9.98 -14.46 -30.04
CA ASP E 209 10.23 -13.98 -31.40
C ASP E 209 9.82 -15.00 -32.45
N SER E 210 9.31 -16.16 -32.04
CA SER E 210 8.87 -17.21 -32.95
C SER E 210 7.36 -17.25 -32.94
N VAL E 211 6.75 -17.02 -34.10
CA VAL E 211 5.29 -16.99 -34.19
C VAL E 211 4.72 -18.35 -33.79
N TYR E 212 5.29 -19.44 -34.32
CA TYR E 212 4.74 -20.76 -34.07
C TYR E 212 4.65 -21.07 -32.58
N CYS E 213 5.64 -20.63 -31.81
CA CYS E 213 5.60 -20.86 -30.37
C CYS E 213 4.39 -20.17 -29.74
N LEU E 214 4.09 -18.95 -30.16
CA LEU E 214 2.93 -18.24 -29.63
C LEU E 214 1.63 -18.92 -30.06
N ASN E 215 1.60 -19.44 -31.29
CA ASN E 215 0.41 -20.19 -31.70
C ASN E 215 0.22 -21.45 -30.84
N GLU E 216 1.30 -22.15 -30.51
CA GLU E 216 1.16 -23.29 -29.61
C GLU E 216 0.69 -22.85 -28.23
N MET E 217 1.20 -21.71 -27.74
CA MET E 217 0.74 -21.18 -26.47
C MET E 217 -0.76 -20.95 -26.49
N GLY E 218 -1.28 -20.29 -27.53
CA GLY E 218 -2.71 -20.08 -27.63
C GLY E 218 -3.50 -21.36 -27.74
N ALA E 219 -3.01 -22.31 -28.53
CA ALA E 219 -3.71 -23.58 -28.71
C ALA E 219 -3.82 -24.36 -27.41
N THR E 220 -2.75 -24.37 -26.61
CA THR E 220 -2.81 -25.04 -25.31
C THR E 220 -3.62 -24.24 -24.30
N TRP E 221 -3.66 -22.91 -24.43
CA TRP E 221 -4.46 -22.11 -23.52
C TRP E 221 -5.96 -22.38 -23.71
N VAL E 222 -6.42 -22.31 -24.96
CA VAL E 222 -7.85 -22.43 -25.19
C VAL E 222 -8.35 -23.84 -24.89
N ASN E 223 -7.52 -24.85 -25.14
CA ASN E 223 -7.95 -26.23 -24.94
C ASN E 223 -7.95 -26.65 -23.48
N SER E 224 -7.38 -25.84 -22.59
CA SER E 224 -7.29 -26.19 -21.17
C SER E 224 -6.39 -27.41 -20.96
N ASN E 225 -5.19 -27.32 -21.54
CA ASN E 225 -4.22 -28.40 -21.46
C ASN E 225 -3.36 -28.24 -20.21
N ASN E 226 -3.07 -29.35 -19.55
CA ASN E 226 -2.14 -29.34 -18.43
C ASN E 226 -0.80 -28.78 -18.91
N CYS E 227 -0.22 -27.88 -18.13
CA CYS E 227 0.94 -27.14 -18.60
C CYS E 227 1.86 -26.82 -17.43
N SER E 228 3.12 -26.54 -17.77
CA SER E 228 4.11 -26.10 -16.80
C SER E 228 5.08 -25.16 -17.50
N THR E 229 5.73 -24.30 -16.71
CA THR E 229 6.65 -23.31 -17.22
C THR E 229 8.07 -23.61 -16.76
N PHE E 230 9.04 -23.32 -17.62
CA PHE E 230 10.45 -23.58 -17.32
C PHE E 230 11.24 -22.41 -17.89
N ILE E 231 11.86 -21.63 -17.01
CA ILE E 231 12.66 -20.49 -17.45
C ILE E 231 14.06 -20.99 -17.79
N LEU E 232 14.46 -20.85 -19.06
CA LEU E 232 15.80 -21.22 -19.45
C LEU E 232 16.80 -20.21 -18.88
N PRO E 233 18.07 -20.60 -18.74
CA PRO E 233 19.06 -19.67 -18.18
C PRO E 233 19.17 -18.37 -18.97
N GLY E 234 19.34 -17.26 -18.26
CA GLY E 234 19.57 -15.98 -18.90
C GLY E 234 18.31 -15.22 -19.30
N PHE E 235 17.13 -15.70 -18.93
CA PHE E 235 15.87 -15.02 -19.27
C PHE E 235 15.49 -14.11 -18.11
N LYS E 236 15.80 -12.83 -18.25
CA LYS E 236 15.48 -11.82 -17.24
C LYS E 236 14.17 -11.09 -17.53
N GLY E 237 13.45 -11.47 -18.57
CA GLY E 237 12.23 -10.80 -18.93
C GLY E 237 11.04 -11.24 -18.09
N GLU E 238 9.87 -10.77 -18.51
CA GLU E 238 8.62 -11.05 -17.81
C GLU E 238 7.70 -11.86 -18.70
N ILE E 239 6.91 -12.73 -18.07
CA ILE E 239 5.96 -13.56 -18.81
C ILE E 239 4.90 -12.69 -19.45
N LYS E 240 4.60 -12.96 -20.73
CA LYS E 240 3.53 -12.29 -21.44
C LYS E 240 2.57 -13.32 -22.03
N GLY E 241 1.63 -12.87 -22.86
CA GLY E 241 0.71 -13.80 -23.47
C GLY E 241 -0.43 -14.18 -22.53
N VAL E 242 -0.97 -15.38 -22.75
CA VAL E 242 -2.18 -15.81 -22.07
C VAL E 242 -1.90 -16.97 -21.13
N ILE E 243 -0.64 -17.18 -20.76
CA ILE E 243 -0.26 -18.18 -19.79
C ILE E 243 -0.22 -17.53 -18.42
N ASP E 244 -0.62 -18.28 -17.39
CA ASP E 244 -0.68 -17.75 -16.04
C ASP E 244 0.61 -17.03 -15.68
N LYS E 245 0.54 -15.72 -15.48
CA LYS E 245 1.71 -14.96 -15.03
C LYS E 245 1.94 -15.08 -13.53
N ASN E 246 0.96 -15.59 -12.78
CA ASN E 246 1.08 -15.75 -11.34
C ASN E 246 1.37 -17.19 -10.94
N LYS E 247 1.63 -18.07 -11.90
CA LYS E 247 1.98 -19.46 -11.61
C LYS E 247 3.48 -19.59 -11.45
N LYS E 248 3.90 -20.29 -10.40
CA LYS E 248 5.32 -20.43 -10.11
C LYS E 248 5.97 -21.35 -11.14
N ALA E 249 7.14 -20.94 -11.64
CA ALA E 249 7.86 -21.67 -12.66
C ALA E 249 9.03 -22.44 -12.06
N PHE E 250 9.66 -23.27 -12.88
CA PHE E 250 10.80 -24.09 -12.49
C PHE E 250 12.05 -23.54 -13.17
N SER E 251 12.90 -22.86 -12.41
CA SER E 251 14.20 -22.48 -12.92
C SER E 251 15.12 -23.69 -12.95
N LEU E 252 16.18 -23.61 -13.76
CA LEU E 252 17.22 -24.64 -13.79
C LEU E 252 18.58 -23.94 -13.71
N GLU E 253 19.00 -23.58 -12.51
CA GLU E 253 20.33 -23.03 -12.29
C GLU E 253 21.08 -23.80 -11.20
N GLU E 254 20.43 -24.02 -10.07
CA GLU E 254 21.11 -24.52 -8.88
C GLU E 254 20.65 -25.93 -8.54
N PRO E 255 21.41 -26.64 -7.70
CA PRO E 255 21.04 -28.03 -7.39
C PRO E 255 19.65 -28.19 -6.79
N ILE E 256 19.19 -27.24 -5.99
CA ILE E 256 17.85 -27.36 -5.42
C ILE E 256 16.79 -27.33 -6.50
N ASP E 257 16.99 -26.51 -7.55
CA ASP E 257 16.03 -26.49 -8.65
C ASP E 257 15.95 -27.84 -9.34
N LEU E 258 17.10 -28.47 -9.62
CA LEU E 258 17.09 -29.78 -10.24
C LEU E 258 16.49 -30.84 -9.33
N PHE E 259 16.72 -30.73 -8.02
CA PHE E 259 16.08 -31.66 -7.09
C PHE E 259 14.57 -31.51 -7.13
N ASN E 260 14.07 -30.27 -7.16
CA ASN E 260 12.63 -30.06 -7.25
C ASN E 260 12.07 -30.62 -8.54
N LEU E 261 12.76 -30.39 -9.66
CA LEU E 261 12.30 -30.92 -10.94
C LEU E 261 12.28 -32.45 -10.92
N LYS E 262 13.32 -33.07 -10.34
CA LYS E 262 13.37 -34.51 -10.26
C LYS E 262 12.21 -35.06 -9.45
N GLU E 263 11.92 -34.44 -8.30
CA GLU E 263 10.81 -34.89 -7.49
C GLU E 263 9.48 -34.70 -8.22
N LYS E 264 9.34 -33.59 -8.94
CA LYS E 264 8.14 -33.35 -9.73
C LYS E 264 7.93 -34.47 -10.74
N ILE E 265 8.97 -34.81 -11.50
CA ILE E 265 8.84 -35.85 -12.52
C ILE E 265 8.55 -37.19 -11.88
N LEU E 266 9.23 -37.51 -10.78
CA LEU E 266 9.02 -38.79 -10.12
C LEU E 266 7.58 -38.93 -9.64
N ARG E 267 7.03 -37.86 -9.06
CA ARG E 267 5.62 -37.90 -8.68
C ARG E 267 4.71 -37.96 -9.89
N MET E 268 5.11 -37.32 -10.99
CA MET E 268 4.28 -37.34 -12.19
C MET E 268 4.12 -38.74 -12.74
N TYR E 269 5.23 -39.45 -12.94
CA TYR E 269 5.22 -40.74 -13.61
C TYR E 269 5.36 -41.93 -12.67
N ASP E 270 5.45 -41.70 -11.36
CA ASP E 270 5.53 -42.77 -10.38
C ASP E 270 6.74 -43.67 -10.69
N LEU E 271 7.91 -43.07 -10.50
CA LEU E 271 9.19 -43.73 -10.71
C LEU E 271 9.99 -43.73 -9.40
N THR E 272 11.22 -44.22 -9.48
CA THR E 272 12.14 -44.24 -8.35
C THR E 272 13.54 -43.96 -8.86
N LEU E 273 14.41 -43.52 -7.95
CA LEU E 273 15.78 -43.18 -8.30
C LEU E 273 16.67 -43.37 -7.07
N GLU E 274 17.97 -43.46 -7.34
CA GLU E 274 18.98 -43.64 -6.30
C GLU E 274 19.90 -42.42 -6.25
N ASP E 275 20.42 -42.15 -5.05
CA ASP E 275 21.16 -40.90 -4.83
C ASP E 275 22.41 -40.84 -5.71
N LYS E 276 23.16 -41.94 -5.79
CA LYS E 276 24.35 -41.95 -6.63
C LYS E 276 23.99 -41.77 -8.09
N LYS E 277 22.91 -42.44 -8.54
CA LYS E 277 22.43 -42.22 -9.90
C LYS E 277 22.06 -40.77 -10.12
N TRP E 278 21.39 -40.16 -9.14
CA TRP E 278 21.01 -38.76 -9.28
C TRP E 278 22.23 -37.86 -9.39
N GLU E 279 23.28 -38.13 -8.60
CA GLU E 279 24.49 -37.33 -8.69
C GLU E 279 25.15 -37.48 -10.05
N ARG E 280 25.19 -38.71 -10.57
CA ARG E 280 25.75 -38.90 -11.91
C ARG E 280 24.95 -38.14 -12.96
N ILE E 281 23.62 -38.21 -12.88
CA ILE E 281 22.77 -37.53 -13.85
C ILE E 281 22.97 -36.02 -13.77
N LYS E 282 23.02 -35.48 -12.56
CA LYS E 282 23.23 -34.05 -12.39
C LYS E 282 24.58 -33.62 -12.94
N ALA E 283 25.63 -34.43 -12.70
CA ALA E 283 26.93 -34.11 -13.25
C ALA E 283 26.90 -34.10 -14.77
N LYS E 284 26.23 -35.08 -15.38
CA LYS E 284 26.12 -35.11 -16.83
C LYS E 284 25.40 -33.87 -17.35
N PHE E 285 24.28 -33.50 -16.72
CA PHE E 285 23.52 -32.34 -17.17
C PHE E 285 24.35 -31.06 -17.04
N ASN E 286 25.04 -30.90 -15.92
CA ASN E 286 25.86 -29.70 -15.73
C ASN E 286 26.99 -29.65 -16.74
N THR E 287 27.62 -30.80 -17.05
CA THR E 287 28.66 -30.82 -18.07
C THR E 287 28.10 -30.42 -19.42
N LYS E 288 26.91 -30.92 -19.77
CA LYS E 288 26.30 -30.57 -21.04
C LYS E 288 26.02 -29.08 -21.12
N LEU E 289 25.44 -28.51 -20.06
CA LEU E 289 25.08 -27.10 -20.08
C LEU E 289 26.32 -26.20 -20.07
N LYS E 290 27.39 -26.64 -19.42
CA LYS E 290 28.60 -25.83 -19.32
C LYS E 290 29.13 -25.44 -20.69
N GLU F 135 -4.17 -21.81 13.27
CA GLU F 135 -3.47 -22.99 12.67
C GLU F 135 -1.98 -22.72 12.50
N LEU F 136 -1.65 -21.86 11.54
CA LEU F 136 -0.26 -21.50 11.28
C LEU F 136 0.18 -20.33 12.14
N GLU F 137 -0.01 -20.46 13.46
CA GLU F 137 0.43 -19.44 14.40
C GLU F 137 1.91 -19.56 14.74
N LYS F 138 2.55 -20.69 14.43
CA LYS F 138 3.94 -20.93 14.75
C LYS F 138 4.88 -20.58 13.62
N LYS F 139 4.36 -20.12 12.48
CA LYS F 139 5.19 -19.73 11.36
C LYS F 139 5.60 -18.27 11.46
N ILE F 140 6.55 -17.87 10.62
CA ILE F 140 7.02 -16.49 10.55
C ILE F 140 6.89 -16.04 9.10
N PHE F 141 6.23 -14.90 8.90
CA PHE F 141 6.06 -14.31 7.57
C PHE F 141 6.90 -13.04 7.54
N ILE F 142 8.03 -13.10 6.84
CA ILE F 142 8.98 -12.00 6.82
C ILE F 142 8.63 -11.06 5.68
N SER F 143 7.72 -10.12 5.92
CA SER F 143 7.42 -9.11 4.93
C SER F 143 8.65 -8.24 4.69
N HIS F 144 8.94 -7.97 3.42
CA HIS F 144 10.15 -7.24 3.06
C HIS F 144 10.03 -6.77 1.62
N SER F 145 11.04 -6.04 1.18
CA SER F 145 11.18 -5.63 -0.21
C SER F 145 12.37 -6.37 -0.83
N SER F 146 12.21 -6.78 -2.08
CA SER F 146 13.27 -7.54 -2.75
C SER F 146 14.54 -6.72 -2.96
N LYS F 147 14.47 -5.39 -2.80
CA LYS F 147 15.67 -4.57 -2.88
C LYS F 147 16.49 -4.61 -1.60
N ASP F 148 15.97 -5.23 -0.54
CA ASP F 148 16.70 -5.44 0.71
C ASP F 148 17.04 -6.92 0.88
N LYS F 149 17.40 -7.57 -0.23
CA LYS F 149 17.62 -9.01 -0.21
C LYS F 149 18.78 -9.40 0.69
N ILE F 150 19.86 -8.63 0.66
CA ILE F 150 21.07 -9.02 1.40
C ILE F 150 20.79 -9.05 2.90
N VAL F 151 20.46 -7.89 3.47
CA VAL F 151 20.35 -7.80 4.93
C VAL F 151 19.34 -8.81 5.45
N CYS F 152 18.14 -8.81 4.87
CA CYS F 152 17.11 -9.76 5.30
C CYS F 152 17.66 -11.18 5.28
N ASN F 153 18.38 -11.54 4.22
CA ASN F 153 18.99 -12.86 4.16
C ASN F 153 19.75 -13.15 5.44
N ALA F 154 20.73 -12.30 5.76
CA ALA F 154 21.49 -12.50 6.98
C ALA F 154 20.54 -12.67 8.16
N PHE F 155 19.57 -11.76 8.28
CA PHE F 155 18.64 -11.82 9.39
C PHE F 155 18.00 -13.20 9.50
N VAL F 156 17.44 -13.70 8.40
CA VAL F 156 16.76 -14.99 8.49
C VAL F 156 17.76 -16.07 8.86
N GLU F 157 18.97 -16.02 8.31
CA GLU F 157 19.97 -17.01 8.67
C GLU F 157 20.19 -16.99 10.18
N LEU F 158 20.28 -15.81 10.78
CA LEU F 158 20.46 -15.72 12.22
C LEU F 158 19.43 -16.57 12.93
N LEU F 159 18.16 -16.46 12.52
CA LEU F 159 17.12 -17.22 13.20
C LEU F 159 17.43 -18.71 13.17
N GLU F 160 17.81 -19.22 12.00
CA GLU F 160 18.11 -20.65 11.90
C GLU F 160 19.23 -21.05 12.84
N ASP F 161 20.20 -20.16 13.06
CA ASP F 161 21.28 -20.47 13.98
C ASP F 161 20.77 -20.59 15.41
N ILE F 162 19.81 -19.75 15.80
CA ILE F 162 19.32 -19.77 17.18
C ILE F 162 18.52 -21.04 17.46
N GLY F 163 17.93 -21.66 16.45
CA GLY F 163 17.18 -22.88 16.64
C GLY F 163 15.78 -22.87 16.05
N VAL F 164 15.52 -21.94 15.13
CA VAL F 164 14.25 -21.89 14.43
C VAL F 164 14.32 -22.88 13.26
N SER F 165 13.36 -23.80 13.21
CA SER F 165 13.33 -24.76 12.12
C SER F 165 13.22 -24.04 10.79
N SER F 166 13.98 -24.53 9.79
CA SER F 166 14.01 -23.87 8.50
C SER F 166 12.66 -23.89 7.79
N GLU F 167 11.74 -24.75 8.23
CA GLU F 167 10.43 -24.86 7.60
C GLU F 167 9.42 -23.86 8.14
N ASP F 168 9.75 -23.13 9.21
CA ASP F 168 8.82 -22.16 9.76
C ASP F 168 8.87 -20.83 9.00
N ILE F 169 10.09 -20.37 8.67
CA ILE F 169 10.24 -19.11 7.96
C ILE F 169 9.62 -19.23 6.58
N ILE F 170 8.87 -18.21 6.17
CA ILE F 170 8.21 -18.19 4.87
C ILE F 170 8.80 -17.05 4.04
N TYR F 171 10.09 -16.78 4.25
CA TYR F 171 10.81 -15.81 3.45
C TYR F 171 10.71 -16.19 1.98
N THR F 172 10.17 -15.29 1.15
CA THR F 172 9.90 -15.57 -0.24
C THR F 172 10.93 -14.93 -1.18
N SER F 173 12.19 -14.89 -0.77
CA SER F 173 13.28 -14.43 -1.64
C SER F 173 14.45 -15.40 -1.60
N SER F 174 14.25 -16.61 -1.08
CA SER F 174 15.26 -17.64 -1.05
C SER F 174 14.71 -18.91 -1.67
N PRO F 175 15.50 -19.64 -2.46
CA PRO F 175 14.97 -20.87 -3.08
C PRO F 175 14.52 -21.91 -2.08
N TYR F 176 15.03 -21.88 -0.85
CA TYR F 176 14.74 -22.91 0.14
C TYR F 176 13.55 -22.58 1.02
N HIS F 177 13.05 -21.35 0.97
CA HIS F 177 11.88 -20.94 1.73
C HIS F 177 10.76 -20.38 0.88
N GLY F 178 10.99 -20.14 -0.41
CA GLY F 178 10.02 -19.47 -1.25
C GLY F 178 8.78 -20.29 -1.56
N ILE F 179 8.07 -19.91 -2.61
CA ILE F 179 6.82 -20.58 -2.97
C ILE F 179 7.15 -21.86 -3.73
N PRO F 180 6.53 -23.00 -3.40
CA PRO F 180 6.77 -24.21 -4.17
C PRO F 180 6.34 -24.03 -5.62
N GLY F 181 7.03 -24.72 -6.52
CA GLY F 181 6.74 -24.58 -7.93
C GLY F 181 5.35 -25.11 -8.28
N ASP F 182 4.77 -24.52 -9.32
CA ASP F 182 3.44 -24.90 -9.82
C ASP F 182 2.34 -24.56 -8.82
N GLU F 183 2.54 -23.51 -8.01
CA GLU F 183 1.53 -23.05 -7.07
C GLU F 183 1.33 -21.56 -7.25
N ASP F 184 0.07 -21.14 -7.18
CA ASP F 184 -0.24 -19.73 -7.34
C ASP F 184 0.42 -18.91 -6.23
N ILE F 185 1.09 -17.83 -6.62
CA ILE F 185 1.85 -17.03 -5.68
C ILE F 185 0.93 -16.37 -4.66
N PHE F 186 0.03 -15.52 -5.14
CA PHE F 186 -0.76 -14.67 -4.25
C PHE F 186 -1.71 -15.51 -3.40
N GLU F 187 -2.34 -16.53 -3.98
CA GLU F 187 -3.18 -17.40 -3.19
C GLU F 187 -2.37 -18.12 -2.12
N TYR F 188 -1.14 -18.53 -2.46
CA TYR F 188 -0.30 -19.21 -1.49
C TYR F 188 0.03 -18.30 -0.31
N LEU F 189 0.37 -17.04 -0.59
CA LEU F 189 0.62 -16.09 0.49
C LEU F 189 -0.64 -15.81 1.29
N LYS F 190 -1.78 -15.69 0.61
CA LYS F 190 -3.03 -15.40 1.29
C LYS F 190 -3.42 -16.51 2.25
N LYS F 191 -3.19 -17.77 1.86
CA LYS F 191 -3.49 -18.87 2.77
C LYS F 191 -2.76 -18.70 4.10
N HIS F 192 -1.46 -18.42 4.03
CA HIS F 192 -0.66 -18.29 5.25
C HIS F 192 -1.10 -17.07 6.06
N LEU F 193 -1.28 -15.93 5.40
CA LEU F 193 -1.70 -14.73 6.13
C LEU F 193 -3.06 -14.92 6.80
N PHE F 194 -4.00 -15.54 6.08
CA PHE F 194 -5.33 -15.77 6.62
C PHE F 194 -5.29 -16.75 7.79
N LYS F 195 -4.42 -17.76 7.74
CA LYS F 195 -4.38 -18.74 8.81
C LYS F 195 -3.65 -18.25 10.06
N GLY F 196 -3.02 -17.07 10.02
CA GLY F 196 -2.50 -16.46 11.23
C GLY F 196 -1.00 -16.56 11.41
N ALA F 197 -0.24 -16.31 10.36
CA ALA F 197 1.21 -16.33 10.48
C ALA F 197 1.71 -15.14 11.29
N TYR F 198 2.73 -15.39 12.12
CA TYR F 198 3.36 -14.34 12.91
C TYR F 198 4.21 -13.47 11.99
N VAL F 199 3.75 -12.26 11.71
CA VAL F 199 4.35 -11.44 10.67
C VAL F 199 5.46 -10.57 11.24
N PHE F 200 6.48 -10.33 10.42
CA PHE F 200 7.58 -9.43 10.75
C PHE F 200 7.61 -8.31 9.71
N TYR F 201 7.62 -7.06 10.18
CA TYR F 201 7.66 -5.89 9.30
C TYR F 201 9.10 -5.42 9.21
N MET F 202 9.77 -5.77 8.12
CA MET F 202 11.20 -5.47 7.96
C MET F 202 11.32 -4.08 7.33
N LEU F 203 10.93 -3.07 8.11
CA LEU F 203 10.70 -1.74 7.56
C LEU F 203 11.98 -1.13 7.01
N SER F 204 11.84 -0.34 5.96
CA SER F 204 12.94 0.42 5.37
C SER F 204 12.36 1.40 4.37
N ASP F 205 13.24 2.13 3.67
CA ASP F 205 12.79 3.08 2.68
C ASP F 205 12.12 2.41 1.49
N ASN F 206 12.33 1.11 1.31
CA ASN F 206 11.72 0.38 0.20
C ASN F 206 10.40 -0.30 0.58
N TYR F 207 10.21 -0.63 1.85
CA TYR F 207 8.93 -1.18 2.28
C TYR F 207 7.78 -0.21 2.06
N TYR F 208 8.08 1.09 1.93
CA TYR F 208 7.07 2.10 1.67
C TYR F 208 7.09 2.57 0.23
N ASP F 209 7.77 1.85 -0.66
CA ASP F 209 7.81 2.13 -2.09
C ASP F 209 7.59 0.83 -2.86
N SER F 210 6.57 0.08 -2.45
CA SER F 210 6.24 -1.18 -3.09
C SER F 210 4.80 -1.51 -2.74
N VAL F 211 3.94 -1.65 -3.75
CA VAL F 211 2.51 -1.80 -3.51
C VAL F 211 2.22 -3.10 -2.76
N TYR F 212 2.96 -4.16 -3.08
CA TYR F 212 2.65 -5.46 -2.49
C TYR F 212 2.97 -5.50 -1.00
N CYS F 213 4.03 -4.81 -0.57
CA CYS F 213 4.34 -4.74 0.85
C CYS F 213 3.23 -4.02 1.62
N LEU F 214 2.72 -2.93 1.06
CA LEU F 214 1.62 -2.21 1.72
C LEU F 214 0.34 -3.04 1.72
N ASN F 215 0.08 -3.80 0.66
CA ASN F 215 -1.04 -4.72 0.70
C ASN F 215 -0.86 -5.79 1.77
N GLU F 216 0.36 -6.27 1.97
CA GLU F 216 0.63 -7.21 3.07
C GLU F 216 0.35 -6.55 4.42
N MET F 217 0.79 -5.30 4.59
CA MET F 217 0.51 -4.58 5.83
C MET F 217 -0.98 -4.50 6.08
N GLY F 218 -1.75 -4.13 5.06
CA GLY F 218 -3.20 -4.10 5.19
C GLY F 218 -3.80 -5.46 5.50
N ALA F 219 -3.32 -6.51 4.85
CA ALA F 219 -3.85 -7.85 5.09
C ALA F 219 -3.61 -8.31 6.52
N THR F 220 -2.47 -7.96 7.10
CA THR F 220 -2.21 -8.28 8.50
C THR F 220 -2.99 -7.38 9.45
N TRP F 221 -3.25 -6.12 9.06
CA TRP F 221 -3.96 -5.20 9.94
C TRP F 221 -5.39 -5.65 10.19
N VAL F 222 -6.13 -5.96 9.12
CA VAL F 222 -7.55 -6.23 9.26
C VAL F 222 -7.82 -7.58 9.92
N ASN F 223 -6.84 -8.46 9.96
CA ASN F 223 -7.01 -9.79 10.55
C ASN F 223 -6.57 -9.85 12.02
N SER F 224 -5.84 -8.84 12.49
CA SER F 224 -5.33 -8.82 13.87
C SER F 224 -4.27 -9.90 14.07
N ASN F 225 -3.42 -10.09 13.05
CA ASN F 225 -2.33 -11.05 13.16
C ASN F 225 -1.26 -10.53 14.12
N ASN F 226 -0.63 -11.45 14.83
CA ASN F 226 0.49 -11.08 15.69
C ASN F 226 1.59 -10.47 14.84
N CYS F 227 2.12 -9.34 15.27
CA CYS F 227 3.03 -8.54 14.47
C CYS F 227 4.27 -8.18 15.29
N SER F 228 5.27 -7.65 14.59
CA SER F 228 6.49 -7.17 15.24
C SER F 228 7.30 -6.35 14.24
N THR F 229 7.69 -5.14 14.62
CA THR F 229 8.42 -4.25 13.74
C THR F 229 9.92 -4.48 13.86
N PHE F 230 10.64 -4.21 12.78
CA PHE F 230 12.09 -4.32 12.74
C PHE F 230 12.62 -3.22 11.85
N ILE F 231 13.69 -2.56 12.27
CA ILE F 231 14.24 -1.42 11.55
C ILE F 231 15.54 -1.85 10.91
N LEU F 232 15.59 -1.82 9.58
CA LEU F 232 16.85 -2.09 8.89
C LEU F 232 17.80 -0.92 9.10
N PRO F 233 19.11 -1.16 9.08
CA PRO F 233 20.05 -0.05 9.27
C PRO F 233 19.86 1.04 8.23
N GLY F 234 19.97 2.29 8.69
CA GLY F 234 19.87 3.43 7.80
C GLY F 234 18.47 3.93 7.55
N PHE F 235 17.48 3.47 8.31
CA PHE F 235 16.09 3.91 8.14
C PHE F 235 15.85 5.07 9.10
N LYS F 236 16.27 6.27 8.67
CA LYS F 236 15.99 7.49 9.42
C LYS F 236 14.76 8.18 8.83
N GLY F 237 13.61 7.58 9.11
CA GLY F 237 12.37 8.05 8.54
C GLY F 237 11.18 7.92 9.48
N GLU F 238 9.98 8.04 8.94
CA GLU F 238 8.75 8.04 9.70
C GLU F 238 7.92 6.80 9.37
N ILE F 239 7.28 6.24 10.39
CA ILE F 239 6.39 5.09 10.21
C ILE F 239 5.03 5.62 9.77
N LYS F 240 4.54 5.13 8.64
CA LYS F 240 3.25 5.50 8.10
C LYS F 240 2.37 4.24 7.98
N GLY F 241 1.19 4.42 7.41
CA GLY F 241 0.26 3.33 7.25
C GLY F 241 -0.46 2.99 8.53
N VAL F 242 -1.29 1.94 8.45
CA VAL F 242 -2.11 1.52 9.59
C VAL F 242 -1.32 0.73 10.62
N ILE F 243 -0.01 0.52 10.41
CA ILE F 243 0.78 -0.16 11.41
C ILE F 243 0.79 0.65 12.69
N ASP F 244 0.74 -0.04 13.83
CA ASP F 244 0.72 0.64 15.12
C ASP F 244 1.97 1.52 15.25
N LYS F 245 1.76 2.84 15.25
CA LYS F 245 2.88 3.78 15.26
C LYS F 245 3.46 4.00 16.66
N ASN F 246 2.75 3.59 17.71
CA ASN F 246 3.21 3.76 19.07
C ASN F 246 3.78 2.48 19.66
N LYS F 247 4.01 1.47 18.84
CA LYS F 247 4.68 0.26 19.28
C LYS F 247 6.19 0.47 19.21
N LYS F 248 6.92 -0.38 19.94
CA LYS F 248 8.37 -0.26 20.01
C LYS F 248 9.01 -1.19 18.99
N ALA F 249 9.88 -0.63 18.16
CA ALA F 249 10.55 -1.38 17.10
C ALA F 249 11.89 -1.94 17.59
N PHE F 250 12.36 -2.95 16.88
CA PHE F 250 13.65 -3.57 17.16
C PHE F 250 14.69 -3.06 16.16
N SER F 251 15.79 -2.54 16.68
CA SER F 251 16.93 -2.20 15.84
C SER F 251 17.89 -3.38 15.76
N LEU F 252 18.79 -3.32 14.79
CA LEU F 252 19.72 -4.42 14.53
C LEU F 252 21.13 -3.86 14.29
N GLU F 253 21.57 -2.96 15.16
CA GLU F 253 22.86 -2.30 15.00
C GLU F 253 23.86 -2.66 16.09
N GLU F 254 23.51 -2.48 17.36
CA GLU F 254 24.44 -2.61 18.46
C GLU F 254 24.30 -3.96 19.15
N PRO F 255 25.30 -4.38 19.93
CA PRO F 255 25.22 -5.69 20.59
C PRO F 255 23.99 -5.87 21.45
N ILE F 256 23.56 -4.81 22.14
CA ILE F 256 22.38 -4.92 22.99
C ILE F 256 21.14 -5.20 22.14
N ASP F 257 21.09 -4.62 20.94
CA ASP F 257 19.95 -4.87 20.06
C ASP F 257 19.85 -6.35 19.69
N LEU F 258 20.97 -6.93 19.28
CA LEU F 258 20.96 -8.35 18.91
C LEU F 258 20.71 -9.23 20.12
N PHE F 259 21.20 -8.85 21.30
CA PHE F 259 20.90 -9.61 22.50
C PHE F 259 19.40 -9.60 22.79
N ASN F 260 18.76 -8.44 22.66
CA ASN F 260 17.33 -8.34 22.89
C ASN F 260 16.56 -9.17 21.87
N LEU F 261 16.96 -9.12 20.61
CA LEU F 261 16.29 -9.94 19.58
C LEU F 261 16.46 -11.42 19.87
N LYS F 262 17.66 -11.83 20.28
CA LYS F 262 17.89 -13.23 20.60
C LYS F 262 17.01 -13.68 21.75
N GLU F 263 16.91 -12.87 22.81
CA GLU F 263 16.06 -13.22 23.92
C GLU F 263 14.59 -13.28 23.50
N LYS F 264 14.17 -12.36 22.65
CA LYS F 264 12.80 -12.38 22.12
C LYS F 264 12.52 -13.71 21.42
N ILE F 265 13.42 -14.12 20.52
CA ILE F 265 13.20 -15.36 19.77
C ILE F 265 13.22 -16.56 20.70
N LEU F 266 14.16 -16.58 21.65
CA LEU F 266 14.23 -17.70 22.57
C LEU F 266 12.95 -17.83 23.38
N ARG F 267 12.41 -16.72 23.85
CA ARG F 267 11.14 -16.74 24.56
C ARG F 267 10.02 -17.20 23.64
N MET F 268 10.04 -16.76 22.37
CA MET F 268 8.98 -17.11 21.45
C MET F 268 8.91 -18.61 21.22
N TYR F 269 10.04 -19.22 20.87
CA TYR F 269 10.05 -20.63 20.46
C TYR F 269 10.50 -21.58 21.56
N ASP F 270 10.77 -21.08 22.77
CA ASP F 270 11.13 -21.93 23.90
C ASP F 270 12.36 -22.77 23.57
N LEU F 271 13.48 -22.07 23.39
CA LEU F 271 14.77 -22.70 23.08
C LEU F 271 15.79 -22.29 24.12
N THR F 272 17.01 -22.84 23.97
CA THR F 272 18.13 -22.51 24.84
C THR F 272 19.38 -22.33 23.98
N LEU F 273 20.31 -21.53 24.49
CA LEU F 273 21.54 -21.23 23.76
C LEU F 273 22.67 -21.05 24.75
N GLU F 274 23.90 -21.22 24.26
CA GLU F 274 25.11 -21.07 25.05
C GLU F 274 25.86 -19.82 24.60
N ASP F 275 26.67 -19.29 25.52
CA ASP F 275 27.34 -18.02 25.26
C ASP F 275 28.30 -18.12 24.08
N LYS F 276 29.08 -19.20 24.01
CA LYS F 276 30.06 -19.33 22.94
C LYS F 276 29.39 -19.38 21.57
N LYS F 277 28.32 -20.18 21.47
CA LYS F 277 27.53 -20.19 20.25
C LYS F 277 27.02 -18.80 19.91
N TRP F 278 26.60 -18.03 20.92
CA TRP F 278 26.08 -16.70 20.66
C TRP F 278 27.16 -15.79 20.11
N GLU F 279 28.37 -15.84 20.65
CA GLU F 279 29.45 -15.02 20.10
C GLU F 279 29.74 -15.41 18.66
N ARG F 280 29.78 -16.72 18.38
CA ARG F 280 30.03 -17.16 17.01
C ARG F 280 28.94 -16.63 16.07
N ILE F 281 27.68 -16.78 16.47
CA ILE F 281 26.56 -16.36 15.61
C ILE F 281 26.59 -14.86 15.40
N LYS F 282 26.85 -14.09 16.46
CA LYS F 282 26.90 -12.64 16.32
C LYS F 282 28.03 -12.22 15.39
N ALA F 283 29.19 -12.86 15.51
CA ALA F 283 30.29 -12.55 14.62
C ALA F 283 29.91 -12.84 13.17
N LYS F 284 29.26 -13.99 12.94
CA LYS F 284 28.82 -14.32 11.59
C LYS F 284 27.87 -13.26 11.04
N PHE F 285 26.88 -12.88 11.84
CA PHE F 285 25.90 -11.88 11.39
C PHE F 285 26.57 -10.56 11.07
N ASN F 286 27.49 -10.11 11.94
CA ASN F 286 28.15 -8.83 11.72
C ASN F 286 29.01 -8.85 10.46
N THR F 287 29.74 -9.96 10.23
CA THR F 287 30.54 -10.01 9.01
C THR F 287 29.64 -10.08 7.78
N LYS F 288 28.50 -10.77 7.88
CA LYS F 288 27.57 -10.80 6.76
C LYS F 288 27.06 -9.41 6.41
N LEU F 289 26.69 -8.63 7.41
CA LEU F 289 26.21 -7.28 7.13
C LEU F 289 27.26 -6.43 6.44
N LYS F 290 28.51 -6.52 6.91
CA LYS F 290 29.59 -5.74 6.34
C LYS F 290 29.82 -6.11 4.87
N GLU G 135 4.59 2.44 44.75
CA GLU G 135 5.26 1.17 44.36
C GLU G 135 6.60 1.45 43.67
N LEU G 136 6.62 2.49 42.85
CA LEU G 136 7.81 2.91 42.12
C LEU G 136 8.39 4.21 42.66
N GLU G 137 8.35 4.36 43.99
CA GLU G 137 8.90 5.56 44.60
C GLU G 137 10.41 5.66 44.37
N LYS G 138 11.11 4.53 44.43
CA LYS G 138 12.57 4.56 44.34
C LYS G 138 13.04 4.88 42.92
N LYS G 139 12.30 4.45 41.90
CA LYS G 139 12.74 4.66 40.53
C LYS G 139 12.82 6.15 40.22
N ILE G 140 13.78 6.51 39.37
CA ILE G 140 14.01 7.89 38.96
C ILE G 140 13.57 8.05 37.52
N PHE G 141 12.65 8.98 37.28
CA PHE G 141 12.15 9.26 35.94
C PHE G 141 12.82 10.53 35.46
N ILE G 142 13.81 10.38 34.59
CA ILE G 142 14.60 11.51 34.11
C ILE G 142 13.88 12.17 32.94
N SER G 143 13.11 13.20 33.23
CA SER G 143 12.44 13.96 32.16
C SER G 143 13.45 14.88 31.48
N HIS G 144 13.38 14.93 30.15
CA HIS G 144 14.36 15.70 29.39
C HIS G 144 13.85 15.86 27.96
N SER G 145 14.60 16.62 27.18
CA SER G 145 14.39 16.77 25.75
C SER G 145 15.46 15.99 24.99
N SER G 146 15.07 15.44 23.84
CA SER G 146 15.99 14.61 23.07
C SER G 146 17.15 15.40 22.49
N LYS G 147 17.10 16.72 22.50
CA LYS G 147 18.18 17.55 22.00
C LYS G 147 19.24 17.85 23.04
N ASP G 148 19.08 17.34 24.26
CA ASP G 148 20.05 17.49 25.34
C ASP G 148 20.64 16.13 25.71
N LYS G 149 20.96 15.33 24.71
CA LYS G 149 21.34 13.94 24.94
C LYS G 149 22.69 13.83 25.64
N ILE G 150 23.66 14.68 25.27
CA ILE G 150 25.02 14.52 25.79
C ILE G 150 25.06 14.85 27.28
N VAL G 151 24.49 15.99 27.67
CA VAL G 151 24.54 16.40 29.07
C VAL G 151 23.77 15.42 29.94
N CYS G 152 22.60 14.98 29.48
CA CYS G 152 21.82 14.01 30.23
C CYS G 152 22.53 12.67 30.32
N ASN G 153 23.24 12.27 29.25
CA ASN G 153 24.02 11.04 29.30
C ASN G 153 25.10 11.13 30.36
N ALA G 154 25.83 12.25 30.39
CA ALA G 154 26.84 12.43 31.42
C ALA G 154 26.22 12.41 32.82
N PHE G 155 25.08 13.08 32.98
CA PHE G 155 24.43 13.16 34.28
C PHE G 155 23.99 11.77 34.75
N VAL G 156 23.39 10.98 33.87
CA VAL G 156 22.93 9.65 34.26
C VAL G 156 24.11 8.73 34.52
N GLU G 157 25.18 8.85 33.74
CA GLU G 157 26.37 8.04 34.01
C GLU G 157 26.97 8.38 35.36
N LEU G 158 27.00 9.66 35.73
CA LEU G 158 27.44 10.05 37.06
C LEU G 158 26.52 9.48 38.14
N LEU G 159 25.21 9.53 37.89
CA LEU G 159 24.25 8.94 38.82
C LEU G 159 24.57 7.48 39.06
N GLU G 160 24.84 6.72 37.98
CA GLU G 160 25.21 5.33 38.13
C GLU G 160 26.53 5.18 38.88
N ASP G 161 27.49 6.06 38.59
CA ASP G 161 28.81 5.96 39.22
C ASP G 161 28.72 6.12 40.73
N ILE G 162 27.90 7.07 41.20
CA ILE G 162 27.81 7.29 42.64
C ILE G 162 27.33 6.03 43.36
N GLY G 163 26.57 5.18 42.66
CA GLY G 163 26.14 3.92 43.25
C GLY G 163 24.66 3.60 43.05
N VAL G 164 23.99 4.35 42.19
CA VAL G 164 22.58 4.10 41.90
C VAL G 164 22.50 3.01 40.83
N SER G 165 21.83 1.90 41.16
CA SER G 165 21.70 0.80 40.22
C SER G 165 21.01 1.26 38.94
N SER G 166 21.51 0.78 37.81
CA SER G 166 20.99 1.22 36.51
C SER G 166 19.57 0.74 36.24
N GLU G 167 19.04 -0.17 37.05
CA GLU G 167 17.67 -0.63 36.86
C GLU G 167 16.63 0.32 37.45
N ASP G 168 17.06 1.36 38.16
CA ASP G 168 16.14 2.36 38.72
C ASP G 168 15.94 3.54 37.78
N ILE G 169 17.01 3.97 37.10
CA ILE G 169 16.89 5.10 36.18
C ILE G 169 16.04 4.70 35.00
N ILE G 170 15.13 5.58 34.59
CA ILE G 170 14.21 5.31 33.49
C ILE G 170 14.50 6.29 32.37
N TYR G 171 15.77 6.67 32.22
CA TYR G 171 16.19 7.48 31.08
C TYR G 171 15.73 6.81 29.80
N THR G 172 15.07 7.57 28.92
CA THR G 172 14.36 7.01 27.78
C THR G 172 15.13 7.16 26.47
N SER G 173 16.21 7.95 26.49
CA SER G 173 17.04 8.12 25.30
C SER G 173 18.29 7.24 25.38
N SER G 174 18.28 6.22 26.23
CA SER G 174 19.39 5.31 26.41
C SER G 174 18.94 3.88 26.10
N PRO G 175 19.66 3.16 25.23
CA PRO G 175 19.23 1.78 24.93
C PRO G 175 19.20 0.87 26.14
N TYR G 176 19.99 1.16 27.17
CA TYR G 176 20.06 0.30 28.35
C TYR G 176 19.07 0.70 29.44
N HIS G 177 18.37 1.82 29.27
CA HIS G 177 17.35 2.25 30.22
C HIS G 177 15.99 2.49 29.57
N GLY G 178 15.90 2.46 28.24
CA GLY G 178 14.69 2.85 27.54
C GLY G 178 13.54 1.88 27.70
N ILE G 179 12.61 1.92 26.77
CA ILE G 179 11.39 1.11 26.85
C ILE G 179 11.68 -0.27 26.27
N PRO G 180 11.27 -1.35 26.94
CA PRO G 180 11.44 -2.68 26.33
C PRO G 180 10.70 -2.79 25.02
N GLY G 181 11.24 -3.59 24.12
CA GLY G 181 10.63 -3.77 22.81
C GLY G 181 9.28 -4.45 22.90
N ASP G 182 8.46 -4.21 21.88
CA ASP G 182 7.11 -4.74 21.77
C ASP G 182 6.19 -4.22 22.88
N GLU G 183 6.49 -3.04 23.42
CA GLU G 183 5.68 -2.43 24.45
C GLU G 183 5.19 -1.06 23.97
N ASP G 184 4.07 -0.63 24.52
CA ASP G 184 3.52 0.68 24.20
C ASP G 184 4.31 1.77 24.91
N ILE G 185 4.81 2.73 24.15
CA ILE G 185 5.64 3.79 24.69
C ILE G 185 4.87 4.55 25.76
N PHE G 186 3.76 5.17 25.34
CA PHE G 186 3.06 6.09 26.22
C PHE G 186 2.38 5.38 27.37
N GLU G 187 1.86 4.17 27.15
CA GLU G 187 1.31 3.41 28.26
C GLU G 187 2.38 3.09 29.29
N TYR G 188 3.58 2.71 28.83
CA TYR G 188 4.69 2.44 29.74
C TYR G 188 5.05 3.66 30.56
N LEU G 189 5.26 4.80 29.89
CA LEU G 189 5.60 6.03 30.61
C LEU G 189 4.50 6.44 31.57
N LYS G 190 3.24 6.32 31.15
CA LYS G 190 2.12 6.70 32.00
C LYS G 190 2.04 5.82 33.23
N LYS G 191 2.25 4.52 33.08
CA LYS G 191 2.26 3.64 34.24
C LYS G 191 3.38 4.03 35.19
N HIS G 192 4.57 4.30 34.66
CA HIS G 192 5.69 4.65 35.53
C HIS G 192 5.42 5.94 36.29
N LEU G 193 4.87 6.95 35.63
CA LEU G 193 4.54 8.19 36.31
C LEU G 193 3.43 7.98 37.33
N PHE G 194 2.37 7.28 36.95
CA PHE G 194 1.24 7.08 37.84
C PHE G 194 1.63 6.30 39.09
N LYS G 195 2.67 5.45 38.99
CA LYS G 195 3.07 4.65 40.13
C LYS G 195 3.90 5.44 41.15
N GLY G 196 4.40 6.61 40.80
CA GLY G 196 5.08 7.46 41.77
C GLY G 196 6.57 7.61 41.56
N ALA G 197 7.01 7.66 40.31
CA ALA G 197 8.43 7.82 40.03
C ALA G 197 8.93 9.18 40.49
N TYR G 198 10.13 9.20 41.07
CA TYR G 198 10.76 10.43 41.55
C TYR G 198 11.30 11.19 40.33
N VAL G 199 10.51 12.13 39.84
CA VAL G 199 10.84 12.80 38.58
C VAL G 199 11.96 13.82 38.78
N PHE G 200 12.82 13.94 37.77
CA PHE G 200 13.85 14.97 37.70
C PHE G 200 13.58 15.82 36.47
N TYR G 201 13.52 17.13 36.65
CA TYR G 201 13.34 18.04 35.52
C TYR G 201 14.70 18.48 35.00
N MET G 202 14.95 18.24 33.71
CA MET G 202 16.16 18.75 33.05
C MET G 202 15.82 20.03 32.30
N LEU G 203 15.62 21.10 33.06
CA LEU G 203 15.12 22.34 32.47
C LEU G 203 16.17 22.95 31.56
N SER G 204 15.73 23.37 30.37
CA SER G 204 16.61 24.01 29.41
C SER G 204 15.74 24.71 28.36
N ASP G 205 16.39 25.24 27.32
CA ASP G 205 15.67 25.94 26.27
C ASP G 205 14.87 25.01 25.39
N ASN G 206 15.16 23.71 25.38
CA ASN G 206 14.40 22.74 24.61
C ASN G 206 13.31 22.05 25.42
N TYR G 207 13.43 22.03 26.75
CA TYR G 207 12.39 21.46 27.58
C TYR G 207 11.10 22.27 27.47
N TYR G 208 11.18 23.55 27.14
CA TYR G 208 10.02 24.41 26.97
C TYR G 208 9.69 24.65 25.50
N ASP G 209 10.25 23.83 24.61
CA ASP G 209 9.91 23.85 23.20
C ASP G 209 9.70 22.40 22.74
N SER G 210 8.94 21.65 23.54
CA SER G 210 8.65 20.25 23.25
C SER G 210 7.35 19.91 23.98
N VAL G 211 6.32 19.54 23.23
CA VAL G 211 5.02 19.30 23.84
C VAL G 211 5.11 18.18 24.88
N TYR G 212 5.66 17.04 24.49
CA TYR G 212 5.64 15.87 25.37
C TYR G 212 6.26 16.17 26.72
N CYS G 213 7.32 16.99 26.76
CA CYS G 213 7.91 17.35 28.04
C CYS G 213 6.92 18.09 28.92
N LEU G 214 6.13 18.99 28.34
CA LEU G 214 5.15 19.73 29.13
C LEU G 214 3.99 18.84 29.58
N ASN G 215 3.58 17.88 28.75
CA ASN G 215 2.60 16.90 29.24
C ASN G 215 3.16 16.08 30.39
N GLU G 216 4.44 15.70 30.33
CA GLU G 216 5.06 15.02 31.47
C GLU G 216 5.06 15.92 32.71
N MET G 217 5.36 17.20 32.53
CA MET G 217 5.30 18.15 33.65
C MET G 217 3.93 18.15 34.30
N GLY G 218 2.88 18.33 33.50
CA GLY G 218 1.53 18.29 34.05
C GLY G 218 1.17 16.98 34.70
N ALA G 219 1.60 15.86 34.11
CA ALA G 219 1.32 14.55 34.66
C ALA G 219 1.93 14.39 36.04
N THR G 220 3.16 14.83 36.23
CA THR G 220 3.77 14.75 37.56
C THR G 220 3.22 15.82 38.50
N TRP G 221 2.72 16.93 37.97
CA TRP G 221 2.14 17.97 38.83
C TRP G 221 0.84 17.49 39.47
N VAL G 222 -0.06 16.93 38.67
CA VAL G 222 -1.38 16.58 39.20
C VAL G 222 -1.27 15.43 40.19
N ASN G 223 -0.40 14.46 39.91
CA ASN G 223 -0.27 13.31 40.81
C ASN G 223 0.48 13.67 42.09
N SER G 224 1.20 14.79 42.11
CA SER G 224 1.96 15.21 43.28
C SER G 224 3.15 14.28 43.53
N ASN G 225 3.82 13.88 42.46
CA ASN G 225 5.02 13.06 42.59
C ASN G 225 6.17 13.90 43.13
N ASN G 226 7.08 13.24 43.83
CA ASN G 226 8.30 13.91 44.28
C ASN G 226 9.09 14.40 43.08
N CYS G 227 9.55 15.64 43.15
CA CYS G 227 10.20 16.30 42.01
C CYS G 227 11.50 16.93 42.45
N SER G 228 12.27 17.36 41.46
CA SER G 228 13.53 18.06 41.69
C SER G 228 13.97 18.70 40.38
N THR G 229 14.27 19.99 40.41
CA THR G 229 14.67 20.72 39.22
C THR G 229 16.18 20.65 39.04
N PHE G 230 16.62 20.72 37.78
CA PHE G 230 18.04 20.71 37.44
C PHE G 230 18.20 21.64 36.24
N ILE G 231 18.93 22.73 36.43
CA ILE G 231 19.16 23.68 35.35
C ILE G 231 20.34 23.21 34.53
N LEU G 232 20.09 22.81 33.29
CA LEU G 232 21.19 22.38 32.44
C LEU G 232 22.07 23.59 32.11
N PRO G 233 23.37 23.38 31.90
CA PRO G 233 24.26 24.51 31.60
C PRO G 233 23.78 25.31 30.40
N GLY G 234 23.88 26.63 30.51
CA GLY G 234 23.51 27.52 29.43
C GLY G 234 22.07 28.01 29.46
N PHE G 235 21.28 27.59 30.45
CA PHE G 235 19.89 28.00 30.56
C PHE G 235 19.78 29.13 31.56
N LYS G 236 19.28 30.29 31.10
CA LYS G 236 19.10 31.47 31.95
C LYS G 236 17.70 32.04 31.79
N GLY G 237 16.73 31.18 31.52
CA GLY G 237 15.36 31.60 31.31
C GLY G 237 14.56 31.62 32.59
N GLU G 238 13.24 31.65 32.42
CA GLU G 238 12.29 31.73 33.53
C GLU G 238 11.53 30.40 33.65
N ILE G 239 11.39 29.93 34.89
CA ILE G 239 10.69 28.68 35.14
C ILE G 239 9.19 28.89 35.01
N LYS G 240 8.63 28.49 33.88
CA LYS G 240 7.21 28.66 33.61
C LYS G 240 6.45 27.38 33.95
N GLY G 241 5.18 27.34 33.59
CA GLY G 241 4.37 26.15 33.79
C GLY G 241 3.89 25.99 35.22
N VAL G 242 3.36 24.80 35.51
CA VAL G 242 2.82 24.50 36.82
C VAL G 242 3.86 24.00 37.79
N ILE G 243 5.14 23.97 37.40
CA ILE G 243 6.20 23.55 38.31
C ILE G 243 6.44 24.64 39.34
N ASP G 244 6.68 24.23 40.58
CA ASP G 244 6.92 25.18 41.67
C ASP G 244 8.02 26.15 41.31
N LYS G 245 7.68 27.43 41.18
CA LYS G 245 8.67 28.45 40.81
C LYS G 245 9.47 28.96 41.99
N ASN G 246 9.06 28.65 43.23
CA ASN G 246 9.75 29.11 44.43
C ASN G 246 10.63 28.04 45.04
N LYS G 247 10.89 26.95 44.32
CA LYS G 247 11.76 25.89 44.79
C LYS G 247 13.16 26.08 44.22
N LYS G 248 14.17 25.88 45.06
CA LYS G 248 15.55 26.10 44.65
C LYS G 248 16.01 25.00 43.71
N ALA G 249 16.67 25.38 42.62
CA ALA G 249 17.12 24.46 41.60
C ALA G 249 18.58 24.06 41.83
N PHE G 250 18.98 22.97 41.19
CA PHE G 250 20.34 22.45 41.27
C PHE G 250 21.09 22.83 40.00
N SER G 251 22.24 23.48 40.16
CA SER G 251 23.10 23.80 39.03
C SER G 251 24.12 22.68 38.81
N LEU G 252 24.79 22.72 37.66
CA LEU G 252 25.78 21.71 37.29
C LEU G 252 27.00 22.36 36.65
N GLU G 253 27.49 23.44 37.26
CA GLU G 253 28.60 24.19 36.70
C GLU G 253 29.84 24.10 37.57
N GLU G 254 29.73 24.48 38.84
CA GLU G 254 30.90 24.60 39.70
C GLU G 254 31.00 23.40 40.66
N PRO G 255 32.19 23.16 41.22
CA PRO G 255 32.37 21.97 42.07
C PRO G 255 31.43 21.91 43.25
N ILE G 256 31.05 23.05 43.83
CA ILE G 256 30.14 23.02 44.97
C ILE G 256 28.78 22.47 44.55
N ASP G 257 28.34 22.78 43.33
CA ASP G 257 27.07 22.24 42.85
C ASP G 257 27.12 20.72 42.76
N LEU G 258 28.19 20.16 42.22
CA LEU G 258 28.32 18.71 42.13
C LEU G 258 28.46 18.09 43.51
N PHE G 259 29.15 18.75 44.44
CA PHE G 259 29.21 18.24 45.80
C PHE G 259 27.83 18.17 46.44
N ASN G 260 27.03 19.22 46.26
CA ASN G 260 25.68 19.23 46.80
C ASN G 260 24.83 18.13 46.16
N LEU G 261 24.95 17.95 44.85
CA LEU G 261 24.20 16.90 44.17
C LEU G 261 24.60 15.52 44.68
N LYS G 262 25.90 15.28 44.85
CA LYS G 262 26.38 14.02 45.37
C LYS G 262 25.84 13.76 46.78
N GLU G 263 25.87 14.80 47.63
CA GLU G 263 25.34 14.62 48.98
C GLU G 263 23.85 14.33 48.94
N LYS G 264 23.11 14.99 48.05
CA LYS G 264 21.68 14.71 47.90
C LYS G 264 21.46 13.24 47.56
N ILE G 265 22.18 12.74 46.55
CA ILE G 265 21.96 11.36 46.12
C ILE G 265 22.33 10.39 47.23
N LEU G 266 23.47 10.62 47.89
CA LEU G 266 23.89 9.72 48.95
C LEU G 266 22.87 9.69 50.09
N ARG G 267 22.34 10.86 50.47
CA ARG G 267 21.31 10.91 51.49
C ARG G 267 20.05 10.20 51.04
N MET G 268 19.67 10.37 49.77
CA MET G 268 18.42 9.79 49.29
C MET G 268 18.48 8.27 49.30
N TYR G 269 19.54 7.69 48.75
CA TYR G 269 19.63 6.25 48.59
C TYR G 269 20.42 5.56 49.68
N ASP G 270 20.92 6.30 50.68
CA ASP G 270 21.68 5.73 51.78
C ASP G 270 22.89 4.95 51.24
N LEU G 271 23.80 5.70 50.65
CA LEU G 271 25.04 5.16 50.07
C LEU G 271 26.23 5.76 50.81
N THR G 272 27.43 5.38 50.35
CA THR G 272 28.68 5.95 50.84
C THR G 272 29.65 6.07 49.69
N LEU G 273 30.62 6.98 49.84
CA LEU G 273 31.59 7.23 48.79
C LEU G 273 32.89 7.68 49.43
N GLU G 274 33.97 7.57 48.66
CA GLU G 274 35.31 7.96 49.10
C GLU G 274 35.81 9.12 48.24
N ASP G 275 36.72 9.91 48.81
CA ASP G 275 37.12 11.15 48.16
C ASP G 275 37.79 10.89 46.81
N LYS G 276 38.67 9.90 46.75
CA LYS G 276 39.39 9.62 45.50
C LYS G 276 38.42 9.27 44.38
N LYS G 277 37.44 8.41 44.68
CA LYS G 277 36.41 8.09 43.70
C LYS G 277 35.67 9.36 43.29
N TRP G 278 35.43 10.26 44.24
CA TRP G 278 34.73 11.50 43.91
C TRP G 278 35.53 12.35 42.93
N GLU G 279 36.84 12.48 43.15
CA GLU G 279 37.65 13.26 42.22
C GLU G 279 37.67 12.60 40.84
N ARG G 280 37.78 11.27 40.80
CA ARG G 280 37.78 10.59 39.51
C ARG G 280 36.45 10.81 38.78
N ILE G 281 35.34 10.69 39.50
CA ILE G 281 34.02 10.88 38.88
C ILE G 281 33.86 12.31 38.38
N LYS G 282 34.27 13.29 39.19
CA LYS G 282 34.16 14.68 38.77
C LYS G 282 34.98 14.94 37.52
N ALA G 283 36.20 14.41 37.48
CA ALA G 283 37.04 14.59 36.29
C ALA G 283 36.39 13.94 35.06
N LYS G 284 35.84 12.74 35.23
CA LYS G 284 35.16 12.09 34.12
C LYS G 284 34.00 12.93 33.62
N PHE G 285 33.19 13.46 34.54
CA PHE G 285 32.04 14.27 34.16
C PHE G 285 32.48 15.52 33.39
N ASN G 286 33.47 16.25 33.93
CA ASN G 286 33.92 17.47 33.26
C ASN G 286 34.51 17.16 31.89
N THR G 287 35.26 16.07 31.77
CA THR G 287 35.79 15.68 30.47
C THR G 287 34.67 15.36 29.49
N LYS G 288 33.64 14.66 29.97
CA LYS G 288 32.50 14.35 29.10
C LYS G 288 31.84 15.62 28.58
N LEU G 289 31.58 16.58 29.46
CA LEU G 289 30.93 17.81 29.02
C LEU G 289 31.78 18.58 28.01
N LYS G 290 33.08 18.68 28.26
CA LYS G 290 33.96 19.42 27.35
C LYS G 290 33.94 18.81 25.95
N GLU H 135 41.35 -42.98 23.70
CA GLU H 135 40.58 -42.06 24.60
C GLU H 135 39.87 -40.98 23.77
N LEU H 136 40.62 -40.33 22.90
CA LEU H 136 40.11 -39.28 22.03
C LEU H 136 39.92 -39.79 20.60
N GLU H 137 39.67 -41.09 20.45
CA GLU H 137 39.53 -41.67 19.12
C GLU H 137 38.35 -41.10 18.36
N LYS H 138 37.42 -40.43 19.04
CA LYS H 138 36.24 -39.86 18.40
C LYS H 138 36.46 -38.42 17.93
N LYS H 139 37.66 -37.89 18.06
CA LYS H 139 37.97 -36.52 17.65
C LYS H 139 38.72 -36.52 16.32
N ILE H 140 38.40 -35.53 15.48
CA ILE H 140 39.07 -35.36 14.20
C ILE H 140 40.24 -34.40 14.39
N PHE H 141 41.33 -34.68 13.69
CA PHE H 141 42.53 -33.84 13.70
C PHE H 141 42.84 -33.48 12.25
N ILE H 142 42.58 -32.23 11.89
CA ILE H 142 42.72 -31.78 10.51
C ILE H 142 44.13 -31.25 10.33
N SER H 143 45.03 -32.09 9.83
CA SER H 143 46.37 -31.65 9.47
C SER H 143 46.31 -30.87 8.16
N HIS H 144 47.01 -29.76 8.10
CA HIS H 144 46.94 -28.88 6.93
C HIS H 144 48.08 -27.88 7.00
N SER H 145 48.13 -27.00 6.02
CA SER H 145 49.06 -25.87 5.98
C SER H 145 48.26 -24.58 6.06
N SER H 146 48.81 -23.59 6.76
CA SER H 146 48.09 -22.33 6.96
C SER H 146 47.76 -21.64 5.65
N LYS H 147 48.54 -21.86 4.60
CA LYS H 147 48.25 -21.22 3.32
C LYS H 147 46.92 -21.71 2.74
N ASP H 148 46.65 -23.01 2.87
CA ASP H 148 45.38 -23.58 2.41
C ASP H 148 44.31 -23.40 3.49
N LYS H 149 43.88 -22.16 3.64
CA LYS H 149 42.98 -21.76 4.71
C LYS H 149 41.51 -21.77 4.27
N ILE H 150 41.22 -21.19 3.11
CA ILE H 150 39.83 -21.05 2.67
C ILE H 150 39.21 -22.42 2.42
N VAL H 151 39.91 -23.29 1.72
CA VAL H 151 39.36 -24.61 1.40
C VAL H 151 39.15 -25.41 2.67
N CYS H 152 40.11 -25.36 3.60
CA CYS H 152 39.97 -26.08 4.86
C CYS H 152 38.82 -25.51 5.68
N ASN H 153 38.65 -24.18 5.66
CA ASN H 153 37.53 -23.57 6.37
C ASN H 153 36.20 -24.07 5.82
N ALA H 154 36.08 -24.10 4.49
CA ALA H 154 34.85 -24.59 3.88
C ALA H 154 34.62 -26.05 4.23
N PHE H 155 35.69 -26.87 4.21
CA PHE H 155 35.55 -28.28 4.54
C PHE H 155 35.10 -28.47 5.99
N VAL H 156 35.65 -27.68 6.91
CA VAL H 156 35.26 -27.79 8.31
C VAL H 156 33.80 -27.37 8.48
N GLU H 157 33.39 -26.30 7.80
CA GLU H 157 31.98 -25.89 7.87
C GLU H 157 31.06 -26.98 7.33
N LEU H 158 31.46 -27.62 6.22
CA LEU H 158 30.67 -28.72 5.67
C LEU H 158 30.55 -29.84 6.68
N LEU H 159 31.66 -30.18 7.34
CA LEU H 159 31.62 -31.21 8.38
C LEU H 159 30.64 -30.83 9.47
N GLU H 160 30.64 -29.56 9.88
CA GLU H 160 29.73 -29.14 10.95
C GLU H 160 28.27 -29.24 10.52
N ASP H 161 27.95 -28.81 9.30
CA ASP H 161 26.56 -28.91 8.84
C ASP H 161 26.11 -30.35 8.68
N ILE H 162 27.00 -31.24 8.25
CA ILE H 162 26.58 -32.64 8.12
C ILE H 162 26.06 -33.18 9.45
N GLY H 163 26.54 -32.63 10.56
CA GLY H 163 26.03 -33.03 11.87
C GLY H 163 27.11 -33.45 12.84
N VAL H 164 28.36 -33.07 12.56
CA VAL H 164 29.48 -33.36 13.44
C VAL H 164 29.58 -32.27 14.49
N SER H 165 29.69 -32.67 15.75
CA SER H 165 29.80 -31.69 16.83
C SER H 165 30.99 -30.78 16.60
N SER H 166 30.80 -29.49 16.86
CA SER H 166 31.85 -28.51 16.63
C SER H 166 33.00 -28.65 17.63
N GLU H 167 32.83 -29.43 18.69
CA GLU H 167 33.87 -29.63 19.69
C GLU H 167 34.78 -30.81 19.38
N ASP H 168 34.54 -31.51 18.27
CA ASP H 168 35.38 -32.63 17.86
C ASP H 168 36.45 -32.23 16.85
N ILE H 169 36.12 -31.36 15.90
CA ILE H 169 37.10 -30.89 14.93
C ILE H 169 38.18 -30.11 15.66
N ILE H 170 39.44 -30.40 15.33
CA ILE H 170 40.59 -29.69 15.89
C ILE H 170 41.27 -28.99 14.70
N TYR H 171 40.88 -27.75 14.47
CA TYR H 171 41.34 -26.96 13.32
C TYR H 171 42.05 -25.74 13.88
N THR H 172 43.37 -25.82 13.99
CA THR H 172 44.14 -24.81 14.70
C THR H 172 44.13 -23.45 14.02
N SER H 173 43.66 -23.36 12.78
CA SER H 173 43.59 -22.09 12.06
C SER H 173 42.25 -21.40 12.25
N SER H 174 41.42 -21.85 13.18
CA SER H 174 40.12 -21.26 13.45
C SER H 174 40.03 -20.91 14.93
N PRO H 175 39.58 -19.70 15.29
CA PRO H 175 39.47 -19.37 16.72
C PRO H 175 38.55 -20.29 17.49
N TYR H 176 37.51 -20.83 16.86
CA TYR H 176 36.51 -21.60 17.57
C TYR H 176 36.91 -23.05 17.81
N HIS H 177 37.96 -23.54 17.14
CA HIS H 177 38.51 -24.85 17.43
C HIS H 177 40.00 -24.83 17.71
N GLY H 178 40.61 -23.64 17.77
CA GLY H 178 42.06 -23.53 17.90
C GLY H 178 42.60 -23.92 19.27
N ILE H 179 43.79 -23.43 19.58
CA ILE H 179 44.46 -23.79 20.83
C ILE H 179 43.97 -22.85 21.93
N PRO H 180 43.48 -23.35 23.07
CA PRO H 180 43.07 -22.45 24.15
C PRO H 180 44.25 -21.61 24.63
N GLY H 181 43.94 -20.39 25.06
CA GLY H 181 44.99 -19.47 25.45
C GLY H 181 45.73 -19.94 26.70
N ASP H 182 46.96 -19.44 26.84
CA ASP H 182 47.82 -19.76 27.97
C ASP H 182 48.05 -21.27 28.07
N GLU H 183 48.25 -21.92 26.92
CA GLU H 183 48.51 -23.35 26.86
C GLU H 183 49.67 -23.60 25.91
N ASP H 184 50.43 -24.66 26.18
CA ASP H 184 51.53 -25.04 25.32
C ASP H 184 50.99 -25.59 24.01
N ILE H 185 51.36 -24.95 22.89
CA ILE H 185 50.85 -25.36 21.59
C ILE H 185 51.29 -26.79 21.28
N PHE H 186 52.60 -27.01 21.21
CA PHE H 186 53.12 -28.29 20.78
C PHE H 186 52.75 -29.40 21.75
N GLU H 187 52.80 -29.12 23.05
CA GLU H 187 52.40 -30.13 24.03
C GLU H 187 50.92 -30.48 23.86
N TYR H 188 50.09 -29.48 23.58
CA TYR H 188 48.66 -29.74 23.38
C TYR H 188 48.43 -30.65 22.18
N LEU H 189 49.03 -30.30 21.04
CA LEU H 189 48.87 -31.13 19.84
C LEU H 189 49.45 -32.52 20.07
N LYS H 190 50.60 -32.61 20.75
CA LYS H 190 51.22 -33.90 21.01
C LYS H 190 50.32 -34.78 21.88
N LYS H 191 49.71 -34.20 22.91
CA LYS H 191 48.80 -34.97 23.74
C LYS H 191 47.60 -35.46 22.94
N HIS H 192 47.03 -34.58 22.11
CA HIS H 192 45.85 -34.97 21.33
C HIS H 192 46.18 -36.09 20.36
N LEU H 193 47.35 -36.01 19.71
CA LEU H 193 47.77 -37.08 18.80
C LEU H 193 48.12 -38.36 19.54
N PHE H 194 48.71 -38.26 20.73
CA PHE H 194 49.09 -39.44 21.49
C PHE H 194 47.86 -40.20 21.99
N LYS H 195 46.84 -39.47 22.45
CA LYS H 195 45.64 -40.15 22.94
C LYS H 195 44.92 -40.89 21.82
N GLY H 196 45.05 -40.42 20.58
CA GLY H 196 44.41 -41.05 19.45
C GLY H 196 43.39 -40.14 18.79
N ALA H 197 43.50 -39.96 17.48
CA ALA H 197 42.57 -39.09 16.77
C ALA H 197 42.72 -39.28 15.26
N TYR H 198 41.59 -39.39 14.55
CA TYR H 198 41.65 -39.50 13.10
C TYR H 198 42.31 -38.28 12.51
N VAL H 199 43.26 -38.50 11.61
CA VAL H 199 44.04 -37.44 11.00
C VAL H 199 43.65 -37.38 9.53
N PHE H 200 43.13 -36.23 9.10
CA PHE H 200 42.75 -36.02 7.70
C PHE H 200 43.84 -35.22 7.02
N TYR H 201 44.67 -35.89 6.22
CA TYR H 201 45.77 -35.22 5.53
C TYR H 201 45.22 -34.42 4.36
N MET H 202 45.24 -33.09 4.51
CA MET H 202 44.85 -32.19 3.41
C MET H 202 46.03 -31.97 2.46
N LEU H 203 46.41 -33.05 1.77
CA LEU H 203 47.59 -33.03 0.94
C LEU H 203 47.49 -31.92 -0.11
N SER H 204 48.58 -31.21 -0.30
CA SER H 204 48.67 -30.14 -1.29
C SER H 204 50.14 -29.79 -1.44
N ASP H 205 50.41 -28.83 -2.33
CA ASP H 205 51.79 -28.39 -2.55
C ASP H 205 52.37 -27.78 -1.29
N ASN H 206 51.58 -26.98 -0.58
CA ASN H 206 52.06 -26.34 0.65
C ASN H 206 52.18 -27.34 1.80
N TYR H 207 51.49 -28.48 1.73
CA TYR H 207 51.62 -29.47 2.78
C TYR H 207 53.00 -30.11 2.78
N TYR H 208 53.62 -30.24 1.60
CA TYR H 208 54.96 -30.80 1.49
C TYR H 208 56.03 -29.71 1.46
N ASP H 209 55.68 -28.48 1.85
CA ASP H 209 56.62 -27.37 1.93
C ASP H 209 56.55 -26.73 3.33
N SER H 210 56.24 -27.54 4.34
CA SER H 210 56.15 -27.05 5.71
C SER H 210 56.59 -28.17 6.64
N VAL H 211 57.49 -27.85 7.57
CA VAL H 211 58.06 -28.87 8.44
C VAL H 211 56.98 -29.46 9.34
N TYR H 212 56.29 -28.61 10.10
CA TYR H 212 55.37 -29.10 11.12
C TYR H 212 54.36 -30.08 10.55
N CYS H 213 53.91 -29.88 9.32
CA CYS H 213 53.01 -30.85 8.70
C CYS H 213 53.68 -32.22 8.58
N LEU H 214 54.96 -32.24 8.19
CA LEU H 214 55.67 -33.51 8.06
C LEU H 214 55.91 -34.17 9.42
N ASN H 215 56.21 -33.37 10.45
CA ASN H 215 56.32 -33.97 11.79
C ASN H 215 54.97 -34.52 12.25
N GLU H 216 53.86 -33.85 11.92
CA GLU H 216 52.55 -34.38 12.24
C GLU H 216 52.31 -35.70 11.52
N MET H 217 52.70 -35.77 10.24
CA MET H 217 52.56 -37.02 9.50
C MET H 217 53.36 -38.14 10.15
N GLY H 218 54.61 -37.85 10.55
CA GLY H 218 55.41 -38.85 11.21
C GLY H 218 54.86 -39.29 12.54
N ALA H 219 54.31 -38.37 13.32
CA ALA H 219 53.72 -38.72 14.60
C ALA H 219 52.49 -39.58 14.40
N THR H 220 51.70 -39.30 13.36
CA THR H 220 50.57 -40.16 13.03
C THR H 220 51.05 -41.56 12.62
N TRP H 221 52.12 -41.62 11.83
CA TRP H 221 52.59 -42.90 11.33
C TRP H 221 53.13 -43.79 12.45
N VAL H 222 53.96 -43.23 13.32
CA VAL H 222 54.63 -44.05 14.32
C VAL H 222 53.64 -44.65 15.30
N ASN H 223 52.58 -43.91 15.64
CA ASN H 223 51.62 -44.36 16.63
C ASN H 223 50.53 -45.26 16.04
N SER H 224 50.44 -45.37 14.71
CA SER H 224 49.43 -46.20 14.06
C SER H 224 48.03 -45.60 14.23
N ASN H 225 47.95 -44.28 14.22
CA ASN H 225 46.67 -43.59 14.34
C ASN H 225 45.84 -43.81 13.09
N ASN H 226 44.52 -43.91 13.27
CA ASN H 226 43.62 -43.96 12.12
C ASN H 226 43.78 -42.70 11.29
N CYS H 227 43.82 -42.87 9.97
CA CYS H 227 44.14 -41.78 9.07
C CYS H 227 43.26 -41.83 7.83
N SER H 228 43.16 -40.70 7.16
CA SER H 228 42.49 -40.60 5.87
C SER H 228 43.15 -39.49 5.07
N THR H 229 43.13 -39.62 3.75
CA THR H 229 43.73 -38.64 2.86
C THR H 229 42.63 -37.85 2.16
N PHE H 230 42.95 -36.60 1.79
CA PHE H 230 41.96 -35.72 1.18
C PHE H 230 42.69 -34.79 0.21
N ILE H 231 42.67 -35.17 -1.07
CA ILE H 231 43.31 -34.35 -2.09
C ILE H 231 42.58 -33.02 -2.18
N LEU H 232 43.32 -31.94 -2.03
CA LEU H 232 42.76 -30.62 -2.22
C LEU H 232 42.74 -30.27 -3.71
N PRO H 233 41.84 -29.40 -4.15
CA PRO H 233 41.83 -29.03 -5.57
C PRO H 233 43.16 -28.45 -6.01
N GLY H 234 43.63 -28.89 -7.18
CA GLY H 234 44.85 -28.41 -7.78
C GLY H 234 46.06 -29.28 -7.51
N PHE H 235 45.98 -30.18 -6.53
CA PHE H 235 47.11 -31.04 -6.21
C PHE H 235 47.26 -32.15 -7.23
N LYS H 236 48.16 -31.97 -8.19
CA LYS H 236 48.43 -32.99 -9.20
C LYS H 236 49.86 -33.48 -9.08
N GLY H 237 50.32 -33.70 -7.85
CA GLY H 237 51.67 -34.16 -7.60
C GLY H 237 51.72 -35.61 -7.17
N GLU H 238 52.76 -35.98 -6.42
CA GLU H 238 52.97 -37.34 -5.97
C GLU H 238 52.89 -37.41 -4.45
N ILE H 239 52.26 -38.45 -3.94
CA ILE H 239 52.17 -38.68 -2.50
C ILE H 239 53.50 -39.25 -2.02
N LYS H 240 54.08 -38.61 -1.00
CA LYS H 240 55.37 -39.03 -0.47
C LYS H 240 55.29 -39.25 1.03
N GLY H 241 56.44 -39.46 1.67
CA GLY H 241 56.49 -39.61 3.11
C GLY H 241 56.35 -41.05 3.56
N VAL H 242 55.50 -41.28 4.56
CA VAL H 242 55.31 -42.59 5.14
C VAL H 242 53.84 -43.01 5.16
N ILE H 243 52.95 -42.16 4.67
CA ILE H 243 51.54 -42.50 4.54
C ILE H 243 51.39 -43.44 3.35
N ASP H 244 50.56 -44.47 3.51
CA ASP H 244 50.38 -45.46 2.45
C ASP H 244 50.10 -44.77 1.12
N LYS H 245 51.00 -44.94 0.16
CA LYS H 245 50.82 -44.37 -1.17
C LYS H 245 49.84 -45.16 -2.02
N ASN H 246 49.44 -46.34 -1.57
CA ASN H 246 48.47 -47.16 -2.30
C ASN H 246 47.05 -46.95 -1.83
N LYS H 247 46.84 -46.38 -0.64
CA LYS H 247 45.49 -46.13 -0.15
C LYS H 247 44.80 -45.12 -1.06
N LYS H 248 43.49 -45.29 -1.23
CA LYS H 248 42.71 -44.42 -2.09
C LYS H 248 42.38 -43.12 -1.37
N ALA H 249 42.56 -42.00 -2.06
CA ALA H 249 42.33 -40.69 -1.48
C ALA H 249 40.94 -40.18 -1.82
N PHE H 250 40.53 -39.14 -1.11
CA PHE H 250 39.21 -38.51 -1.27
C PHE H 250 39.40 -37.14 -1.93
N SER H 251 39.23 -37.10 -3.25
CA SER H 251 39.21 -35.82 -3.94
C SER H 251 37.92 -35.08 -3.64
N LEU H 252 37.93 -33.77 -3.82
CA LEU H 252 36.71 -32.97 -3.68
C LEU H 252 36.65 -31.97 -4.83
N GLU H 253 36.17 -32.41 -5.99
CA GLU H 253 35.93 -31.48 -7.09
C GLU H 253 34.71 -31.87 -7.94
N GLU H 254 33.81 -32.68 -7.40
CA GLU H 254 32.64 -33.10 -8.16
C GLU H 254 31.55 -33.63 -7.25
N PRO H 255 30.29 -33.67 -7.70
CA PRO H 255 29.21 -34.13 -6.82
C PRO H 255 29.41 -35.52 -6.26
N ILE H 256 29.98 -36.44 -7.04
CA ILE H 256 30.15 -37.81 -6.56
C ILE H 256 31.13 -37.87 -5.40
N ASP H 257 32.20 -37.07 -5.44
CA ASP H 257 33.15 -37.06 -4.35
C ASP H 257 32.50 -36.56 -3.06
N LEU H 258 31.69 -35.50 -3.17
CA LEU H 258 30.99 -34.98 -1.99
C LEU H 258 29.99 -35.99 -1.47
N PHE H 259 29.29 -36.71 -2.35
CA PHE H 259 28.38 -37.75 -1.89
C PHE H 259 29.13 -38.84 -1.13
N ASN H 260 30.28 -39.28 -1.67
CA ASN H 260 31.06 -40.31 -1.01
C ASN H 260 31.56 -39.84 0.36
N LEU H 261 32.04 -38.59 0.42
CA LEU H 261 32.51 -38.04 1.68
C LEU H 261 31.38 -37.95 2.71
N LYS H 262 30.20 -37.50 2.26
CA LYS H 262 29.06 -37.42 3.16
C LYS H 262 28.67 -38.79 3.69
N GLU H 263 28.65 -39.80 2.82
CA GLU H 263 28.32 -41.15 3.26
C GLU H 263 29.37 -41.65 4.25
N LYS H 264 30.64 -41.38 3.99
CA LYS H 264 31.69 -41.80 4.90
C LYS H 264 31.50 -41.18 6.28
N ILE H 265 31.24 -39.87 6.33
CA ILE H 265 31.09 -39.21 7.62
C ILE H 265 29.85 -39.73 8.35
N LEU H 266 28.74 -39.89 7.63
CA LEU H 266 27.53 -40.40 8.26
C LEU H 266 27.76 -41.79 8.84
N ARG H 267 28.45 -42.66 8.09
CA ARG H 267 28.78 -43.98 8.62
C ARG H 267 29.70 -43.88 9.82
N MET H 268 30.65 -42.94 9.80
CA MET H 268 31.58 -42.80 10.90
C MET H 268 30.87 -42.42 12.20
N TYR H 269 30.06 -41.36 12.16
CA TYR H 269 29.41 -40.85 13.35
C TYR H 269 27.98 -41.35 13.54
N ASP H 270 27.48 -42.19 12.64
CA ASP H 270 26.13 -42.73 12.76
C ASP H 270 25.11 -41.59 12.86
N LEU H 271 25.04 -40.81 11.79
CA LEU H 271 24.14 -39.67 11.67
C LEU H 271 23.08 -39.94 10.62
N THR H 272 22.24 -38.95 10.37
CA THR H 272 21.19 -39.03 9.37
C THR H 272 21.04 -37.67 8.70
N LEU H 273 20.80 -37.69 7.39
CA LEU H 273 20.66 -36.46 6.61
C LEU H 273 19.51 -36.63 5.63
N GLU H 274 18.98 -35.50 5.17
CA GLU H 274 17.87 -35.46 4.23
C GLU H 274 18.31 -34.79 2.94
N ASP H 275 17.63 -35.12 1.85
CA ASP H 275 18.09 -34.70 0.53
C ASP H 275 18.11 -33.19 0.38
N LYS H 276 17.05 -32.51 0.81
CA LYS H 276 16.98 -31.06 0.65
C LYS H 276 18.13 -30.39 1.39
N LYS H 277 18.38 -30.82 2.63
CA LYS H 277 19.51 -30.29 3.37
C LYS H 277 20.82 -30.59 2.65
N TRP H 278 20.91 -31.74 2.00
CA TRP H 278 22.14 -32.09 1.29
C TRP H 278 22.38 -31.16 0.11
N GLU H 279 21.32 -30.84 -0.65
CA GLU H 279 21.50 -29.90 -1.75
C GLU H 279 21.86 -28.51 -1.22
N ARG H 280 21.24 -28.08 -0.12
CA ARG H 280 21.58 -26.79 0.44
C ARG H 280 23.05 -26.75 0.87
N ILE H 281 23.51 -27.80 1.54
CA ILE H 281 24.90 -27.85 1.99
C ILE H 281 25.86 -27.88 0.82
N LYS H 282 25.53 -28.66 -0.22
CA LYS H 282 26.38 -28.71 -1.41
C LYS H 282 26.50 -27.34 -2.06
N ALA H 283 25.37 -26.64 -2.19
CA ALA H 283 25.41 -25.30 -2.78
C ALA H 283 26.25 -24.36 -1.94
N LYS H 284 26.09 -24.43 -0.61
CA LYS H 284 26.89 -23.58 0.27
C LYS H 284 28.38 -23.84 0.09
N PHE H 285 28.76 -25.12 0.08
CA PHE H 285 30.17 -25.48 -0.05
C PHE H 285 30.73 -25.03 -1.39
N ASN H 286 29.99 -25.26 -2.47
CA ASN H 286 30.46 -24.86 -3.78
C ASN H 286 30.61 -23.34 -3.88
N THR H 287 29.66 -22.60 -3.30
CA THR H 287 29.78 -21.14 -3.29
C THR H 287 31.00 -20.71 -2.50
N LYS H 288 31.26 -21.35 -1.37
CA LYS H 288 32.42 -20.98 -0.55
C LYS H 288 33.71 -21.23 -1.31
N LEU H 289 33.83 -22.40 -1.96
CA LEU H 289 35.05 -22.68 -2.72
C LEU H 289 35.22 -21.69 -3.87
N LYS H 290 34.14 -21.34 -4.55
CA LYS H 290 34.19 -20.42 -5.68
C LYS H 290 34.90 -19.13 -5.30
N GLU I 135 -52.36 13.39 -48.66
CA GLU I 135 -51.67 12.28 -49.38
C GLU I 135 -50.25 12.09 -48.85
N LEU I 136 -49.44 13.13 -48.96
CA LEU I 136 -48.05 13.11 -48.49
C LEU I 136 -47.93 13.62 -47.06
N GLU I 137 -49.00 13.49 -46.27
CA GLU I 137 -48.94 13.94 -44.88
C GLU I 137 -47.84 13.22 -44.11
N LYS I 138 -47.57 11.97 -44.47
CA LYS I 138 -46.53 11.21 -43.77
C LYS I 138 -45.16 11.84 -43.99
N LYS I 139 -44.87 12.28 -45.21
CA LYS I 139 -43.55 12.80 -45.53
C LYS I 139 -43.23 14.01 -44.68
N ILE I 140 -42.00 14.07 -44.19
CA ILE I 140 -41.48 15.23 -43.48
C ILE I 140 -40.85 16.17 -44.50
N PHE I 141 -40.90 17.47 -44.22
CA PHE I 141 -40.34 18.50 -45.09
C PHE I 141 -39.47 19.39 -44.22
N ILE I 142 -38.17 19.09 -44.15
CA ILE I 142 -37.26 19.82 -43.28
C ILE I 142 -36.92 21.16 -43.92
N SER I 143 -37.63 22.21 -43.52
CA SER I 143 -37.31 23.55 -44.00
C SER I 143 -36.12 24.09 -43.23
N HIS I 144 -35.14 24.63 -43.96
CA HIS I 144 -33.88 25.03 -43.35
C HIS I 144 -33.18 26.01 -44.28
N SER I 145 -31.99 26.42 -43.87
CA SER I 145 -31.09 27.22 -44.69
C SER I 145 -29.85 26.40 -45.02
N SER I 146 -29.31 26.60 -46.22
CA SER I 146 -28.17 25.81 -46.66
C SER I 146 -26.91 26.09 -45.87
N LYS I 147 -26.90 27.16 -45.06
CA LYS I 147 -25.75 27.48 -44.22
C LYS I 147 -25.79 26.78 -42.87
N ASP I 148 -26.84 26.00 -42.60
CA ASP I 148 -26.94 25.18 -41.40
C ASP I 148 -26.80 23.70 -41.75
N LYS I 149 -25.88 23.40 -42.68
CA LYS I 149 -25.82 22.07 -43.26
C LYS I 149 -25.46 21.00 -42.22
N ILE I 150 -24.50 21.28 -41.36
CA ILE I 150 -23.97 20.24 -40.47
C ILE I 150 -25.02 19.84 -39.44
N VAL I 151 -25.64 20.82 -38.79
CA VAL I 151 -26.61 20.51 -37.73
C VAL I 151 -27.81 19.80 -38.32
N CYS I 152 -28.29 20.26 -39.48
CA CYS I 152 -29.44 19.61 -40.10
C CYS I 152 -29.08 18.21 -40.56
N ASN I 153 -27.85 18.01 -41.03
CA ASN I 153 -27.42 16.66 -41.42
C ASN I 153 -27.44 15.73 -40.22
N ALA I 154 -26.91 16.19 -39.08
CA ALA I 154 -26.95 15.38 -37.87
C ALA I 154 -28.37 15.09 -37.44
N PHE I 155 -29.26 16.10 -37.54
CA PHE I 155 -30.65 15.90 -37.15
C PHE I 155 -31.33 14.86 -38.03
N VAL I 156 -31.09 14.92 -39.35
CA VAL I 156 -31.70 13.96 -40.26
C VAL I 156 -31.13 12.57 -40.00
N GLU I 157 -29.83 12.47 -39.69
CA GLU I 157 -29.25 11.17 -39.38
C GLU I 157 -29.85 10.59 -38.11
N LEU I 158 -30.09 11.43 -37.10
CA LEU I 158 -30.78 10.95 -35.89
C LEU I 158 -32.17 10.45 -36.23
N LEU I 159 -32.91 11.21 -37.04
CA LEU I 159 -34.25 10.78 -37.43
C LEU I 159 -34.20 9.42 -38.12
N GLU I 160 -33.22 9.23 -39.01
CA GLU I 160 -33.08 7.94 -39.68
C GLU I 160 -32.75 6.83 -38.68
N ASP I 161 -31.87 7.13 -37.72
CA ASP I 161 -31.48 6.12 -36.74
C ASP I 161 -32.66 5.67 -35.90
N ILE I 162 -33.52 6.60 -35.49
CA ILE I 162 -34.65 6.23 -34.65
C ILE I 162 -35.57 5.26 -35.38
N GLY I 163 -35.55 5.27 -36.71
CA GLY I 163 -36.35 4.33 -37.48
C GLY I 163 -37.29 4.98 -38.48
N VAL I 164 -36.96 6.19 -38.92
CA VAL I 164 -37.73 6.87 -39.95
C VAL I 164 -37.16 6.48 -41.31
N SER I 165 -38.03 6.02 -42.20
CA SER I 165 -37.59 5.62 -43.53
C SER I 165 -36.91 6.80 -44.22
N SER I 166 -35.79 6.53 -44.89
CA SER I 166 -35.01 7.60 -45.50
C SER I 166 -35.76 8.25 -46.65
N GLU I 167 -36.80 7.59 -47.17
CA GLU I 167 -37.54 8.16 -48.28
C GLU I 167 -38.46 9.29 -47.83
N ASP I 168 -38.97 9.23 -46.60
CA ASP I 168 -39.93 10.22 -46.13
C ASP I 168 -39.31 11.61 -46.06
N ILE I 169 -38.13 11.71 -45.47
CA ILE I 169 -37.46 13.01 -45.32
C ILE I 169 -37.25 13.62 -46.70
N ILE I 170 -37.54 14.91 -46.83
CA ILE I 170 -37.41 15.62 -48.10
C ILE I 170 -36.33 16.69 -47.95
N TYR I 171 -35.33 16.39 -47.11
CA TYR I 171 -34.18 17.27 -46.94
C TYR I 171 -33.53 17.49 -48.29
N THR I 172 -33.39 18.76 -48.69
CA THR I 172 -32.94 19.11 -50.03
C THR I 172 -31.44 19.40 -50.13
N SER I 173 -30.72 19.36 -49.01
CA SER I 173 -29.29 19.61 -49.02
C SER I 173 -28.48 18.32 -48.98
N SER I 174 -29.12 17.17 -49.18
CA SER I 174 -28.47 15.88 -49.17
C SER I 174 -28.66 15.19 -50.51
N PRO I 175 -27.59 14.66 -51.12
CA PRO I 175 -27.77 13.97 -52.42
C PRO I 175 -28.69 12.77 -52.36
N TYR I 176 -29.05 12.29 -51.17
CA TYR I 176 -29.85 11.09 -51.02
C TYR I 176 -31.32 11.35 -50.77
N HIS I 177 -31.68 12.56 -50.34
CA HIS I 177 -33.08 12.94 -50.18
C HIS I 177 -33.47 14.15 -51.03
N GLY I 178 -32.54 14.73 -51.79
CA GLY I 178 -32.79 15.94 -52.54
C GLY I 178 -33.73 15.75 -53.71
N ILE I 179 -33.69 16.70 -54.64
CA ILE I 179 -34.55 16.68 -55.82
C ILE I 179 -33.96 15.75 -56.87
N PRO I 180 -34.77 14.94 -57.56
CA PRO I 180 -34.23 14.14 -58.65
C PRO I 180 -33.61 15.02 -59.73
N GLY I 181 -32.91 14.36 -60.66
CA GLY I 181 -32.33 15.07 -61.78
C GLY I 181 -33.35 15.29 -62.89
N ASP I 182 -33.13 16.35 -63.65
CA ASP I 182 -34.03 16.73 -64.75
C ASP I 182 -35.44 17.00 -64.23
N GLU I 183 -35.52 17.56 -63.02
CA GLU I 183 -36.79 17.91 -62.40
C GLU I 183 -36.77 19.38 -62.01
N ASP I 184 -37.92 20.04 -62.15
CA ASP I 184 -38.04 21.44 -61.77
C ASP I 184 -37.99 21.58 -60.26
N ILE I 185 -37.11 22.43 -59.76
CA ILE I 185 -36.89 22.55 -58.32
C ILE I 185 -38.14 23.06 -57.63
N PHE I 186 -38.56 24.27 -57.98
CA PHE I 186 -39.62 24.93 -57.24
C PHE I 186 -40.95 24.21 -57.39
N GLU I 187 -41.26 23.75 -58.61
CA GLU I 187 -42.48 22.96 -58.80
C GLU I 187 -42.43 21.67 -58.01
N TYR I 188 -41.24 21.06 -57.91
CA TYR I 188 -41.11 19.83 -57.14
C TYR I 188 -41.38 20.07 -55.67
N LEU I 189 -40.85 21.16 -55.11
CA LEU I 189 -41.13 21.50 -53.72
C LEU I 189 -42.61 21.84 -53.52
N LYS I 190 -43.20 22.58 -54.46
CA LYS I 190 -44.60 22.96 -54.34
C LYS I 190 -45.51 21.74 -54.38
N LYS I 191 -45.19 20.74 -55.19
CA LYS I 191 -46.02 19.55 -55.23
C LYS I 191 -46.08 18.87 -53.87
N HIS I 192 -45.04 19.00 -53.07
CA HIS I 192 -45.03 18.39 -51.73
C HIS I 192 -45.73 19.28 -50.72
N LEU I 193 -45.42 20.58 -50.73
CA LEU I 193 -46.04 21.50 -49.79
C LEU I 193 -47.55 21.56 -49.98
N PHE I 194 -48.02 21.51 -51.23
CA PHE I 194 -49.43 21.62 -51.51
C PHE I 194 -50.20 20.40 -51.04
N LYS I 195 -49.63 19.20 -51.23
CA LYS I 195 -50.32 17.97 -50.89
C LYS I 195 -50.36 17.68 -49.40
N GLY I 196 -49.54 18.39 -48.62
CA GLY I 196 -49.52 18.20 -47.18
C GLY I 196 -48.24 17.53 -46.75
N ALA I 197 -47.56 18.13 -45.78
CA ALA I 197 -46.30 17.57 -45.29
C ALA I 197 -45.91 18.20 -43.97
N TYR I 198 -45.63 17.38 -42.96
CA TYR I 198 -45.12 17.88 -41.69
C TYR I 198 -43.88 18.71 -41.94
N VAL I 199 -43.95 20.01 -41.63
CA VAL I 199 -42.86 20.94 -41.92
C VAL I 199 -42.13 21.28 -40.62
N PHE I 200 -40.82 21.07 -40.62
CA PHE I 200 -39.97 21.41 -39.48
C PHE I 200 -39.23 22.71 -39.79
N TYR I 201 -39.35 23.67 -38.88
CA TYR I 201 -38.69 24.97 -39.03
C TYR I 201 -37.40 24.93 -38.22
N MET I 202 -36.27 24.78 -38.90
CA MET I 202 -34.96 24.83 -38.26
C MET I 202 -34.55 26.30 -38.11
N LEU I 203 -35.18 26.96 -37.14
CA LEU I 203 -35.01 28.40 -37.02
C LEU I 203 -33.59 28.76 -36.59
N SER I 204 -33.08 29.86 -37.14
CA SER I 204 -31.79 30.40 -36.78
C SER I 204 -31.66 31.77 -37.42
N ASP I 205 -30.52 32.42 -37.19
CA ASP I 205 -30.29 33.72 -37.81
C ASP I 205 -30.28 33.63 -39.32
N ASN I 206 -29.77 32.52 -39.88
CA ASN I 206 -29.75 32.36 -41.32
C ASN I 206 -31.13 32.10 -41.90
N TYR I 207 -32.03 31.47 -41.12
CA TYR I 207 -33.38 31.24 -41.62
C TYR I 207 -34.13 32.54 -41.86
N TYR I 208 -33.84 33.57 -41.07
CA TYR I 208 -34.44 34.89 -41.24
C TYR I 208 -33.56 35.82 -42.06
N ASP I 209 -32.58 35.28 -42.78
CA ASP I 209 -31.72 36.06 -43.65
C ASP I 209 -31.80 35.58 -45.09
N SER I 210 -32.71 34.67 -45.40
CA SER I 210 -32.90 34.15 -46.74
C SER I 210 -34.29 34.53 -47.24
N VAL I 211 -34.48 34.42 -48.55
CA VAL I 211 -35.72 34.85 -49.19
C VAL I 211 -36.61 33.66 -49.45
N TYR I 212 -36.01 32.50 -49.72
CA TYR I 212 -36.80 31.30 -50.00
C TYR I 212 -37.40 30.68 -48.76
N CYS I 213 -36.69 30.70 -47.63
CA CYS I 213 -37.21 30.09 -46.41
C CYS I 213 -38.50 30.77 -45.96
N LEU I 214 -38.54 32.10 -46.02
CA LEU I 214 -39.76 32.81 -45.65
C LEU I 214 -40.91 32.48 -46.61
N ASN I 215 -40.60 32.27 -47.89
CA ASN I 215 -41.63 31.85 -48.83
C ASN I 215 -42.17 30.47 -48.50
N GLU I 216 -41.31 29.54 -48.07
CA GLU I 216 -41.84 28.25 -47.62
C GLU I 216 -42.68 28.42 -46.37
N MET I 217 -42.27 29.30 -45.47
CA MET I 217 -43.05 29.58 -44.27
C MET I 217 -44.45 30.07 -44.63
N GLY I 218 -44.54 31.02 -45.55
CA GLY I 218 -45.84 31.48 -46.01
C GLY I 218 -46.65 30.42 -46.73
N ALA I 219 -46.00 29.59 -47.55
CA ALA I 219 -46.70 28.54 -48.26
C ALA I 219 -47.28 27.50 -47.33
N THR I 220 -46.60 27.21 -46.22
CA THR I 220 -47.14 26.28 -45.23
C THR I 220 -48.13 26.95 -44.29
N TRP I 221 -48.04 28.27 -44.10
CA TRP I 221 -49.04 28.98 -43.30
C TRP I 221 -50.38 29.06 -44.02
N VAL I 222 -50.39 29.39 -45.30
CA VAL I 222 -51.65 29.56 -46.02
C VAL I 222 -52.41 28.24 -46.09
N ASN I 223 -51.70 27.16 -46.41
CA ASN I 223 -52.34 25.85 -46.52
C ASN I 223 -52.67 25.24 -45.18
N SER I 224 -52.06 25.71 -44.10
CA SER I 224 -52.29 25.18 -42.75
C SER I 224 -51.78 23.73 -42.64
N ASN I 225 -50.57 23.51 -43.14
CA ASN I 225 -49.94 22.21 -42.99
C ASN I 225 -49.44 22.02 -41.57
N ASN I 226 -49.40 20.77 -41.13
CA ASN I 226 -48.88 20.48 -39.81
C ASN I 226 -47.45 20.96 -39.70
N CYS I 227 -47.12 21.58 -38.57
CA CYS I 227 -45.85 22.27 -38.40
C CYS I 227 -45.19 21.88 -37.10
N SER I 228 -43.90 22.18 -37.00
CA SER I 228 -43.16 21.96 -35.76
C SER I 228 -41.92 22.84 -35.78
N THR I 229 -41.69 23.59 -34.72
CA THR I 229 -40.54 24.47 -34.63
C THR I 229 -39.35 23.73 -34.02
N PHE I 230 -38.15 24.21 -34.32
CA PHE I 230 -36.92 23.63 -33.79
C PHE I 230 -35.87 24.73 -33.74
N ILE I 231 -35.45 25.09 -32.53
CA ILE I 231 -34.41 26.11 -32.36
C ILE I 231 -33.04 25.45 -32.50
N LEU I 232 -32.34 25.76 -33.58
CA LEU I 232 -30.98 25.29 -33.73
C LEU I 232 -30.09 25.98 -32.69
N PRO I 233 -29.04 25.32 -32.22
CA PRO I 233 -28.19 25.93 -31.19
C PRO I 233 -27.67 27.30 -31.58
N GLY I 234 -27.73 28.26 -30.66
CA GLY I 234 -27.20 29.59 -30.88
C GLY I 234 -28.25 30.63 -31.23
N PHE I 235 -29.50 30.24 -31.39
CA PHE I 235 -30.56 31.17 -31.75
C PHE I 235 -31.11 31.82 -30.49
N LYS I 236 -30.68 33.05 -30.22
CA LYS I 236 -31.17 33.84 -29.09
C LYS I 236 -32.10 34.96 -29.53
N GLY I 237 -32.55 34.95 -30.78
CA GLY I 237 -33.39 36.01 -31.30
C GLY I 237 -34.86 35.76 -31.05
N GLU I 238 -35.67 36.55 -31.75
CA GLU I 238 -37.13 36.54 -31.58
C GLU I 238 -37.79 35.90 -32.81
N ILE I 239 -38.78 35.05 -32.55
CA ILE I 239 -39.56 34.46 -33.63
C ILE I 239 -40.40 35.56 -34.29
N LYS I 240 -40.35 35.61 -35.62
CA LYS I 240 -41.09 36.60 -36.40
C LYS I 240 -41.89 35.89 -37.48
N GLY I 241 -42.47 36.68 -38.38
CA GLY I 241 -43.23 36.13 -39.49
C GLY I 241 -44.63 35.70 -39.10
N VAL I 242 -45.21 34.79 -39.86
CA VAL I 242 -46.56 34.32 -39.62
C VAL I 242 -46.58 32.98 -38.90
N ILE I 243 -45.42 32.48 -38.47
CA ILE I 243 -45.38 31.26 -37.68
C ILE I 243 -46.04 31.51 -36.33
N ASP I 244 -46.79 30.53 -35.85
CA ASP I 244 -47.46 30.66 -34.56
C ASP I 244 -46.42 30.96 -33.48
N LYS I 245 -46.46 32.17 -32.93
CA LYS I 245 -45.43 32.62 -32.00
C LYS I 245 -45.70 32.23 -30.57
N ASN I 246 -46.85 31.63 -30.27
CA ASN I 246 -47.18 31.17 -28.93
C ASN I 246 -47.16 29.65 -28.83
N LYS I 247 -46.48 28.99 -29.76
CA LYS I 247 -46.30 27.54 -29.73
C LYS I 247 -44.95 27.22 -29.11
N LYS I 248 -44.93 26.24 -28.20
CA LYS I 248 -43.68 25.84 -27.58
C LYS I 248 -42.81 25.11 -28.58
N ALA I 249 -41.54 25.46 -28.62
CA ALA I 249 -40.60 24.94 -29.61
C ALA I 249 -39.63 23.96 -28.98
N PHE I 250 -39.14 23.03 -29.79
CA PHE I 250 -38.22 21.98 -29.34
C PHE I 250 -36.79 22.49 -29.46
N SER I 251 -36.11 22.64 -28.32
CA SER I 251 -34.68 22.90 -28.33
C SER I 251 -33.92 21.58 -28.47
N LEU I 252 -32.64 21.69 -28.87
CA LEU I 252 -31.75 20.53 -28.94
C LEU I 252 -30.41 20.92 -28.32
N GLU I 253 -30.34 20.84 -26.99
CA GLU I 253 -29.08 21.12 -26.29
C GLU I 253 -28.74 20.06 -25.25
N GLU I 254 -29.76 19.53 -24.58
CA GLU I 254 -29.56 18.71 -23.38
C GLU I 254 -30.31 17.39 -23.48
N PRO I 255 -29.93 16.41 -22.65
CA PRO I 255 -30.52 15.07 -22.79
C PRO I 255 -32.04 15.05 -22.73
N ILE I 256 -32.64 15.89 -21.90
CA ILE I 256 -34.11 15.89 -21.81
C ILE I 256 -34.73 16.36 -23.11
N ASP I 257 -34.11 17.34 -23.79
CA ASP I 257 -34.65 17.78 -25.07
C ASP I 257 -34.63 16.67 -26.11
N LEU I 258 -33.51 15.94 -26.20
CA LEU I 258 -33.43 14.83 -27.14
C LEU I 258 -34.39 13.70 -26.77
N PHE I 259 -34.60 13.47 -25.47
CA PHE I 259 -35.60 12.49 -25.06
C PHE I 259 -36.99 12.90 -25.50
N ASN I 260 -37.33 14.18 -25.35
CA ASN I 260 -38.63 14.66 -25.79
C ASN I 260 -38.78 14.53 -27.30
N LEU I 261 -37.73 14.86 -28.05
CA LEU I 261 -37.78 14.72 -29.51
C LEU I 261 -37.98 13.27 -29.91
N LYS I 262 -37.24 12.35 -29.27
CA LYS I 262 -37.38 10.93 -29.56
C LYS I 262 -38.79 10.46 -29.28
N GLU I 263 -39.37 10.87 -28.14
CA GLU I 263 -40.73 10.47 -27.83
C GLU I 263 -41.71 11.03 -28.85
N LYS I 264 -41.49 12.28 -29.29
CA LYS I 264 -42.36 12.87 -30.31
C LYS I 264 -42.33 12.04 -31.59
N ILE I 265 -41.13 11.69 -32.06
CA ILE I 265 -41.03 10.95 -33.32
C ILE I 265 -41.64 9.56 -33.17
N LEU I 266 -41.40 8.90 -32.04
CA LEU I 266 -41.97 7.58 -31.82
C LEU I 266 -43.50 7.65 -31.80
N ARG I 267 -44.05 8.69 -31.18
CA ARG I 267 -45.50 8.89 -31.22
C ARG I 267 -45.98 9.11 -32.65
N MET I 268 -45.23 9.91 -33.42
CA MET I 268 -45.61 10.18 -34.80
C MET I 268 -45.72 8.91 -35.61
N TYR I 269 -44.61 8.19 -35.77
CA TYR I 269 -44.54 7.08 -36.71
C TYR I 269 -44.84 5.73 -36.10
N ASP I 270 -45.20 5.67 -34.82
CA ASP I 270 -45.58 4.42 -34.16
C ASP I 270 -44.44 3.39 -34.28
N LEU I 271 -43.33 3.74 -33.66
CA LEU I 271 -42.14 2.91 -33.62
C LEU I 271 -41.80 2.55 -32.18
N THR I 272 -40.80 1.70 -32.01
CA THR I 272 -40.30 1.32 -30.70
C THR I 272 -38.78 1.36 -30.74
N LEU I 273 -38.17 1.86 -29.67
CA LEU I 273 -36.73 1.98 -29.56
C LEU I 273 -36.30 1.55 -28.16
N GLU I 274 -35.21 0.79 -28.09
CA GLU I 274 -34.70 0.28 -26.83
C GLU I 274 -33.60 1.20 -26.30
N ASP I 275 -33.39 1.11 -24.98
CA ASP I 275 -32.46 2.03 -24.32
C ASP I 275 -31.05 1.90 -24.88
N LYS I 276 -30.55 0.67 -24.94
CA LYS I 276 -29.16 0.45 -25.35
C LYS I 276 -28.87 1.07 -26.71
N LYS I 277 -29.88 1.15 -27.58
CA LYS I 277 -29.71 1.83 -28.86
C LYS I 277 -29.71 3.34 -28.69
N TRP I 278 -30.55 3.86 -27.79
CA TRP I 278 -30.63 5.30 -27.60
C TRP I 278 -29.33 5.86 -27.04
N GLU I 279 -28.72 5.14 -26.09
CA GLU I 279 -27.45 5.62 -25.52
C GLU I 279 -26.34 5.69 -26.56
N ARG I 280 -26.50 5.04 -27.71
CA ARG I 280 -25.54 5.12 -28.80
C ARG I 280 -25.92 6.19 -29.82
N ILE I 281 -27.20 6.26 -30.17
CA ILE I 281 -27.67 7.27 -31.12
C ILE I 281 -27.41 8.67 -30.57
N LYS I 282 -27.73 8.87 -29.29
CA LYS I 282 -27.48 10.18 -28.69
C LYS I 282 -26.00 10.53 -28.72
N ALA I 283 -25.14 9.56 -28.40
CA ALA I 283 -23.71 9.81 -28.43
C ALA I 283 -23.25 10.21 -29.84
N LYS I 284 -23.78 9.52 -30.85
CA LYS I 284 -23.49 9.92 -32.23
C LYS I 284 -23.88 11.37 -32.47
N PHE I 285 -25.08 11.75 -32.01
CA PHE I 285 -25.54 13.11 -32.25
C PHE I 285 -24.61 14.14 -31.62
N ASN I 286 -24.30 13.98 -30.33
CA ASN I 286 -23.42 14.96 -29.68
C ASN I 286 -22.03 14.99 -30.31
N THR I 287 -21.48 13.81 -30.66
CA THR I 287 -20.14 13.84 -31.25
C THR I 287 -20.16 14.51 -32.62
N LYS I 288 -21.23 14.36 -33.39
CA LYS I 288 -21.35 15.10 -34.64
C LYS I 288 -21.43 16.60 -34.38
N LEU I 289 -22.29 17.02 -33.44
CA LEU I 289 -22.48 18.44 -33.21
C LEU I 289 -21.22 19.09 -32.65
N LYS I 290 -20.45 18.37 -31.86
CA LYS I 290 -19.22 18.92 -31.27
C LYS I 290 -18.26 19.39 -32.36
N GLU J 135 -22.75 -23.90 -30.96
CA GLU J 135 -23.57 -22.96 -30.15
C GLU J 135 -23.45 -21.53 -30.65
N LEU J 136 -22.22 -21.12 -30.96
CA LEU J 136 -21.92 -19.76 -31.41
C LEU J 136 -21.37 -19.78 -32.84
N GLU J 137 -21.97 -20.59 -33.71
CA GLU J 137 -21.52 -20.66 -35.09
C GLU J 137 -21.94 -19.44 -35.91
N LYS J 138 -22.94 -18.68 -35.44
CA LYS J 138 -23.48 -17.55 -36.18
C LYS J 138 -22.95 -16.21 -35.68
N LYS J 139 -21.94 -16.22 -34.82
CA LYS J 139 -21.31 -15.00 -34.34
C LYS J 139 -20.03 -14.73 -35.11
N ILE J 140 -19.54 -13.50 -35.00
CA ILE J 140 -18.32 -13.06 -35.66
C ILE J 140 -17.34 -12.62 -34.60
N PHE J 141 -16.14 -13.20 -34.62
CA PHE J 141 -15.04 -12.77 -33.76
C PHE J 141 -14.03 -12.03 -34.63
N ILE J 142 -13.69 -10.81 -34.22
CA ILE J 142 -12.84 -9.95 -35.04
C ILE J 142 -11.48 -9.80 -34.38
N SER J 143 -10.53 -10.63 -34.80
CA SER J 143 -9.17 -10.52 -34.30
C SER J 143 -8.49 -9.31 -34.95
N HIS J 144 -7.82 -8.50 -34.13
CA HIS J 144 -7.19 -7.28 -34.63
C HIS J 144 -6.18 -6.79 -33.61
N SER J 145 -5.38 -5.83 -34.05
CA SER J 145 -4.49 -5.10 -33.15
C SER J 145 -5.17 -3.80 -32.71
N SER J 146 -4.73 -3.28 -31.58
CA SER J 146 -5.34 -2.07 -31.02
C SER J 146 -4.86 -0.79 -31.69
N LYS J 147 -3.85 -0.88 -32.56
CA LYS J 147 -3.35 0.29 -33.28
C LYS J 147 -4.05 0.50 -34.61
N ASP J 148 -4.91 -0.41 -35.03
CA ASP J 148 -5.68 -0.31 -36.26
C ASP J 148 -7.17 -0.22 -35.97
N LYS J 149 -7.53 0.58 -34.96
CA LYS J 149 -8.91 0.63 -34.51
C LYS J 149 -9.80 1.43 -35.45
N ILE J 150 -9.26 2.41 -36.16
CA ILE J 150 -10.09 3.23 -37.05
C ILE J 150 -10.64 2.39 -38.20
N VAL J 151 -9.76 1.66 -38.88
CA VAL J 151 -10.18 0.87 -40.03
C VAL J 151 -11.14 -0.24 -39.59
N CYS J 152 -10.86 -0.87 -38.45
CA CYS J 152 -11.73 -1.92 -37.96
C CYS J 152 -13.09 -1.36 -37.54
N ASN J 153 -13.11 -0.15 -36.98
CA ASN J 153 -14.37 0.50 -36.65
C ASN J 153 -15.19 0.75 -37.91
N ALA J 154 -14.54 1.26 -38.96
CA ALA J 154 -15.24 1.47 -40.23
C ALA J 154 -15.77 0.16 -40.79
N PHE J 155 -14.96 -0.90 -40.73
CA PHE J 155 -15.37 -2.19 -41.24
C PHE J 155 -16.56 -2.76 -40.46
N VAL J 156 -16.55 -2.62 -39.14
CA VAL J 156 -17.66 -3.09 -38.33
C VAL J 156 -18.93 -2.28 -38.59
N GLU J 157 -18.78 -0.96 -38.76
CA GLU J 157 -19.94 -0.14 -39.09
C GLU J 157 -20.52 -0.56 -40.43
N LEU J 158 -19.66 -0.86 -41.41
CA LEU J 158 -20.14 -1.38 -42.69
C LEU J 158 -20.87 -2.71 -42.50
N LEU J 159 -20.33 -3.57 -41.63
CA LEU J 159 -20.98 -4.85 -41.38
C LEU J 159 -22.39 -4.65 -40.82
N GLU J 160 -22.54 -3.73 -39.88
CA GLU J 160 -23.88 -3.44 -39.36
C GLU J 160 -24.77 -2.83 -40.45
N ASP J 161 -24.20 -1.95 -41.28
CA ASP J 161 -24.98 -1.30 -42.32
C ASP J 161 -25.57 -2.32 -43.30
N ILE J 162 -24.76 -3.31 -43.69
CA ILE J 162 -25.24 -4.31 -44.64
C ILE J 162 -26.46 -5.05 -44.07
N GLY J 163 -26.52 -5.21 -42.75
CA GLY J 163 -27.65 -5.87 -42.14
C GLY J 163 -27.29 -6.79 -40.98
N VAL J 164 -26.00 -6.91 -40.67
CA VAL J 164 -25.58 -7.77 -39.58
C VAL J 164 -26.04 -7.18 -38.26
N SER J 165 -26.68 -8.01 -37.43
CA SER J 165 -27.13 -7.55 -36.13
C SER J 165 -25.95 -7.14 -35.27
N SER J 166 -26.15 -6.07 -34.48
CA SER J 166 -25.06 -5.53 -33.67
C SER J 166 -24.69 -6.44 -32.50
N GLU J 167 -25.47 -7.47 -32.21
CA GLU J 167 -25.20 -8.37 -31.10
C GLU J 167 -24.45 -9.63 -31.55
N ASP J 168 -23.94 -9.65 -32.78
CA ASP J 168 -23.16 -10.78 -33.27
C ASP J 168 -21.69 -10.46 -33.47
N ILE J 169 -21.33 -9.19 -33.64
CA ILE J 169 -19.95 -8.78 -33.83
C ILE J 169 -19.29 -8.66 -32.46
N ILE J 170 -18.18 -9.36 -32.26
CA ILE J 170 -17.41 -9.26 -31.02
C ILE J 170 -16.14 -8.47 -31.31
N TYR J 171 -16.20 -7.16 -31.10
CA TYR J 171 -15.11 -6.24 -31.41
C TYR J 171 -14.72 -5.57 -30.10
N THR J 172 -13.68 -6.09 -29.45
CA THR J 172 -13.36 -5.72 -28.07
C THR J 172 -12.78 -4.31 -27.95
N SER J 173 -12.64 -3.56 -29.04
CA SER J 173 -12.17 -2.18 -28.99
C SER J 173 -13.31 -1.18 -29.08
N SER J 174 -14.56 -1.64 -29.02
CA SER J 174 -15.73 -0.77 -29.06
C SER J 174 -16.56 -0.98 -27.81
N PRO J 175 -17.02 0.08 -27.14
CA PRO J 175 -17.83 -0.12 -25.92
C PRO J 175 -19.11 -0.89 -26.17
N TYR J 176 -19.65 -0.86 -27.38
CA TYR J 176 -20.94 -1.48 -27.66
C TYR J 176 -20.82 -2.94 -28.08
N HIS J 177 -19.62 -3.46 -28.25
CA HIS J 177 -19.40 -4.86 -28.57
C HIS J 177 -18.39 -5.54 -27.65
N GLY J 178 -17.80 -4.82 -26.71
CA GLY J 178 -16.71 -5.32 -25.91
C GLY J 178 -17.14 -6.22 -24.78
N ILE J 179 -16.23 -6.46 -23.86
CA ILE J 179 -16.45 -7.37 -22.74
C ILE J 179 -17.33 -6.68 -21.70
N PRO J 180 -18.41 -7.31 -21.22
CA PRO J 180 -19.20 -6.69 -20.17
C PRO J 180 -18.37 -6.45 -18.92
N GLY J 181 -18.73 -5.40 -18.18
CA GLY J 181 -18.00 -5.08 -16.97
C GLY J 181 -18.11 -6.19 -15.94
N ASP J 182 -17.12 -6.24 -15.05
CA ASP J 182 -17.05 -7.26 -14.00
C ASP J 182 -17.02 -8.66 -14.59
N GLU J 183 -16.23 -8.83 -15.66
CA GLU J 183 -16.04 -10.13 -16.30
C GLU J 183 -14.56 -10.34 -16.55
N ASP J 184 -14.15 -11.61 -16.58
CA ASP J 184 -12.77 -11.93 -16.88
C ASP J 184 -12.48 -11.65 -18.35
N ILE J 185 -11.43 -10.87 -18.61
CA ILE J 185 -11.14 -10.44 -19.97
C ILE J 185 -10.84 -11.64 -20.86
N PHE J 186 -10.02 -12.57 -20.37
CA PHE J 186 -9.53 -13.65 -21.23
C PHE J 186 -10.47 -14.84 -21.26
N GLU J 187 -11.12 -15.18 -20.14
CA GLU J 187 -12.02 -16.32 -20.15
C GLU J 187 -13.22 -16.09 -21.04
N TYR J 188 -13.66 -14.84 -21.18
CA TYR J 188 -14.78 -14.51 -22.06
C TYR J 188 -14.45 -14.86 -23.51
N LEU J 189 -13.32 -14.35 -24.00
CA LEU J 189 -12.87 -14.69 -25.35
C LEU J 189 -12.59 -16.19 -25.48
N LYS J 190 -12.05 -16.80 -24.42
CA LYS J 190 -11.77 -18.23 -24.48
C LYS J 190 -13.06 -19.03 -24.70
N LYS J 191 -14.12 -18.70 -23.96
CA LYS J 191 -15.39 -19.38 -24.15
C LYS J 191 -15.94 -19.13 -25.55
N HIS J 192 -15.88 -17.88 -26.02
CA HIS J 192 -16.42 -17.58 -27.34
C HIS J 192 -15.69 -18.37 -28.42
N LEU J 193 -14.35 -18.40 -28.36
CA LEU J 193 -13.59 -19.15 -29.35
C LEU J 193 -13.85 -20.65 -29.24
N PHE J 194 -13.87 -21.18 -28.02
CA PHE J 194 -14.10 -22.60 -27.81
C PHE J 194 -15.48 -23.04 -28.28
N LYS J 195 -16.44 -22.12 -28.35
CA LYS J 195 -17.79 -22.47 -28.78
C LYS J 195 -17.97 -22.38 -30.30
N GLY J 196 -16.95 -21.94 -31.03
CA GLY J 196 -16.98 -21.99 -32.48
C GLY J 196 -17.45 -20.72 -33.16
N ALA J 197 -16.84 -19.59 -32.83
CA ALA J 197 -17.21 -18.32 -33.44
C ALA J 197 -16.46 -18.13 -34.76
N TYR J 198 -17.18 -17.72 -35.80
CA TYR J 198 -16.56 -17.34 -37.05
C TYR J 198 -15.54 -16.23 -36.80
N VAL J 199 -14.34 -16.39 -37.35
CA VAL J 199 -13.22 -15.52 -37.04
C VAL J 199 -12.74 -14.83 -38.32
N PHE J 200 -12.52 -13.51 -38.22
CA PHE J 200 -11.90 -12.74 -39.28
C PHE J 200 -10.54 -12.26 -38.80
N TYR J 201 -9.52 -12.42 -39.64
CA TYR J 201 -8.16 -11.99 -39.33
C TYR J 201 -7.90 -10.66 -40.04
N MET J 202 -7.91 -9.57 -39.27
CA MET J 202 -7.50 -8.26 -39.77
C MET J 202 -5.98 -8.20 -39.89
N LEU J 203 -5.45 -8.91 -40.88
CA LEU J 203 -4.00 -9.06 -40.99
C LEU J 203 -3.36 -7.74 -41.37
N SER J 204 -2.26 -7.40 -40.70
CA SER J 204 -1.54 -6.17 -40.96
C SER J 204 -0.17 -6.26 -40.29
N ASP J 205 0.58 -5.15 -40.35
CA ASP J 205 1.91 -5.14 -39.76
C ASP J 205 1.85 -5.16 -38.25
N ASN J 206 0.84 -4.54 -37.65
CA ASN J 206 0.67 -4.54 -36.21
C ASN J 206 0.02 -5.82 -35.69
N TYR J 207 -0.50 -6.66 -36.58
CA TYR J 207 -1.08 -7.94 -36.16
C TYR J 207 -0.02 -8.99 -35.86
N TYR J 208 1.22 -8.77 -36.30
CA TYR J 208 2.31 -9.70 -36.03
C TYR J 208 3.27 -9.18 -34.98
N ASP J 209 2.99 -8.02 -34.38
CA ASP J 209 3.74 -7.52 -33.25
C ASP J 209 2.99 -7.68 -31.93
N SER J 210 1.82 -8.31 -31.96
CA SER J 210 0.97 -8.47 -30.79
C SER J 210 0.91 -9.95 -30.42
N VAL J 211 1.27 -10.26 -29.18
CA VAL J 211 1.25 -11.65 -28.74
C VAL J 211 -0.17 -12.20 -28.71
N TYR J 212 -1.11 -11.43 -28.17
CA TYR J 212 -2.46 -11.93 -27.97
C TYR J 212 -3.12 -12.33 -29.28
N CYS J 213 -2.91 -11.54 -30.33
CA CYS J 213 -3.45 -11.89 -31.64
C CYS J 213 -2.90 -13.22 -32.15
N LEU J 214 -1.59 -13.43 -31.99
CA LEU J 214 -0.98 -14.70 -32.38
C LEU J 214 -1.48 -15.87 -31.54
N ASN J 215 -1.89 -15.62 -30.29
CA ASN J 215 -2.56 -16.67 -29.51
C ASN J 215 -3.97 -16.95 -29.98
N GLU J 216 -4.74 -15.93 -30.36
CA GLU J 216 -6.06 -16.20 -30.94
C GLU J 216 -5.92 -16.99 -32.24
N MET J 217 -4.89 -16.68 -33.03
CA MET J 217 -4.67 -17.44 -34.26
C MET J 217 -4.44 -18.92 -33.96
N GLY J 218 -3.61 -19.23 -32.96
CA GLY J 218 -3.38 -20.61 -32.59
C GLY J 218 -4.64 -21.28 -32.06
N ALA J 219 -5.41 -20.55 -31.26
CA ALA J 219 -6.67 -21.10 -30.75
C ALA J 219 -7.60 -21.48 -31.89
N THR J 220 -7.77 -20.58 -32.86
CA THR J 220 -8.61 -20.88 -34.02
C THR J 220 -8.06 -22.06 -34.81
N TRP J 221 -6.74 -22.10 -34.99
CA TRP J 221 -6.13 -23.18 -35.77
C TRP J 221 -6.40 -24.52 -35.13
N VAL J 222 -6.19 -24.63 -33.81
CA VAL J 222 -6.35 -25.91 -33.14
C VAL J 222 -7.83 -26.30 -33.07
N ASN J 223 -8.71 -25.33 -32.80
CA ASN J 223 -10.13 -25.64 -32.71
C ASN J 223 -10.77 -25.87 -34.07
N SER J 224 -10.15 -25.42 -35.16
CA SER J 224 -10.69 -25.59 -36.50
C SER J 224 -11.94 -24.74 -36.70
N ASN J 225 -11.95 -23.55 -36.12
CA ASN J 225 -13.05 -22.62 -36.33
C ASN J 225 -13.04 -22.11 -37.77
N ASN J 226 -14.22 -21.78 -38.27
CA ASN J 226 -14.31 -21.17 -39.60
C ASN J 226 -13.57 -19.85 -39.60
N CYS J 227 -12.80 -19.61 -40.65
CA CYS J 227 -11.88 -18.48 -40.71
C CYS J 227 -12.05 -17.72 -42.01
N SER J 228 -11.66 -16.44 -41.97
CA SER J 228 -11.59 -15.63 -43.18
C SER J 228 -10.53 -14.57 -42.97
N THR J 229 -9.69 -14.36 -43.97
CA THR J 229 -8.60 -13.39 -43.92
C THR J 229 -9.07 -12.06 -44.50
N PHE J 230 -8.48 -10.97 -44.02
CA PHE J 230 -8.79 -9.63 -44.50
C PHE J 230 -7.50 -8.83 -44.45
N ILE J 231 -7.01 -8.42 -45.62
CA ILE J 231 -5.77 -7.68 -45.70
C ILE J 231 -6.07 -6.20 -45.56
N LEU J 232 -5.70 -5.62 -44.42
CA LEU J 232 -5.93 -4.20 -44.21
C LEU J 232 -5.05 -3.39 -45.17
N PRO J 233 -5.49 -2.18 -45.54
CA PRO J 233 -4.69 -1.38 -46.47
C PRO J 233 -3.29 -1.14 -45.94
N GLY J 234 -2.30 -1.21 -46.83
CA GLY J 234 -0.93 -0.96 -46.50
C GLY J 234 -0.12 -2.20 -46.16
N PHE J 235 -0.77 -3.36 -46.00
CA PHE J 235 -0.07 -4.59 -45.66
C PHE J 235 0.37 -5.26 -46.95
N LYS J 236 1.69 -5.34 -47.15
CA LYS J 236 2.29 -5.94 -48.34
C LYS J 236 3.38 -6.91 -47.89
N GLY J 237 3.08 -7.73 -46.90
CA GLY J 237 4.03 -8.67 -46.35
C GLY J 237 3.61 -10.12 -46.52
N GLU J 238 4.31 -11.02 -45.85
CA GLU J 238 4.04 -12.45 -45.96
C GLU J 238 3.08 -12.89 -44.88
N ILE J 239 2.21 -13.84 -45.22
CA ILE J 239 1.25 -14.40 -44.27
C ILE J 239 1.92 -15.55 -43.54
N LYS J 240 2.46 -15.28 -42.36
CA LYS J 240 3.08 -16.31 -41.55
C LYS J 240 2.05 -16.93 -40.61
N GLY J 241 2.53 -17.76 -39.68
CA GLY J 241 1.67 -18.36 -38.69
C GLY J 241 1.25 -19.77 -39.03
N VAL J 242 0.06 -20.17 -38.60
CA VAL J 242 -0.45 -21.51 -38.83
C VAL J 242 -1.81 -21.42 -39.53
N ILE J 243 -2.06 -20.33 -40.23
CA ILE J 243 -3.28 -20.14 -41.01
C ILE J 243 -2.96 -20.45 -42.46
N ASP J 244 -3.95 -21.01 -43.18
CA ASP J 244 -3.76 -21.39 -44.56
C ASP J 244 -3.13 -20.27 -45.36
N LYS J 245 -1.91 -20.48 -45.85
CA LYS J 245 -1.26 -19.48 -46.70
C LYS J 245 -1.69 -19.61 -48.16
N ASN J 246 -2.37 -20.68 -48.53
CA ASN J 246 -2.87 -20.87 -49.88
C ASN J 246 -4.34 -20.47 -50.02
N LYS J 247 -4.96 -19.99 -48.96
CA LYS J 247 -6.33 -19.49 -49.04
C LYS J 247 -6.33 -18.04 -49.50
N LYS J 248 -7.21 -17.72 -50.43
CA LYS J 248 -7.24 -16.37 -50.99
C LYS J 248 -7.84 -15.40 -49.99
N ALA J 249 -7.19 -14.25 -49.81
CA ALA J 249 -7.61 -13.24 -48.86
C ALA J 249 -8.62 -12.28 -49.49
N PHE J 250 -9.15 -11.39 -48.65
CA PHE J 250 -10.11 -10.37 -49.07
C PHE J 250 -9.45 -9.01 -48.94
N SER J 251 -9.49 -8.23 -50.02
CA SER J 251 -8.97 -6.87 -49.98
C SER J 251 -10.10 -5.89 -49.70
N LEU J 252 -9.73 -4.66 -49.33
CA LEU J 252 -10.68 -3.61 -48.99
C LEU J 252 -10.23 -2.27 -49.57
N GLU J 253 -9.78 -2.26 -50.82
CA GLU J 253 -9.19 -1.07 -51.41
C GLU J 253 -9.80 -0.62 -52.73
N GLU J 254 -10.67 -1.41 -53.35
CA GLU J 254 -11.28 -1.04 -54.62
C GLU J 254 -12.74 -1.49 -54.63
N PRO J 255 -13.56 -0.88 -55.50
CA PRO J 255 -14.99 -1.20 -55.49
C PRO J 255 -15.31 -2.68 -55.65
N ILE J 256 -14.54 -3.40 -56.46
CA ILE J 256 -14.81 -4.82 -56.65
C ILE J 256 -14.58 -5.59 -55.36
N ASP J 257 -13.57 -5.21 -54.57
CA ASP J 257 -13.34 -5.88 -53.30
C ASP J 257 -14.51 -5.70 -52.35
N LEU J 258 -15.03 -4.47 -52.23
CA LEU J 258 -16.20 -4.23 -51.39
C LEU J 258 -17.43 -4.96 -51.91
N PHE J 259 -17.60 -5.02 -53.23
CA PHE J 259 -18.71 -5.79 -53.78
C PHE J 259 -18.61 -7.26 -53.42
N ASN J 260 -17.40 -7.83 -53.52
CA ASN J 260 -17.22 -9.23 -53.16
C ASN J 260 -17.50 -9.46 -51.68
N LEU J 261 -17.01 -8.56 -50.83
CA LEU J 261 -17.28 -8.68 -49.39
C LEU J 261 -18.77 -8.60 -49.10
N LYS J 262 -19.47 -7.65 -49.75
CA LYS J 262 -20.90 -7.51 -49.54
C LYS J 262 -21.65 -8.77 -49.96
N GLU J 263 -21.30 -9.32 -51.12
CA GLU J 263 -21.94 -10.55 -51.57
C GLU J 263 -21.65 -11.70 -50.61
N LYS J 264 -20.42 -11.79 -50.13
CA LYS J 264 -20.07 -12.83 -49.17
C LYS J 264 -20.95 -12.74 -47.93
N ILE J 265 -21.05 -11.54 -47.35
CA ILE J 265 -21.83 -11.39 -46.11
C ILE J 265 -23.30 -11.68 -46.37
N LEU J 266 -23.84 -11.17 -47.48
CA LEU J 266 -25.25 -11.40 -47.78
C LEU J 266 -25.54 -12.89 -47.93
N ARG J 267 -24.65 -13.62 -48.60
CA ARG J 267 -24.83 -15.07 -48.72
C ARG J 267 -24.67 -15.75 -47.37
N MET J 268 -23.77 -15.24 -46.52
CA MET J 268 -23.54 -15.85 -45.22
C MET J 268 -24.78 -15.76 -44.34
N TYR J 269 -25.35 -14.57 -44.19
CA TYR J 269 -26.46 -14.35 -43.28
C TYR J 269 -27.82 -14.36 -43.97
N ASP J 270 -27.88 -14.62 -45.27
CA ASP J 270 -29.13 -14.65 -46.01
C ASP J 270 -29.88 -13.32 -45.84
N LEU J 271 -29.26 -12.27 -46.35
CA LEU J 271 -29.78 -10.91 -46.27
C LEU J 271 -30.16 -10.43 -47.67
N THR J 272 -30.59 -9.17 -47.74
CA THR J 272 -30.92 -8.53 -49.00
C THR J 272 -30.55 -7.06 -48.90
N LEU J 273 -30.06 -6.51 -50.01
CA LEU J 273 -29.65 -5.11 -50.05
C LEU J 273 -29.99 -4.54 -51.41
N GLU J 274 -30.16 -3.21 -51.45
CA GLU J 274 -30.51 -2.48 -52.66
C GLU J 274 -29.37 -1.56 -53.06
N ASP J 275 -29.23 -1.35 -54.36
CA ASP J 275 -28.09 -0.58 -54.86
C ASP J 275 -28.13 0.87 -54.40
N LYS J 276 -29.33 1.44 -54.31
CA LYS J 276 -29.45 2.82 -53.86
C LYS J 276 -28.88 3.00 -52.46
N LYS J 277 -29.06 1.99 -51.60
CA LYS J 277 -28.44 2.01 -50.28
C LYS J 277 -26.96 1.67 -50.36
N TRP J 278 -26.59 0.78 -51.29
CA TRP J 278 -25.21 0.33 -51.40
C TRP J 278 -24.28 1.49 -51.76
N GLU J 279 -24.74 2.38 -52.65
CA GLU J 279 -23.90 3.52 -53.00
C GLU J 279 -23.61 4.40 -51.79
N ARG J 280 -24.63 4.66 -50.98
CA ARG J 280 -24.43 5.46 -49.78
C ARG J 280 -23.51 4.76 -48.80
N ILE J 281 -23.69 3.45 -48.62
CA ILE J 281 -22.84 2.71 -47.68
C ILE J 281 -21.38 2.76 -48.14
N LYS J 282 -21.14 2.54 -49.43
CA LYS J 282 -19.78 2.57 -49.94
C LYS J 282 -19.16 3.95 -49.80
N ALA J 283 -19.95 5.00 -50.08
CA ALA J 283 -19.44 6.36 -49.90
C ALA J 283 -19.09 6.63 -48.44
N LYS J 284 -19.94 6.17 -47.52
CA LYS J 284 -19.67 6.33 -46.09
C LYS J 284 -18.36 5.65 -45.71
N PHE J 285 -18.18 4.41 -46.17
CA PHE J 285 -16.96 3.68 -45.84
C PHE J 285 -15.73 4.40 -46.39
N ASN J 286 -15.80 4.84 -47.65
CA ASN J 286 -14.66 5.52 -48.26
C ASN J 286 -14.34 6.81 -47.52
N THR J 287 -15.37 7.57 -47.13
CA THR J 287 -15.13 8.79 -46.37
C THR J 287 -14.49 8.48 -45.02
N LYS J 288 -14.96 7.42 -44.35
CA LYS J 288 -14.39 7.05 -43.06
C LYS J 288 -12.91 6.70 -43.20
N LEU J 289 -12.57 5.90 -44.21
CA LEU J 289 -11.17 5.53 -44.40
C LEU J 289 -10.32 6.73 -44.81
N LYS J 290 -10.89 7.66 -45.56
CA LYS J 290 -10.14 8.83 -46.03
C LYS J 290 -9.50 9.58 -44.87
#